data_7SDS
# 
_entry.id   7SDS 
# 
_audit_conform.dict_name       mmcif_pdbx.dic 
_audit_conform.dict_version    5.392 
_audit_conform.dict_location   http://mmcif.pdb.org/dictionaries/ascii/mmcif_pdbx.dic 
# 
loop_
_database_2.database_id 
_database_2.database_code 
_database_2.pdbx_database_accession 
_database_2.pdbx_DOI 
PDB   7SDS         pdb_00007sds 10.2210/pdb7sds/pdb 
WWPDB D_1000259424 ?            ?                   
# 
loop_
_pdbx_audit_revision_history.ordinal 
_pdbx_audit_revision_history.data_content_type 
_pdbx_audit_revision_history.major_revision 
_pdbx_audit_revision_history.minor_revision 
_pdbx_audit_revision_history.revision_date 
1 'Structure model' 1 0 2022-10-05 
2 'Structure model' 1 1 2023-04-19 
3 'Structure model' 1 2 2024-05-22 
# 
_pdbx_audit_revision_details.ordinal             1 
_pdbx_audit_revision_details.revision_ordinal    1 
_pdbx_audit_revision_details.data_content_type   'Structure model' 
_pdbx_audit_revision_details.provider            repository 
_pdbx_audit_revision_details.type                'Initial release' 
_pdbx_audit_revision_details.description         ? 
_pdbx_audit_revision_details.details             ? 
# 
loop_
_pdbx_audit_revision_group.ordinal 
_pdbx_audit_revision_group.revision_ordinal 
_pdbx_audit_revision_group.data_content_type 
_pdbx_audit_revision_group.group 
1 2 'Structure model' 'Database references' 
2 3 'Structure model' 'Data collection'     
# 
loop_
_pdbx_audit_revision_category.ordinal 
_pdbx_audit_revision_category.revision_ordinal 
_pdbx_audit_revision_category.data_content_type 
_pdbx_audit_revision_category.category 
1 2 'Structure model' citation        
2 2 'Structure model' citation_author 
3 3 'Structure model' chem_comp_atom  
4 3 'Structure model' chem_comp_bond  
# 
loop_
_pdbx_audit_revision_item.ordinal 
_pdbx_audit_revision_item.revision_ordinal 
_pdbx_audit_revision_item.data_content_type 
_pdbx_audit_revision_item.item 
1 2 'Structure model' '_citation.journal_abbrev'          
2 2 'Structure model' '_citation.journal_id_CSD'          
3 2 'Structure model' '_citation.journal_id_ISSN'         
4 2 'Structure model' '_citation.page_first'              
5 2 'Structure model' '_citation.page_last'               
6 2 'Structure model' '_citation.pdbx_database_id_DOI'    
7 2 'Structure model' '_citation.pdbx_database_id_PubMed' 
8 2 'Structure model' '_citation.title'                   
9 2 'Structure model' '_citation.year'                    
# 
_pdbx_database_status.status_code                     REL 
_pdbx_database_status.status_code_sf                  REL 
_pdbx_database_status.status_code_mr                  ? 
_pdbx_database_status.entry_id                        7SDS 
_pdbx_database_status.recvd_initial_deposition_date   2021-09-29 
_pdbx_database_status.SG_entry                        N 
_pdbx_database_status.deposit_site                    RCSB 
_pdbx_database_status.process_site                    RCSB 
_pdbx_database_status.status_code_cs                  ? 
_pdbx_database_status.status_code_nmr_data            ? 
_pdbx_database_status.methods_development_category    ? 
_pdbx_database_status.pdb_format_compatible           Y 
# 
_pdbx_database_related.db_name        PDB 
_pdbx_database_related.details        'Contains a different base pair in the same motif.' 
_pdbx_database_related.db_id          7SD6 
_pdbx_database_related.content_type   unspecified 
# 
_pdbx_contact_author.id                 3 
_pdbx_contact_author.email              ncs01@nyu.edu 
_pdbx_contact_author.name_first         Nadrian 
_pdbx_contact_author.name_last          Seeman 
_pdbx_contact_author.name_mi            ? 
_pdbx_contact_author.role               'principal investigator/group leader' 
_pdbx_contact_author.identifier_ORCID   0000-0002-9680-4649 
# 
loop_
_audit_author.name 
_audit_author.pdbx_ordinal 
_audit_author.identifier_ORCID 
'Lu, B.'        1 0000-0001-6424-2197 
'Vecchioni, S.' 2 0000-0001-8243-650X 
'Seeman, N.C.'  3 0000-0002-9680-4649 
'Sha, R.'       4 0000-0002-0807-734X 
'Ohayon, Y.P.'  5 0000-0001-7500-4282 
# 
_citation.abstract                  ? 
_citation.abstract_id_CAS           ? 
_citation.book_id_ISBN              ? 
_citation.book_publisher            ? 
_citation.book_publisher_city       ? 
_citation.book_title                ? 
_citation.coordinate_linkage        ? 
_citation.country                   ? 
_citation.database_id_Medline       ? 
_citation.details                   ? 
_citation.id                        primary 
_citation.journal_abbrev            'Adv Mater' 
_citation.journal_id_ASTM           ? 
_citation.journal_id_CSD            ? 
_citation.journal_id_ISSN           1521-4095 
_citation.journal_full              ? 
_citation.journal_issue             ? 
_citation.journal_volume            ? 
_citation.language                  ? 
_citation.page_first                e2201938 
_citation.page_last                 e2201938 
_citation.title                     'Metal-Mediated DNA Nanotechnology in 3D: Structural Library by Templated Diffraction.' 
_citation.year                      2023 
_citation.database_id_CSD           ? 
_citation.pdbx_database_id_DOI      10.1002/adma.202201938 
_citation.pdbx_database_id_PubMed   36939292 
_citation.pdbx_database_id_patent   ? 
_citation.unpublished_flag          ? 
# 
loop_
_citation_author.citation_id 
_citation_author.name 
_citation_author.ordinal 
_citation_author.identifier_ORCID 
primary 'Vecchioni, S.'     1  ? 
primary 'Lu, B.'            2  ? 
primary 'Livernois, W.'     3  ? 
primary 'Ohayon, Y.P.'      4  ? 
primary 'Yoder, J.B.'       5  ? 
primary 'Yang, C.F.'        6  ? 
primary 'Woloszyn, K.'      7  ? 
primary 'Bernfeld, W.'      8  ? 
primary 'Anantram, M.P.'    9  ? 
primary 'Canary, J.W.'      10 ? 
primary 'Hendrickson, W.A.' 11 ? 
primary 'Rothschild, L.J.'  12 ? 
primary 'Mao, C.'           13 ? 
primary 'Wind, S.J.'        14 ? 
primary 'Seeman, N.C.'      15 ? 
primary 'Sha, R.'           16 ? 
# 
loop_
_entity.id 
_entity.type 
_entity.src_method 
_entity.pdbx_description 
_entity.formula_weight 
_entity.pdbx_number_of_molecules 
_entity.pdbx_ec 
_entity.pdbx_mutation 
_entity.pdbx_fragment 
_entity.details 
1 polymer     syn 
;DNA (5'-D(*GP*AP*GP*CP*AP*GP*CP*CP*TP*GP*TP*CP*TP*GP*GP*AP*CP*AP*TP*CP*A)-3')
;
6448.173 1 ? ? ? ? 
2 polymer     syn 
;DNA (5'-D(P*CP*CP*AP*TP*AP*CP*A)-3')
;
2066.401 1 ? ? ? ? 
3 polymer     syn 
;DNA (5'-D(P*GP*GP*CP*TP*GP*CP*T)-3')
;
2129.409 1 ? ? ? ? 
4 polymer     syn 
;DNA (5'-D(P*CP*TP*GP*AP*TP*GP*T)-3')
;
2128.421 1 ? ? ? ? 
5 non-polymer syn 'SILVER ION'                                                                    107.868  2 ? ? ? ? 
# 
loop_
_entity_poly.entity_id 
_entity_poly.type 
_entity_poly.nstd_linkage 
_entity_poly.nstd_monomer 
_entity_poly.pdbx_seq_one_letter_code 
_entity_poly.pdbx_seq_one_letter_code_can 
_entity_poly.pdbx_strand_id 
_entity_poly.pdbx_target_identifier 
1 polydeoxyribonucleotide no no 
;(DG)(DA)(DG)(DC)(DA)(DG)(DC)(DC)(DT)(DG)(DT)(DC)(DT)(DG)(DG)(DA)(DC)(DA)(DT)(DC)
(DA)
;
GAGCAGCCTGTCTGGACATCA A ? 
2 polydeoxyribonucleotide no no '(DC)(DC)(DA)(DT)(DA)(DC)(DA)'                                                          CCATACA B 
? 
3 polydeoxyribonucleotide no no '(DG)(DG)(DC)(DT)(DG)(DC)(DT)'                                                          GGCTGCT C 
? 
4 polydeoxyribonucleotide no no '(DC)(DT)(DG)(DA)(DT)(DG)(DT)'                                                          CTGATGT D 
? 
# 
_pdbx_entity_nonpoly.entity_id   5 
_pdbx_entity_nonpoly.name        'SILVER ION' 
_pdbx_entity_nonpoly.comp_id     AG 
# 
loop_
_entity_poly_seq.entity_id 
_entity_poly_seq.num 
_entity_poly_seq.mon_id 
_entity_poly_seq.hetero 
1 1  DG n 
1 2  DA n 
1 3  DG n 
1 4  DC n 
1 5  DA n 
1 6  DG n 
1 7  DC n 
1 8  DC n 
1 9  DT n 
1 10 DG n 
1 11 DT n 
1 12 DC n 
1 13 DT n 
1 14 DG n 
1 15 DG n 
1 16 DA n 
1 17 DC n 
1 18 DA n 
1 19 DT n 
1 20 DC n 
1 21 DA n 
2 1  DC n 
2 2  DC n 
2 3  DA n 
2 4  DT n 
2 5  DA n 
2 6  DC n 
2 7  DA n 
3 1  DG n 
3 2  DG n 
3 3  DC n 
3 4  DT n 
3 5  DG n 
3 6  DC n 
3 7  DT n 
4 1  DC n 
4 2  DT n 
4 3  DG n 
4 4  DA n 
4 5  DT n 
4 6  DG n 
4 7  DT n 
# 
loop_
_pdbx_entity_src_syn.entity_id 
_pdbx_entity_src_syn.pdbx_src_id 
_pdbx_entity_src_syn.pdbx_alt_source_flag 
_pdbx_entity_src_syn.pdbx_beg_seq_num 
_pdbx_entity_src_syn.pdbx_end_seq_num 
_pdbx_entity_src_syn.organism_scientific 
_pdbx_entity_src_syn.organism_common_name 
_pdbx_entity_src_syn.ncbi_taxonomy_id 
_pdbx_entity_src_syn.details 
1 1 sample 1 21 'synthetic construct' ? 32630 ? 
2 1 sample 1 7  'synthetic construct' ? 32630 ? 
3 1 sample 1 7  'synthetic construct' ? 32630 ? 
4 1 sample 1 7  'synthetic construct' ? 32630 ? 
# 
loop_
_chem_comp.id 
_chem_comp.type 
_chem_comp.mon_nstd_flag 
_chem_comp.name 
_chem_comp.pdbx_synonyms 
_chem_comp.formula 
_chem_comp.formula_weight 
AG non-polymer   . 'SILVER ION'                         ? 'Ag 1'            107.868 
DA 'DNA linking' y "2'-DEOXYADENOSINE-5'-MONOPHOSPHATE" ? 'C10 H14 N5 O6 P' 331.222 
DC 'DNA linking' y "2'-DEOXYCYTIDINE-5'-MONOPHOSPHATE"  ? 'C9 H14 N3 O7 P'  307.197 
DG 'DNA linking' y "2'-DEOXYGUANOSINE-5'-MONOPHOSPHATE" ? 'C10 H14 N5 O7 P' 347.221 
DT 'DNA linking' y "THYMIDINE-5'-MONOPHOSPHATE"         ? 'C10 H15 N2 O8 P' 322.208 
# 
loop_
_pdbx_poly_seq_scheme.asym_id 
_pdbx_poly_seq_scheme.entity_id 
_pdbx_poly_seq_scheme.seq_id 
_pdbx_poly_seq_scheme.mon_id 
_pdbx_poly_seq_scheme.ndb_seq_num 
_pdbx_poly_seq_scheme.pdb_seq_num 
_pdbx_poly_seq_scheme.auth_seq_num 
_pdbx_poly_seq_scheme.pdb_mon_id 
_pdbx_poly_seq_scheme.auth_mon_id 
_pdbx_poly_seq_scheme.pdb_strand_id 
_pdbx_poly_seq_scheme.pdb_ins_code 
_pdbx_poly_seq_scheme.hetero 
A 1 1  DG 1  1  1  DG DG A . n 
A 1 2  DA 2  2  2  DA DA A . n 
A 1 3  DG 3  3  3  DG DG A . n 
A 1 4  DC 4  4  4  DC DC A . n 
A 1 5  DA 5  5  5  DA DA A . n 
A 1 6  DG 6  6  6  DG DG A . n 
A 1 7  DC 7  7  7  DC DC A . n 
A 1 8  DC 8  8  8  DC DC A . n 
A 1 9  DT 9  9  9  DT DT A . n 
A 1 10 DG 10 10 10 DG DG A . n 
A 1 11 DT 11 11 11 DT DT A . n 
A 1 12 DC 12 12 12 DC DC A . n 
A 1 13 DT 13 13 13 DT DT A . n 
A 1 14 DG 14 14 14 DG DG A . n 
A 1 15 DG 15 15 15 DG DG A . n 
A 1 16 DA 16 16 16 DA DA A . n 
A 1 17 DC 17 17 17 DC DC A . n 
A 1 18 DA 18 18 18 DA DA A . n 
A 1 19 DT 19 19 19 DT DT A . n 
A 1 20 DC 20 20 20 DC DC A . n 
A 1 21 DA 21 21 21 DA DA A . n 
B 2 1  DC 1  1  1  DC DC B . n 
B 2 2  DC 2  2  2  DC DC B . n 
B 2 3  DA 3  3  3  DA DA B . n 
B 2 4  DT 4  4  4  DT DT B . n 
B 2 5  DA 5  5  5  DA DA B . n 
B 2 6  DC 6  6  6  DC DC B . n 
B 2 7  DA 7  7  7  DA DA B . n 
C 3 1  DG 1  8  8  DG DG C . n 
C 3 2  DG 2  9  9  DG DG C . n 
C 3 3  DC 3  10 10 DC DC C . n 
C 3 4  DT 4  11 11 DT DT C . n 
C 3 5  DG 5  12 12 DG DG C . n 
C 3 6  DC 6  13 13 DC DC C . n 
C 3 7  DT 7  14 14 DT DT C . n 
D 4 1  DC 1  1  1  DC DC D . n 
D 4 2  DT 2  2  2  DT DT D . n 
D 4 3  DG 3  3  3  DG DG D . n 
D 4 4  DA 4  4  4  DA DA D . n 
D 4 5  DT 5  5  5  DT DT D . n 
D 4 6  DG 6  6  6  DG DG D . n 
D 4 7  DT 7  7  7  DT DT D . n 
# 
loop_
_pdbx_nonpoly_scheme.asym_id 
_pdbx_nonpoly_scheme.entity_id 
_pdbx_nonpoly_scheme.mon_id 
_pdbx_nonpoly_scheme.ndb_seq_num 
_pdbx_nonpoly_scheme.pdb_seq_num 
_pdbx_nonpoly_scheme.auth_seq_num 
_pdbx_nonpoly_scheme.pdb_mon_id 
_pdbx_nonpoly_scheme.auth_mon_id 
_pdbx_nonpoly_scheme.pdb_strand_id 
_pdbx_nonpoly_scheme.pdb_ins_code 
E 5 AG 1 101 4 AG AG B . 
F 5 AG 1 102 5 AG AG B . 
# 
loop_
_software.citation_id 
_software.classification 
_software.compiler_name 
_software.compiler_version 
_software.contact_author 
_software.contact_author_email 
_software.date 
_software.description 
_software.dependencies 
_software.hardware 
_software.language 
_software.location 
_software.mods 
_software.name 
_software.os 
_software.os_version 
_software.type 
_software.version 
_software.pdbx_ordinal 
? refinement       ? ? ? ? ? ? ? ? ? ? ? PHENIX    ? ? ? 1.19.2_4158 1 
? 'data reduction' ? ? ? ? ? ? ? ? ? ? ? autoPROC  ? ? ? .           2 
? 'data scaling'   ? ? ? ? ? ? ? ? ? ? ? STARANISO ? ? ? .           3 
? phasing          ? ? ? ? ? ? ? ? ? ? ? AutoSol   ? ? ? .           4 
# 
_cell.angle_alpha                  90.000 
_cell.angle_alpha_esd              ? 
_cell.angle_beta                   90.000 
_cell.angle_beta_esd               ? 
_cell.angle_gamma                  120.000 
_cell.angle_gamma_esd              ? 
_cell.entry_id                     7SDS 
_cell.details                      ? 
_cell.formula_units_Z              ? 
_cell.length_a                     106.361 
_cell.length_a_esd                 ? 
_cell.length_b                     106.361 
_cell.length_b_esd                 ? 
_cell.length_c                     92.685 
_cell.length_c_esd                 ? 
_cell.volume                       908039.853 
_cell.volume_esd                   ? 
_cell.Z_PDB                        9 
_cell.reciprocal_angle_alpha       ? 
_cell.reciprocal_angle_beta        ? 
_cell.reciprocal_angle_gamma       ? 
_cell.reciprocal_angle_alpha_esd   ? 
_cell.reciprocal_angle_beta_esd    ? 
_cell.reciprocal_angle_gamma_esd   ? 
_cell.reciprocal_length_a          ? 
_cell.reciprocal_length_b          ? 
_cell.reciprocal_length_c          ? 
_cell.reciprocal_length_a_esd      ? 
_cell.reciprocal_length_b_esd      ? 
_cell.reciprocal_length_c_esd      ? 
_cell.pdbx_unique_axis             ? 
# 
_symmetry.entry_id                         7SDS 
_symmetry.cell_setting                     ? 
_symmetry.Int_Tables_number                146 
_symmetry.space_group_name_Hall            'R 3' 
_symmetry.space_group_name_H-M             'H 3' 
_symmetry.pdbx_full_space_group_name_H-M   ? 
# 
_exptl.absorpt_coefficient_mu     ? 
_exptl.absorpt_correction_T_max   ? 
_exptl.absorpt_correction_T_min   ? 
_exptl.absorpt_correction_type    ? 
_exptl.absorpt_process_details    ? 
_exptl.entry_id                   7SDS 
_exptl.crystals_number            1 
_exptl.details                    ? 
_exptl.method                     'X-RAY DIFFRACTION' 
_exptl.method_details             ? 
# 
_exptl_crystal.colour                      ? 
_exptl_crystal.density_diffrn              ? 
_exptl_crystal.density_Matthews            8.41 
_exptl_crystal.density_method              ? 
_exptl_crystal.density_percent_sol         ? 
_exptl_crystal.description                 Rhombohedral 
_exptl_crystal.F_000                       ? 
_exptl_crystal.id                          1 
_exptl_crystal.preparation                 ? 
_exptl_crystal.size_max                    ? 
_exptl_crystal.size_mid                    ? 
_exptl_crystal.size_min                    ? 
_exptl_crystal.size_rad                    ? 
_exptl_crystal.colour_lustre               ? 
_exptl_crystal.colour_modifier             ? 
_exptl_crystal.colour_primary              ? 
_exptl_crystal.density_meas                ? 
_exptl_crystal.density_meas_esd            ? 
_exptl_crystal.density_meas_gt             ? 
_exptl_crystal.density_meas_lt             ? 
_exptl_crystal.density_meas_temp           ? 
_exptl_crystal.density_meas_temp_esd       ? 
_exptl_crystal.density_meas_temp_gt        ? 
_exptl_crystal.density_meas_temp_lt        ? 
_exptl_crystal.pdbx_crystal_image_url      ? 
_exptl_crystal.pdbx_crystal_image_format   ? 
_exptl_crystal.pdbx_mosaicity              ? 
_exptl_crystal.pdbx_mosaicity_esd          ? 
# 
_exptl_crystal_grow.apparatus       ? 
_exptl_crystal_grow.atmosphere      ? 
_exptl_crystal_grow.crystal_id      1 
_exptl_crystal_grow.details         ? 
_exptl_crystal_grow.method          'VAPOR DIFFUSION, HANGING DROP' 
_exptl_crystal_grow.method_ref      ? 
_exptl_crystal_grow.pH              7.8 
_exptl_crystal_grow.pressure        ? 
_exptl_crystal_grow.pressure_esd    ? 
_exptl_crystal_grow.seeding         ? 
_exptl_crystal_grow.seeding_ref     ? 
_exptl_crystal_grow.temp            293 
_exptl_crystal_grow.temp_details    '338-293 at 0.4/hr' 
_exptl_crystal_grow.temp_esd        ? 
_exptl_crystal_grow.time            ? 
_exptl_crystal_grow.pdbx_details    'MOPS, Magnesium sulfate, Silver nitrate' 
_exptl_crystal_grow.pdbx_pH_range   ? 
# 
_diffrn.ambient_environment              ? 
_diffrn.ambient_temp                     100 
_diffrn.ambient_temp_details             ? 
_diffrn.ambient_temp_esd                 ? 
_diffrn.crystal_id                       1 
_diffrn.crystal_support                  ? 
_diffrn.crystal_treatment                ? 
_diffrn.details                          ? 
_diffrn.id                               1 
_diffrn.ambient_pressure                 ? 
_diffrn.ambient_pressure_esd             ? 
_diffrn.ambient_pressure_gt              ? 
_diffrn.ambient_pressure_lt              ? 
_diffrn.ambient_temp_gt                  ? 
_diffrn.ambient_temp_lt                  ? 
_diffrn.pdbx_serial_crystal_experiment   N 
# 
_diffrn_detector.details                      ? 
_diffrn_detector.detector                     PIXEL 
_diffrn_detector.diffrn_id                    1 
_diffrn_detector.type                         'DECTRIS EIGER2 X 9M' 
_diffrn_detector.area_resol_mean              ? 
_diffrn_detector.dtime                        ? 
_diffrn_detector.pdbx_frames_total            ? 
_diffrn_detector.pdbx_collection_time_total   ? 
_diffrn_detector.pdbx_collection_date         2020-10-24 
_diffrn_detector.pdbx_frequency               ? 
# 
_diffrn_radiation.collimation                      ? 
_diffrn_radiation.diffrn_id                        1 
_diffrn_radiation.filter_edge                      ? 
_diffrn_radiation.inhomogeneity                    ? 
_diffrn_radiation.monochromator                    ? 
_diffrn_radiation.polarisn_norm                    ? 
_diffrn_radiation.polarisn_ratio                   ? 
_diffrn_radiation.probe                            ? 
_diffrn_radiation.type                             ? 
_diffrn_radiation.xray_symbol                      ? 
_diffrn_radiation.wavelength_id                    1 
_diffrn_radiation.pdbx_monochromatic_or_laue_m_l   M 
_diffrn_radiation.pdbx_wavelength_list             ? 
_diffrn_radiation.pdbx_wavelength                  ? 
_diffrn_radiation.pdbx_diffrn_protocol             'SINGLE WAVELENGTH' 
_diffrn_radiation.pdbx_analyzer                    ? 
_diffrn_radiation.pdbx_scattering_type             x-ray 
# 
_diffrn_radiation_wavelength.id           1 
_diffrn_radiation_wavelength.wavelength   1.65313 
_diffrn_radiation_wavelength.wt           1.0 
# 
_diffrn_source.current                     ? 
_diffrn_source.details                     ? 
_diffrn_source.diffrn_id                   1 
_diffrn_source.power                       ? 
_diffrn_source.size                        ? 
_diffrn_source.source                      SYNCHROTRON 
_diffrn_source.target                      ? 
_diffrn_source.type                        'APS BEAMLINE 17-ID' 
_diffrn_source.voltage                     ? 
_diffrn_source.take-off_angle              ? 
_diffrn_source.pdbx_wavelength_list        1.65313 
_diffrn_source.pdbx_wavelength             ? 
_diffrn_source.pdbx_synchrotron_beamline   17-ID 
_diffrn_source.pdbx_synchrotron_site       APS 
# 
_reflns.B_iso_Wilson_estimate                          257.93 
_reflns.entry_id                                       7SDS 
_reflns.data_reduction_details                         ? 
_reflns.data_reduction_method                          ? 
_reflns.d_resolution_high                              3.70 
_reflns.d_resolution_low                               65.334 
_reflns.details                                        ? 
_reflns.limit_h_max                                    ? 
_reflns.limit_h_min                                    ? 
_reflns.limit_k_max                                    ? 
_reflns.limit_k_min                                    ? 
_reflns.limit_l_max                                    ? 
_reflns.limit_l_min                                    ? 
_reflns.number_all                                     ? 
_reflns.number_obs                                     2690 
_reflns.observed_criterion                             ? 
_reflns.observed_criterion_F_max                       ? 
_reflns.observed_criterion_F_min                       ? 
_reflns.observed_criterion_I_max                       ? 
_reflns.observed_criterion_I_min                       ? 
_reflns.observed_criterion_sigma_F                     ? 
_reflns.observed_criterion_sigma_I                     ? 
_reflns.percent_possible_obs                           84.1 
_reflns.R_free_details                                 ? 
_reflns.Rmerge_F_all                                   ? 
_reflns.Rmerge_F_obs                                   ? 
_reflns.Friedel_coverage                               ? 
_reflns.number_gt                                      ? 
_reflns.threshold_expression                           ? 
_reflns.pdbx_redundancy                                10.4 
_reflns.pdbx_Rmerge_I_obs                              ? 
_reflns.pdbx_Rmerge_I_all                              ? 
_reflns.pdbx_Rsym_value                                ? 
_reflns.pdbx_netI_over_av_sigmaI                       ? 
_reflns.pdbx_netI_over_sigmaI                          9.6 
_reflns.pdbx_res_netI_over_av_sigmaI_2                 ? 
_reflns.pdbx_res_netI_over_sigmaI_2                    ? 
_reflns.pdbx_chi_squared                               ? 
_reflns.pdbx_scaling_rejects                           ? 
_reflns.pdbx_d_res_high_opt                            ? 
_reflns.pdbx_d_res_low_opt                             ? 
_reflns.pdbx_d_res_opt_method                          ? 
_reflns.phase_calculation_details                      ? 
_reflns.pdbx_Rrim_I_all                                ? 
_reflns.pdbx_Rpim_I_all                                ? 
_reflns.pdbx_d_opt                                     ? 
_reflns.pdbx_number_measured_all                       ? 
_reflns.pdbx_diffrn_id                                 1 
_reflns.pdbx_ordinal                                   1 
_reflns.pdbx_CC_half                                   0.987 
_reflns.pdbx_CC_star                                   ? 
_reflns.pdbx_R_split                                   ? 
_reflns.pdbx_aniso_diffraction_limit_axis_1_ortho[1]   ? 
_reflns.pdbx_aniso_diffraction_limit_axis_1_ortho[2]   ? 
_reflns.pdbx_aniso_diffraction_limit_axis_1_ortho[3]   ? 
_reflns.pdbx_aniso_diffraction_limit_axis_2_ortho[1]   ? 
_reflns.pdbx_aniso_diffraction_limit_axis_2_ortho[2]   ? 
_reflns.pdbx_aniso_diffraction_limit_axis_2_ortho[3]   ? 
_reflns.pdbx_aniso_diffraction_limit_axis_3_ortho[1]   ? 
_reflns.pdbx_aniso_diffraction_limit_axis_3_ortho[2]   ? 
_reflns.pdbx_aniso_diffraction_limit_axis_3_ortho[3]   ? 
_reflns.pdbx_aniso_diffraction_limit_1                 ? 
_reflns.pdbx_aniso_diffraction_limit_2                 ? 
_reflns.pdbx_aniso_diffraction_limit_3                 ? 
_reflns.pdbx_aniso_B_tensor_eigenvector_1_ortho[1]     ? 
_reflns.pdbx_aniso_B_tensor_eigenvector_1_ortho[2]     ? 
_reflns.pdbx_aniso_B_tensor_eigenvector_1_ortho[3]     ? 
_reflns.pdbx_aniso_B_tensor_eigenvector_2_ortho[1]     ? 
_reflns.pdbx_aniso_B_tensor_eigenvector_2_ortho[2]     ? 
_reflns.pdbx_aniso_B_tensor_eigenvector_2_ortho[3]     ? 
_reflns.pdbx_aniso_B_tensor_eigenvector_3_ortho[1]     ? 
_reflns.pdbx_aniso_B_tensor_eigenvector_3_ortho[2]     ? 
_reflns.pdbx_aniso_B_tensor_eigenvector_3_ortho[3]     ? 
_reflns.pdbx_aniso_B_tensor_eigenvalue_1               ? 
_reflns.pdbx_aniso_B_tensor_eigenvalue_2               ? 
_reflns.pdbx_aniso_B_tensor_eigenvalue_3               ? 
_reflns.pdbx_orthogonalization_convention              ? 
_reflns.pdbx_percent_possible_ellipsoidal              ? 
_reflns.pdbx_percent_possible_spherical                ? 
_reflns.pdbx_percent_possible_ellipsoidal_anomalous    ? 
_reflns.pdbx_percent_possible_spherical_anomalous      ? 
_reflns.pdbx_redundancy_anomalous                      ? 
_reflns.pdbx_CC_half_anomalous                         ? 
_reflns.pdbx_absDiff_over_sigma_anomalous              ? 
_reflns.pdbx_percent_possible_anomalous                ? 
_reflns.pdbx_observed_signal_threshold                 ? 
_reflns.pdbx_signal_type                               ? 
_reflns.pdbx_signal_details                            ? 
_reflns.pdbx_signal_software_id                        ? 
# 
loop_
_reflns_shell.d_res_high 
_reflns_shell.d_res_low 
_reflns_shell.meanI_over_sigI_all 
_reflns_shell.meanI_over_sigI_obs 
_reflns_shell.number_measured_all 
_reflns_shell.number_measured_obs 
_reflns_shell.number_possible 
_reflns_shell.number_unique_all 
_reflns_shell.number_unique_obs 
_reflns_shell.percent_possible_all 
_reflns_shell.percent_possible_obs 
_reflns_shell.Rmerge_F_all 
_reflns_shell.Rmerge_F_obs 
_reflns_shell.Rmerge_I_all 
_reflns_shell.Rmerge_I_obs 
_reflns_shell.meanI_over_sigI_gt 
_reflns_shell.meanI_over_uI_all 
_reflns_shell.meanI_over_uI_gt 
_reflns_shell.number_measured_gt 
_reflns_shell.number_unique_gt 
_reflns_shell.percent_possible_gt 
_reflns_shell.Rmerge_F_gt 
_reflns_shell.Rmerge_I_gt 
_reflns_shell.pdbx_redundancy 
_reflns_shell.pdbx_Rsym_value 
_reflns_shell.pdbx_chi_squared 
_reflns_shell.pdbx_netI_over_sigmaI_all 
_reflns_shell.pdbx_netI_over_sigmaI_obs 
_reflns_shell.pdbx_Rrim_I_all 
_reflns_shell.pdbx_Rpim_I_all 
_reflns_shell.pdbx_rejects 
_reflns_shell.pdbx_ordinal 
_reflns_shell.pdbx_diffrn_id 
_reflns_shell.pdbx_CC_half 
_reflns_shell.pdbx_CC_star 
_reflns_shell.pdbx_R_split 
_reflns_shell.pdbx_percent_possible_ellipsoidal 
_reflns_shell.pdbx_percent_possible_spherical 
_reflns_shell.pdbx_percent_possible_ellipsoidal_anomalous 
_reflns_shell.pdbx_percent_possible_spherical_anomalous 
_reflns_shell.pdbx_redundancy_anomalous 
_reflns_shell.pdbx_CC_half_anomalous 
_reflns_shell.pdbx_absDiff_over_sigma_anomalous 
_reflns_shell.pdbx_percent_possible_anomalous 
3.701 4.157  ? 0.7 ? ? ? ? 209 41.6 ? ? ? ? ? ? ? ? ? ? ? ? ? ? ? ? ? ? ? ? ? 1 1 0.137 ? ? ? ? ? ? ? ? ? ? 
9.968 65.334 ? ?   ? ? ? ? 208 ?    ? ? ? ? ? ? ? ? ? ? ? ? ? ? ? ? ? ? ? ? ? 2 1 0.992 ? ? ? ? ? ? ? ? ? ? 
# 
_refine.aniso_B[1][1]                            ? 
_refine.aniso_B[1][2]                            ? 
_refine.aniso_B[1][3]                            ? 
_refine.aniso_B[2][2]                            ? 
_refine.aniso_B[2][3]                            ? 
_refine.aniso_B[3][3]                            ? 
_refine.B_iso_max                                ? 
_refine.B_iso_mean                               304.60 
_refine.B_iso_min                                ? 
_refine.correlation_coeff_Fo_to_Fc               ? 
_refine.correlation_coeff_Fo_to_Fc_free          ? 
_refine.details                                  ? 
_refine.diff_density_max                         ? 
_refine.diff_density_max_esd                     ? 
_refine.diff_density_min                         ? 
_refine.diff_density_min_esd                     ? 
_refine.diff_density_rms                         ? 
_refine.diff_density_rms_esd                     ? 
_refine.entry_id                                 7SDS 
_refine.pdbx_refine_id                           'X-RAY DIFFRACTION' 
_refine.ls_abs_structure_details                 ? 
_refine.ls_abs_structure_Flack                   ? 
_refine.ls_abs_structure_Flack_esd               ? 
_refine.ls_abs_structure_Rogers                  ? 
_refine.ls_abs_structure_Rogers_esd              ? 
_refine.ls_d_res_high                            3.70 
_refine.ls_d_res_low                             32.67 
_refine.ls_extinction_coef                       ? 
_refine.ls_extinction_coef_esd                   ? 
_refine.ls_extinction_expression                 ? 
_refine.ls_extinction_method                     ? 
_refine.ls_goodness_of_fit_all                   ? 
_refine.ls_goodness_of_fit_all_esd               ? 
_refine.ls_goodness_of_fit_obs                   ? 
_refine.ls_goodness_of_fit_obs_esd               ? 
_refine.ls_hydrogen_treatment                    ? 
_refine.ls_matrix_type                           ? 
_refine.ls_number_constraints                    ? 
_refine.ls_number_parameters                     ? 
_refine.ls_number_reflns_all                     ? 
_refine.ls_number_reflns_obs                     2686 
_refine.ls_number_reflns_R_free                  252 
_refine.ls_number_reflns_R_work                  5121 
_refine.ls_number_restraints                     ? 
_refine.ls_percent_reflns_obs                    64.42 
_refine.ls_percent_reflns_R_free                 4.69 
_refine.ls_R_factor_all                          ? 
_refine.ls_R_factor_obs                          0.2603 
_refine.ls_R_factor_R_free                       0.2881 
_refine.ls_R_factor_R_free_error                 ? 
_refine.ls_R_factor_R_free_error_details         ? 
_refine.ls_R_factor_R_work                       0.2589 
_refine.ls_R_Fsqd_factor_obs                     ? 
_refine.ls_R_I_factor_obs                        ? 
_refine.ls_redundancy_reflns_all                 ? 
_refine.ls_redundancy_reflns_obs                 ? 
_refine.ls_restrained_S_all                      ? 
_refine.ls_restrained_S_obs                      ? 
_refine.ls_shift_over_esd_max                    ? 
_refine.ls_shift_over_esd_mean                   ? 
_refine.ls_structure_factor_coef                 ? 
_refine.ls_weighting_details                     ? 
_refine.ls_weighting_scheme                      ? 
_refine.ls_wR_factor_all                         ? 
_refine.ls_wR_factor_obs                         ? 
_refine.ls_wR_factor_R_free                      ? 
_refine.ls_wR_factor_R_work                      ? 
_refine.occupancy_max                            ? 
_refine.occupancy_min                            ? 
_refine.solvent_model_details                    'FLAT BULK SOLVENT MODEL' 
_refine.solvent_model_param_bsol                 ? 
_refine.solvent_model_param_ksol                 ? 
_refine.pdbx_R_complete                          ? 
_refine.ls_R_factor_gt                           ? 
_refine.ls_goodness_of_fit_gt                    ? 
_refine.ls_goodness_of_fit_ref                   ? 
_refine.ls_shift_over_su_max                     ? 
_refine.ls_shift_over_su_max_lt                  ? 
_refine.ls_shift_over_su_mean                    ? 
_refine.ls_shift_over_su_mean_lt                 ? 
_refine.pdbx_ls_sigma_I                          ? 
_refine.pdbx_ls_sigma_F                          1.91 
_refine.pdbx_ls_sigma_Fsqd                       ? 
_refine.pdbx_data_cutoff_high_absF               ? 
_refine.pdbx_data_cutoff_high_rms_absF           ? 
_refine.pdbx_data_cutoff_low_absF                ? 
_refine.pdbx_isotropic_thermal_model             ? 
_refine.pdbx_ls_cross_valid_method               'FREE R-VALUE' 
_refine.pdbx_method_to_determine_struct          SAD 
_refine.pdbx_starting_model                      ? 
_refine.pdbx_stereochemistry_target_values       'GeoStd + Monomer Library + CDL v1.2' 
_refine.pdbx_R_Free_selection_details            ? 
_refine.pdbx_stereochem_target_val_spec_case     ? 
_refine.pdbx_overall_ESU_R                       ? 
_refine.pdbx_overall_ESU_R_Free                  ? 
_refine.pdbx_solvent_vdw_probe_radii             1.1100 
_refine.pdbx_solvent_ion_probe_radii             ? 
_refine.pdbx_solvent_shrinkage_radii             0.9000 
_refine.pdbx_real_space_R                        ? 
_refine.pdbx_density_correlation                 ? 
_refine.pdbx_pd_number_of_powder_patterns        ? 
_refine.pdbx_pd_number_of_points                 ? 
_refine.pdbx_pd_meas_number_of_points            ? 
_refine.pdbx_pd_proc_ls_prof_R_factor            ? 
_refine.pdbx_pd_proc_ls_prof_wR_factor           ? 
_refine.pdbx_pd_Marquardt_correlation_coeff      ? 
_refine.pdbx_pd_Fsqrd_R_factor                   ? 
_refine.pdbx_pd_ls_matrix_band_width             ? 
_refine.pdbx_overall_phase_error                 49.8810 
_refine.pdbx_overall_SU_R_free_Cruickshank_DPI   ? 
_refine.pdbx_overall_SU_R_free_Blow_DPI          ? 
_refine.pdbx_overall_SU_R_Blow_DPI               ? 
_refine.pdbx_TLS_residual_ADP_flag               ? 
_refine.pdbx_diffrn_id                           1 
_refine.overall_SU_B                             ? 
_refine.overall_SU_ML                            0.4444 
_refine.overall_SU_R_Cruickshank_DPI             ? 
_refine.overall_SU_R_free                        ? 
_refine.overall_FOM_free_R_set                   ? 
_refine.overall_FOM_work_R_set                   ? 
_refine.pdbx_average_fsc_overall                 ? 
_refine.pdbx_average_fsc_work                    ? 
_refine.pdbx_average_fsc_free                    ? 
# 
_refine_hist.pdbx_refine_id                   'X-RAY DIFFRACTION' 
_refine_hist.cycle_id                         LAST 
_refine_hist.details                          ? 
_refine_hist.d_res_high                       3.70 
_refine_hist.d_res_low                        32.67 
_refine_hist.number_atoms_solvent             0 
_refine_hist.number_atoms_total               859 
_refine_hist.number_reflns_all                ? 
_refine_hist.number_reflns_obs                ? 
_refine_hist.number_reflns_R_free             ? 
_refine_hist.number_reflns_R_work             ? 
_refine_hist.R_factor_all                     ? 
_refine_hist.R_factor_obs                     ? 
_refine_hist.R_factor_R_free                  ? 
_refine_hist.R_factor_R_work                  ? 
_refine_hist.pdbx_number_residues_total       ? 
_refine_hist.pdbx_B_iso_mean_ligand           ? 
_refine_hist.pdbx_B_iso_mean_solvent          ? 
_refine_hist.pdbx_number_atoms_protein        0 
_refine_hist.pdbx_number_atoms_nucleic_acid   857 
_refine_hist.pdbx_number_atoms_ligand         2 
_refine_hist.pdbx_number_atoms_lipid          ? 
_refine_hist.pdbx_number_atoms_carb           ? 
_refine_hist.pdbx_pseudo_atom_details         ? 
# 
loop_
_refine_ls_restr.pdbx_refine_id 
_refine_ls_restr.criterion 
_refine_ls_restr.dev_ideal 
_refine_ls_restr.dev_ideal_target 
_refine_ls_restr.number 
_refine_ls_restr.rejects 
_refine_ls_restr.type 
_refine_ls_restr.weight 
_refine_ls_restr.pdbx_restraint_function 
'X-RAY DIFFRACTION' ? 0.0076  ? 957  ? f_bond_d           ? ? 
'X-RAY DIFFRACTION' ? 0.9884  ? 1469 ? f_angle_d          ? ? 
'X-RAY DIFFRACTION' ? 0.0551  ? 167  ? f_chiral_restr     ? ? 
'X-RAY DIFFRACTION' ? 0.0039  ? 42   ? f_plane_restr      ? ? 
'X-RAY DIFFRACTION' ? 39.0928 ? 407  ? f_dihedral_angle_d ? ? 
# 
loop_
_refine_ls_shell.pdbx_refine_id 
_refine_ls_shell.d_res_high 
_refine_ls_shell.d_res_low 
_refine_ls_shell.number_reflns_all 
_refine_ls_shell.number_reflns_obs 
_refine_ls_shell.number_reflns_R_free 
_refine_ls_shell.number_reflns_R_work 
_refine_ls_shell.percent_reflns_obs 
_refine_ls_shell.percent_reflns_R_free 
_refine_ls_shell.R_factor_all 
_refine_ls_shell.R_factor_obs 
_refine_ls_shell.R_factor_R_free 
_refine_ls_shell.R_factor_R_free_error 
_refine_ls_shell.R_factor_R_work 
_refine_ls_shell.redundancy_reflns_all 
_refine_ls_shell.redundancy_reflns_obs 
_refine_ls_shell.wR_factor_all 
_refine_ls_shell.wR_factor_obs 
_refine_ls_shell.wR_factor_R_free 
_refine_ls_shell.wR_factor_R_work 
_refine_ls_shell.pdbx_R_complete 
_refine_ls_shell.pdbx_total_number_of_bins_used 
_refine_ls_shell.pdbx_phase_error 
_refine_ls_shell.pdbx_fsc_work 
_refine_ls_shell.pdbx_fsc_free 
'X-RAY DIFFRACTION' 3.70 4.66  . . 44  666  32.87 . . . 0.4266 . 0.4462 . . . . . . . . . . . 
'X-RAY DIFFRACTION' 4.66 32.67 . . 208 3799 95.77 . . . 0.2827 . 0.2478 . . . . . . . . . . . 
# 
_struct.entry_id                     7SDS 
_struct.title                        '[C:Ag+:T] Metal-mediated DNA base pair in a self-assembling rhombohedral lattice' 
_struct.pdbx_model_details           ? 
_struct.pdbx_formula_weight          ? 
_struct.pdbx_formula_weight_method   ? 
_struct.pdbx_model_type_details      ? 
_struct.pdbx_CASP_flag               N 
# 
_struct_keywords.entry_id        7SDS 
_struct_keywords.text            'Tensegrity triangle, self-assembling crystal, metal-mediated mismatch, DNA' 
_struct_keywords.pdbx_keywords   DNA 
# 
loop_
_struct_asym.id 
_struct_asym.pdbx_blank_PDB_chainid_flag 
_struct_asym.pdbx_modified 
_struct_asym.entity_id 
_struct_asym.details 
A N N 1 ? 
B N N 2 ? 
C N N 3 ? 
D N N 4 ? 
E N N 5 ? 
F N N 5 ? 
# 
loop_
_struct_ref.id 
_struct_ref.db_name 
_struct_ref.db_code 
_struct_ref.pdbx_db_accession 
_struct_ref.pdbx_db_isoform 
_struct_ref.entity_id 
_struct_ref.pdbx_seq_one_letter_code 
_struct_ref.pdbx_align_begin 
1 PDB 7SDS 7SDS ? 1 ? 1 
2 PDB 7SDS 7SDS ? 2 ? 1 
3 PDB 7SDS 7SDS ? 3 ? 1 
4 PDB 7SDS 7SDS ? 4 ? 1 
# 
loop_
_struct_ref_seq.align_id 
_struct_ref_seq.ref_id 
_struct_ref_seq.pdbx_PDB_id_code 
_struct_ref_seq.pdbx_strand_id 
_struct_ref_seq.seq_align_beg 
_struct_ref_seq.pdbx_seq_align_beg_ins_code 
_struct_ref_seq.seq_align_end 
_struct_ref_seq.pdbx_seq_align_end_ins_code 
_struct_ref_seq.pdbx_db_accession 
_struct_ref_seq.db_align_beg 
_struct_ref_seq.pdbx_db_align_beg_ins_code 
_struct_ref_seq.db_align_end 
_struct_ref_seq.pdbx_db_align_end_ins_code 
_struct_ref_seq.pdbx_auth_seq_align_beg 
_struct_ref_seq.pdbx_auth_seq_align_end 
1 1 7SDS A 1 ? 21 ? 7SDS 1 ? 21 ? 1 21 
2 2 7SDS B 1 ? 7  ? 7SDS 1 ? 7  ? 1 7  
3 3 7SDS C 1 ? 7  ? 7SDS 8 ? 14 ? 8 14 
4 4 7SDS D 1 ? 7  ? 7SDS 1 ? 7  ? 1 7  
# 
_pdbx_struct_assembly.id                   1 
_pdbx_struct_assembly.details              author_defined_assembly 
_pdbx_struct_assembly.method_details       ? 
_pdbx_struct_assembly.oligomeric_details   dodecameric 
_pdbx_struct_assembly.oligomeric_count     12 
# 
_pdbx_struct_assembly_gen.assembly_id       1 
_pdbx_struct_assembly_gen.oper_expression   1,2,3 
_pdbx_struct_assembly_gen.asym_id_list      A,B,C,D,E,F 
# 
_pdbx_struct_assembly_auth_evidence.id                     1 
_pdbx_struct_assembly_auth_evidence.assembly_id            1 
_pdbx_struct_assembly_auth_evidence.experimental_support   'native gel electrophoresis' 
_pdbx_struct_assembly_auth_evidence.details                ? 
# 
loop_
_pdbx_struct_oper_list.id 
_pdbx_struct_oper_list.type 
_pdbx_struct_oper_list.name 
_pdbx_struct_oper_list.symmetry_operation 
_pdbx_struct_oper_list.matrix[1][1] 
_pdbx_struct_oper_list.matrix[1][2] 
_pdbx_struct_oper_list.matrix[1][3] 
_pdbx_struct_oper_list.vector[1] 
_pdbx_struct_oper_list.matrix[2][1] 
_pdbx_struct_oper_list.matrix[2][2] 
_pdbx_struct_oper_list.matrix[2][3] 
_pdbx_struct_oper_list.vector[2] 
_pdbx_struct_oper_list.matrix[3][1] 
_pdbx_struct_oper_list.matrix[3][2] 
_pdbx_struct_oper_list.matrix[3][3] 
_pdbx_struct_oper_list.vector[3] 
1 'identity operation'         1_555 x,y,z     1.0000000000 0.0000000000 0.0000000000 0.0000000000  0.0000000000 1.0000000000  0.0000000000  0.0000000000  0.0000000000 0.0000000000  1.0000000000  0.0000000000  
2 'crystal symmetry operation' 2_555 -y,x-y,z  0.8363075594 0.4894087941 0.2471208174 -8.3061579883 0.0028861344 -0.4546597086 0.8906605524  16.5739529161 0.5482529857 -0.7441529290 -0.3816478508 17.6519397552 
3 'crystal symmetry operation' 3_555 -x+y,-x,z 0.8363075594 0.0028861344 0.5482529857 -2.7790606136 0.4894087941 -0.4546597086 -0.7441529290 24.7363580381 0.2471208174 0.8906605524  -0.3816478508 -5.9723166387 
# 
loop_
_struct_conn.id 
_struct_conn.conn_type_id 
_struct_conn.pdbx_leaving_atom_flag 
_struct_conn.pdbx_PDB_id 
_struct_conn.ptnr1_label_asym_id 
_struct_conn.ptnr1_label_comp_id 
_struct_conn.ptnr1_label_seq_id 
_struct_conn.ptnr1_label_atom_id 
_struct_conn.pdbx_ptnr1_label_alt_id 
_struct_conn.pdbx_ptnr1_PDB_ins_code 
_struct_conn.pdbx_ptnr1_standard_comp_id 
_struct_conn.ptnr1_symmetry 
_struct_conn.ptnr2_label_asym_id 
_struct_conn.ptnr2_label_comp_id 
_struct_conn.ptnr2_label_seq_id 
_struct_conn.ptnr2_label_atom_id 
_struct_conn.pdbx_ptnr2_label_alt_id 
_struct_conn.pdbx_ptnr2_PDB_ins_code 
_struct_conn.ptnr1_auth_asym_id 
_struct_conn.ptnr1_auth_comp_id 
_struct_conn.ptnr1_auth_seq_id 
_struct_conn.ptnr2_auth_asym_id 
_struct_conn.ptnr2_auth_comp_id 
_struct_conn.ptnr2_auth_seq_id 
_struct_conn.ptnr2_symmetry 
_struct_conn.pdbx_ptnr3_label_atom_id 
_struct_conn.pdbx_ptnr3_label_seq_id 
_struct_conn.pdbx_ptnr3_label_comp_id 
_struct_conn.pdbx_ptnr3_label_asym_id 
_struct_conn.pdbx_ptnr3_label_alt_id 
_struct_conn.pdbx_ptnr3_PDB_ins_code 
_struct_conn.details 
_struct_conn.pdbx_dist_value 
_struct_conn.pdbx_value_order 
_struct_conn.pdbx_role 
metalc1  metalc ? ? A DC 12 N3 ? ? ? 1_555 F AG . AG ? ? A DC 12 B AG 102 1_555 ? ? ? ? ? ? ?               2.132 ? ? 
metalc2  metalc ? ? A DC 12 N4 ? ? ? 1_555 F AG . AG ? ? A DC 12 B AG 102 1_555 ? ? ? ? ? ? ?               1.960 ? ? 
metalc3  metalc ? ? B DT 4  O4 ? ? ? 1_555 E AG . AG ? ? B DT 4  B AG 101 1_555 ? ? ? ? ? ? ?               2.227 ? ? 
metalc4  metalc ? ? B DT 4  N3 ? ? ? 1_555 F AG . AG ? ? B DT 4  B AG 102 1_555 ? ? ? ? ? ? ?               2.111 ? ? 
metalc5  metalc ? ? B DT 4  O4 ? ? ? 1_555 F AG . AG ? ? B DT 4  B AG 102 1_555 ? ? ? ? ? ? ?               2.383 ? ? 
hydrog1  hydrog ? ? A DA 2  N1 ? ? ? 1_555 C DT 7 N3 ? ? A DA 2  C DT 14  1_555 ? ? ? ? ? ? WATSON-CRICK    ?     ? ? 
hydrog2  hydrog ? ? A DA 2  N6 ? ? ? 1_555 C DT 7 O4 ? ? A DA 2  C DT 14  1_555 ? ? ? ? ? ? WATSON-CRICK    ?     ? ? 
hydrog3  hydrog ? ? A DG 3  N1 ? ? ? 1_555 C DC 6 N3 ? ? A DG 3  C DC 13  1_555 ? ? ? ? ? ? WATSON-CRICK    ?     ? ? 
hydrog4  hydrog ? ? A DG 3  N2 ? ? ? 1_555 C DC 6 O2 ? ? A DG 3  C DC 13  1_555 ? ? ? ? ? ? WATSON-CRICK    ?     ? ? 
hydrog5  hydrog ? ? A DG 3  O6 ? ? ? 1_555 C DC 6 N4 ? ? A DG 3  C DC 13  1_555 ? ? ? ? ? ? WATSON-CRICK    ?     ? ? 
hydrog6  hydrog ? ? A DC 4  N3 ? ? ? 1_555 C DG 5 N1 ? ? A DC 4  C DG 12  1_555 ? ? ? ? ? ? WATSON-CRICK    ?     ? ? 
hydrog7  hydrog ? ? A DC 4  N4 ? ? ? 1_555 C DG 5 O6 ? ? A DC 4  C DG 12  1_555 ? ? ? ? ? ? WATSON-CRICK    ?     ? ? 
hydrog8  hydrog ? ? A DC 4  O2 ? ? ? 1_555 C DG 5 N2 ? ? A DC 4  C DG 12  1_555 ? ? ? ? ? ? WATSON-CRICK    ?     ? ? 
hydrog9  hydrog ? ? A DA 5  N1 ? ? ? 1_555 C DT 4 N3 ? ? A DA 5  C DT 11  1_555 ? ? ? ? ? ? WATSON-CRICK    ?     ? ? 
hydrog10 hydrog ? ? A DA 5  N6 ? ? ? 1_555 C DT 4 O4 ? ? A DA 5  C DT 11  1_555 ? ? ? ? ? ? WATSON-CRICK    ?     ? ? 
hydrog11 hydrog ? ? A DG 6  N1 ? ? ? 1_555 C DC 3 N3 ? ? A DG 6  C DC 10  1_555 ? ? ? ? ? ? WATSON-CRICK    ?     ? ? 
hydrog12 hydrog ? ? A DG 6  N2 ? ? ? 1_555 C DC 3 O2 ? ? A DG 6  C DC 10  1_555 ? ? ? ? ? ? WATSON-CRICK    ?     ? ? 
hydrog13 hydrog ? ? A DG 6  O6 ? ? ? 1_555 C DC 3 N4 ? ? A DG 6  C DC 10  1_555 ? ? ? ? ? ? WATSON-CRICK    ?     ? ? 
hydrog14 hydrog ? ? A DC 7  N3 ? ? ? 1_555 C DG 2 N1 ? ? A DC 7  C DG 9   1_555 ? ? ? ? ? ? WATSON-CRICK    ?     ? ? 
hydrog15 hydrog ? ? A DC 7  N4 ? ? ? 1_555 C DG 2 O6 ? ? A DC 7  C DG 9   1_555 ? ? ? ? ? ? WATSON-CRICK    ?     ? ? 
hydrog16 hydrog ? ? A DC 7  O2 ? ? ? 1_555 C DG 2 N2 ? ? A DC 7  C DG 9   1_555 ? ? ? ? ? ? WATSON-CRICK    ?     ? ? 
hydrog17 hydrog ? ? A DC 8  N3 ? ? ? 1_555 C DG 1 N1 ? ? A DC 8  C DG 8   1_555 ? ? ? ? ? ? WATSON-CRICK    ?     ? ? 
hydrog18 hydrog ? ? A DC 8  N4 ? ? ? 1_555 C DG 1 O6 ? ? A DC 8  C DG 8   1_555 ? ? ? ? ? ? WATSON-CRICK    ?     ? ? 
hydrog19 hydrog ? ? A DC 8  O2 ? ? ? 1_555 C DG 1 N2 ? ? A DC 8  C DG 8   1_555 ? ? ? ? ? ? WATSON-CRICK    ?     ? ? 
hydrog20 hydrog ? ? A DT 9  N3 ? ? ? 1_555 B DA 7 N1 ? ? A DT 9  B DA 7   1_555 ? ? ? ? ? ? WATSON-CRICK    ?     ? ? 
hydrog21 hydrog ? ? A DT 9  O4 ? ? ? 1_555 B DA 7 N6 ? ? A DT 9  B DA 7   1_555 ? ? ? ? ? ? WATSON-CRICK    ?     ? ? 
hydrog22 hydrog ? ? A DG 10 N1 ? ? ? 1_555 B DC 6 N3 ? ? A DG 10 B DC 6   1_555 ? ? ? ? ? ? WATSON-CRICK    ?     ? ? 
hydrog23 hydrog ? ? A DG 10 N2 ? ? ? 1_555 B DC 6 O2 ? ? A DG 10 B DC 6   1_555 ? ? ? ? ? ? WATSON-CRICK    ?     ? ? 
hydrog24 hydrog ? ? A DG 10 O6 ? ? ? 1_555 B DC 6 N4 ? ? A DG 10 B DC 6   1_555 ? ? ? ? ? ? WATSON-CRICK    ?     ? ? 
hydrog25 hydrog ? ? A DC 12 N4 ? ? ? 1_555 B DT 4 O4 ? ? A DC 12 B DT 4   1_555 ? ? ? ? ? ? 'DC-DT MISPAIR' ?     ? ? 
hydrog26 hydrog ? ? A DT 13 N3 ? ? ? 1_555 B DA 3 N1 ? ? A DT 13 B DA 3   1_555 ? ? ? ? ? ? WATSON-CRICK    ?     ? ? 
hydrog27 hydrog ? ? A DT 13 O4 ? ? ? 1_555 B DA 3 N6 ? ? A DT 13 B DA 3   1_555 ? ? ? ? ? ? WATSON-CRICK    ?     ? ? 
hydrog28 hydrog ? ? A DG 14 N1 ? ? ? 1_555 B DC 2 N3 ? ? A DG 14 B DC 2   1_555 ? ? ? ? ? ? WATSON-CRICK    ?     ? ? 
hydrog29 hydrog ? ? A DG 14 N2 ? ? ? 1_555 B DC 2 O2 ? ? A DG 14 B DC 2   1_555 ? ? ? ? ? ? WATSON-CRICK    ?     ? ? 
hydrog30 hydrog ? ? A DG 14 O6 ? ? ? 1_555 B DC 2 N4 ? ? A DG 14 B DC 2   1_555 ? ? ? ? ? ? WATSON-CRICK    ?     ? ? 
hydrog31 hydrog ? ? A DG 15 N1 ? ? ? 1_555 B DC 1 N3 ? ? A DG 15 B DC 1   1_555 ? ? ? ? ? ? WATSON-CRICK    ?     ? ? 
hydrog32 hydrog ? ? A DG 15 N2 ? ? ? 1_555 B DC 1 O2 ? ? A DG 15 B DC 1   1_555 ? ? ? ? ? ? WATSON-CRICK    ?     ? ? 
hydrog33 hydrog ? ? A DG 15 O6 ? ? ? 1_555 B DC 1 N4 ? ? A DG 15 B DC 1   1_555 ? ? ? ? ? ? WATSON-CRICK    ?     ? ? 
hydrog34 hydrog ? ? A DA 16 N1 ? ? ? 1_555 D DT 7 N3 ? ? A DA 16 D DT 7   1_555 ? ? ? ? ? ? WATSON-CRICK    ?     ? ? 
hydrog35 hydrog ? ? A DA 16 N6 ? ? ? 1_555 D DT 7 O4 ? ? A DA 16 D DT 7   1_555 ? ? ? ? ? ? WATSON-CRICK    ?     ? ? 
hydrog36 hydrog ? ? A DC 17 N3 ? ? ? 1_555 D DG 6 N1 ? ? A DC 17 D DG 6   1_555 ? ? ? ? ? ? WATSON-CRICK    ?     ? ? 
hydrog37 hydrog ? ? A DC 17 N4 ? ? ? 1_555 D DG 6 O6 ? ? A DC 17 D DG 6   1_555 ? ? ? ? ? ? WATSON-CRICK    ?     ? ? 
hydrog38 hydrog ? ? A DC 17 O2 ? ? ? 1_555 D DG 6 N2 ? ? A DC 17 D DG 6   1_555 ? ? ? ? ? ? WATSON-CRICK    ?     ? ? 
hydrog39 hydrog ? ? A DA 18 N1 ? ? ? 1_555 D DT 5 N3 ? ? A DA 18 D DT 5   1_555 ? ? ? ? ? ? WATSON-CRICK    ?     ? ? 
hydrog40 hydrog ? ? A DA 18 N6 ? ? ? 1_555 D DT 5 O4 ? ? A DA 18 D DT 5   1_555 ? ? ? ? ? ? WATSON-CRICK    ?     ? ? 
hydrog41 hydrog ? ? A DT 19 N3 ? ? ? 1_555 D DA 4 N1 ? ? A DT 19 D DA 4   1_555 ? ? ? ? ? ? WATSON-CRICK    ?     ? ? 
hydrog42 hydrog ? ? A DT 19 O4 ? ? ? 1_555 D DA 4 N6 ? ? A DT 19 D DA 4   1_555 ? ? ? ? ? ? WATSON-CRICK    ?     ? ? 
hydrog43 hydrog ? ? A DC 20 N3 ? ? ? 1_555 D DG 3 N1 ? ? A DC 20 D DG 3   1_555 ? ? ? ? ? ? WATSON-CRICK    ?     ? ? 
hydrog44 hydrog ? ? A DC 20 N4 ? ? ? 1_555 D DG 3 O6 ? ? A DC 20 D DG 3   1_555 ? ? ? ? ? ? WATSON-CRICK    ?     ? ? 
hydrog45 hydrog ? ? A DC 20 O2 ? ? ? 1_555 D DG 3 N2 ? ? A DC 20 D DG 3   1_555 ? ? ? ? ? ? WATSON-CRICK    ?     ? ? 
hydrog46 hydrog ? ? A DA 21 N1 ? ? ? 1_555 D DT 2 N3 ? ? A DA 21 D DT 2   1_555 ? ? ? ? ? ? WATSON-CRICK    ?     ? ? 
hydrog47 hydrog ? ? A DA 21 N6 ? ? ? 1_555 D DT 2 O4 ? ? A DA 21 D DT 2   1_555 ? ? ? ? ? ? WATSON-CRICK    ?     ? ? 
# 
loop_
_struct_conn_type.id 
_struct_conn_type.criteria 
_struct_conn_type.reference 
metalc ? ? 
hydrog ? ? 
# 
loop_
_pdbx_struct_conn_angle.id 
_pdbx_struct_conn_angle.ptnr1_label_atom_id 
_pdbx_struct_conn_angle.ptnr1_label_alt_id 
_pdbx_struct_conn_angle.ptnr1_label_asym_id 
_pdbx_struct_conn_angle.ptnr1_label_comp_id 
_pdbx_struct_conn_angle.ptnr1_label_seq_id 
_pdbx_struct_conn_angle.ptnr1_auth_atom_id 
_pdbx_struct_conn_angle.ptnr1_auth_asym_id 
_pdbx_struct_conn_angle.ptnr1_auth_comp_id 
_pdbx_struct_conn_angle.ptnr1_auth_seq_id 
_pdbx_struct_conn_angle.ptnr1_PDB_ins_code 
_pdbx_struct_conn_angle.ptnr1_symmetry 
_pdbx_struct_conn_angle.ptnr2_label_atom_id 
_pdbx_struct_conn_angle.ptnr2_label_alt_id 
_pdbx_struct_conn_angle.ptnr2_label_asym_id 
_pdbx_struct_conn_angle.ptnr2_label_comp_id 
_pdbx_struct_conn_angle.ptnr2_label_seq_id 
_pdbx_struct_conn_angle.ptnr2_auth_atom_id 
_pdbx_struct_conn_angle.ptnr2_auth_asym_id 
_pdbx_struct_conn_angle.ptnr2_auth_comp_id 
_pdbx_struct_conn_angle.ptnr2_auth_seq_id 
_pdbx_struct_conn_angle.ptnr2_PDB_ins_code 
_pdbx_struct_conn_angle.ptnr2_symmetry 
_pdbx_struct_conn_angle.ptnr3_label_atom_id 
_pdbx_struct_conn_angle.ptnr3_label_alt_id 
_pdbx_struct_conn_angle.ptnr3_label_asym_id 
_pdbx_struct_conn_angle.ptnr3_label_comp_id 
_pdbx_struct_conn_angle.ptnr3_label_seq_id 
_pdbx_struct_conn_angle.ptnr3_auth_atom_id 
_pdbx_struct_conn_angle.ptnr3_auth_asym_id 
_pdbx_struct_conn_angle.ptnr3_auth_comp_id 
_pdbx_struct_conn_angle.ptnr3_auth_seq_id 
_pdbx_struct_conn_angle.ptnr3_PDB_ins_code 
_pdbx_struct_conn_angle.ptnr3_symmetry 
_pdbx_struct_conn_angle.value 
_pdbx_struct_conn_angle.value_esd 
1 N3 ? A DC 12 ? A DC 12 ? 1_555 AG ? F AG . ? B AG 102 ? 1_555 N4 ? A DC 12 ? A DC 12 ? 1_555 67.3  ? 
2 N3 ? A DC 12 ? A DC 12 ? 1_555 AG ? F AG . ? B AG 102 ? 1_555 N3 ? B DT 4  ? B DT 4  ? 1_555 157.5 ? 
3 N4 ? A DC 12 ? A DC 12 ? 1_555 AG ? F AG . ? B AG 102 ? 1_555 N3 ? B DT 4  ? B DT 4  ? 1_555 135.3 ? 
4 N3 ? A DC 12 ? A DC 12 ? 1_555 AG ? F AG . ? B AG 102 ? 1_555 O4 ? B DT 4  ? B DT 4  ? 1_555 142.3 ? 
5 N4 ? A DC 12 ? A DC 12 ? 1_555 AG ? F AG . ? B AG 102 ? 1_555 O4 ? B DT 4  ? B DT 4  ? 1_555 75.3  ? 
6 N3 ? B DT 4  ? B DT 4  ? 1_555 AG ? F AG . ? B AG 102 ? 1_555 O4 ? B DT 4  ? B DT 4  ? 1_555 60.2  ? 
# 
_pdbx_validate_close_contact.id               1 
_pdbx_validate_close_contact.PDB_model_num    1 
_pdbx_validate_close_contact.auth_atom_id_1   C7 
_pdbx_validate_close_contact.auth_asym_id_1   B 
_pdbx_validate_close_contact.auth_comp_id_1   DT 
_pdbx_validate_close_contact.auth_seq_id_1    4 
_pdbx_validate_close_contact.PDB_ins_code_1   ? 
_pdbx_validate_close_contact.label_alt_id_1   ? 
_pdbx_validate_close_contact.auth_atom_id_2   AG 
_pdbx_validate_close_contact.auth_asym_id_2   B 
_pdbx_validate_close_contact.auth_comp_id_2   AG 
_pdbx_validate_close_contact.auth_seq_id_2    101 
_pdbx_validate_close_contact.PDB_ins_code_2   ? 
_pdbx_validate_close_contact.label_alt_id_2   ? 
_pdbx_validate_close_contact.dist             2.06 
# 
_pdbx_validate_rmsd_bond.id                        1 
_pdbx_validate_rmsd_bond.PDB_model_num             1 
_pdbx_validate_rmsd_bond.auth_atom_id_1            P 
_pdbx_validate_rmsd_bond.auth_asym_id_1            D 
_pdbx_validate_rmsd_bond.auth_comp_id_1            DC 
_pdbx_validate_rmsd_bond.auth_seq_id_1             1 
_pdbx_validate_rmsd_bond.PDB_ins_code_1            ? 
_pdbx_validate_rmsd_bond.label_alt_id_1            ? 
_pdbx_validate_rmsd_bond.auth_atom_id_2            OP3 
_pdbx_validate_rmsd_bond.auth_asym_id_2            D 
_pdbx_validate_rmsd_bond.auth_comp_id_2            DC 
_pdbx_validate_rmsd_bond.auth_seq_id_2             1 
_pdbx_validate_rmsd_bond.PDB_ins_code_2            ? 
_pdbx_validate_rmsd_bond.label_alt_id_2            ? 
_pdbx_validate_rmsd_bond.bond_value                1.481 
_pdbx_validate_rmsd_bond.bond_target_value         1.607 
_pdbx_validate_rmsd_bond.bond_deviation            -0.126 
_pdbx_validate_rmsd_bond.bond_standard_deviation   0.012 
_pdbx_validate_rmsd_bond.linker_flag               N 
# 
loop_
_pdbx_validate_rmsd_angle.id 
_pdbx_validate_rmsd_angle.PDB_model_num 
_pdbx_validate_rmsd_angle.auth_atom_id_1 
_pdbx_validate_rmsd_angle.auth_asym_id_1 
_pdbx_validate_rmsd_angle.auth_comp_id_1 
_pdbx_validate_rmsd_angle.auth_seq_id_1 
_pdbx_validate_rmsd_angle.PDB_ins_code_1 
_pdbx_validate_rmsd_angle.label_alt_id_1 
_pdbx_validate_rmsd_angle.auth_atom_id_2 
_pdbx_validate_rmsd_angle.auth_asym_id_2 
_pdbx_validate_rmsd_angle.auth_comp_id_2 
_pdbx_validate_rmsd_angle.auth_seq_id_2 
_pdbx_validate_rmsd_angle.PDB_ins_code_2 
_pdbx_validate_rmsd_angle.label_alt_id_2 
_pdbx_validate_rmsd_angle.auth_atom_id_3 
_pdbx_validate_rmsd_angle.auth_asym_id_3 
_pdbx_validate_rmsd_angle.auth_comp_id_3 
_pdbx_validate_rmsd_angle.auth_seq_id_3 
_pdbx_validate_rmsd_angle.PDB_ins_code_3 
_pdbx_validate_rmsd_angle.label_alt_id_3 
_pdbx_validate_rmsd_angle.angle_value 
_pdbx_validate_rmsd_angle.angle_target_value 
_pdbx_validate_rmsd_angle.angle_deviation 
_pdbx_validate_rmsd_angle.angle_standard_deviation 
_pdbx_validate_rmsd_angle.linker_flag 
1 1 "O4'" A DA 2  ? ? "C1'" A DA 2  ? ? N9 A DA 2  ? ? 112.60 108.30 4.30 0.30 N 
2 1 "O4'" A DT 11 ? ? "C1'" A DT 11 ? ? N1 A DT 11 ? ? 112.35 108.30 4.05 0.30 N 
3 1 "O4'" A DC 12 ? ? "C1'" A DC 12 ? ? N1 A DC 12 ? ? 110.50 108.30 2.20 0.30 N 
4 1 "O4'" B DT 4  ? ? "C1'" B DT 4  ? ? N1 B DT 4  ? ? 111.11 108.30 2.81 0.30 N 
5 1 "O4'" B DC 6  ? ? "C1'" B DC 6  ? ? N1 B DC 6  ? ? 110.72 108.30 2.42 0.30 N 
6 1 "O4'" B DA 7  ? ? "C1'" B DA 7  ? ? N9 B DA 7  ? ? 111.30 108.30 3.00 0.30 N 
7 1 "O4'" D DC 1  ? ? "C1'" D DC 1  ? ? N1 D DC 1  ? ? 110.46 108.30 2.16 0.30 N 
# 
loop_
_space_group_symop.id 
_space_group_symop.operation_xyz 
1 x,y,z                 
2 -y,x-y,z              
3 -x+y,-x,z             
4 x+1/3,y+2/3,z+2/3     
5 -y+1/3,x-y+2/3,z+2/3  
6 -x+y+1/3,-x+2/3,z+2/3 
7 x+2/3,y+1/3,z+1/3     
8 -y+2/3,x-y+1/3,z+1/3  
9 -x+y+2/3,-x+1/3,z+1/3 
# 
_pdbx_entry_details.entry_id                 7SDS 
_pdbx_entry_details.nonpolymer_details       ? 
_pdbx_entry_details.sequence_details         ? 
_pdbx_entry_details.compound_details         ? 
_pdbx_entry_details.source_details           ? 
_pdbx_entry_details.has_ligand_of_interest   Y 
# 
loop_
_chem_comp_atom.comp_id 
_chem_comp_atom.atom_id 
_chem_comp_atom.type_symbol 
_chem_comp_atom.pdbx_aromatic_flag 
_chem_comp_atom.pdbx_stereo_config 
_chem_comp_atom.pdbx_ordinal 
AG AG     AG N N 1   
DA OP3    O  N N 2   
DA P      P  N N 3   
DA OP1    O  N N 4   
DA OP2    O  N N 5   
DA "O5'"  O  N N 6   
DA "C5'"  C  N N 7   
DA "C4'"  C  N R 8   
DA "O4'"  O  N N 9   
DA "C3'"  C  N S 10  
DA "O3'"  O  N N 11  
DA "C2'"  C  N N 12  
DA "C1'"  C  N R 13  
DA N9     N  Y N 14  
DA C8     C  Y N 15  
DA N7     N  Y N 16  
DA C5     C  Y N 17  
DA C6     C  Y N 18  
DA N6     N  N N 19  
DA N1     N  Y N 20  
DA C2     C  Y N 21  
DA N3     N  Y N 22  
DA C4     C  Y N 23  
DA HOP3   H  N N 24  
DA HOP2   H  N N 25  
DA "H5'"  H  N N 26  
DA "H5''" H  N N 27  
DA "H4'"  H  N N 28  
DA "H3'"  H  N N 29  
DA "HO3'" H  N N 30  
DA "H2'"  H  N N 31  
DA "H2''" H  N N 32  
DA "H1'"  H  N N 33  
DA H8     H  N N 34  
DA H61    H  N N 35  
DA H62    H  N N 36  
DA H2     H  N N 37  
DC OP3    O  N N 38  
DC P      P  N N 39  
DC OP1    O  N N 40  
DC OP2    O  N N 41  
DC "O5'"  O  N N 42  
DC "C5'"  C  N N 43  
DC "C4'"  C  N R 44  
DC "O4'"  O  N N 45  
DC "C3'"  C  N S 46  
DC "O3'"  O  N N 47  
DC "C2'"  C  N N 48  
DC "C1'"  C  N R 49  
DC N1     N  N N 50  
DC C2     C  N N 51  
DC O2     O  N N 52  
DC N3     N  N N 53  
DC C4     C  N N 54  
DC N4     N  N N 55  
DC C5     C  N N 56  
DC C6     C  N N 57  
DC HOP3   H  N N 58  
DC HOP2   H  N N 59  
DC "H5'"  H  N N 60  
DC "H5''" H  N N 61  
DC "H4'"  H  N N 62  
DC "H3'"  H  N N 63  
DC "HO3'" H  N N 64  
DC "H2'"  H  N N 65  
DC "H2''" H  N N 66  
DC "H1'"  H  N N 67  
DC H41    H  N N 68  
DC H42    H  N N 69  
DC H5     H  N N 70  
DC H6     H  N N 71  
DG OP3    O  N N 72  
DG P      P  N N 73  
DG OP1    O  N N 74  
DG OP2    O  N N 75  
DG "O5'"  O  N N 76  
DG "C5'"  C  N N 77  
DG "C4'"  C  N R 78  
DG "O4'"  O  N N 79  
DG "C3'"  C  N S 80  
DG "O3'"  O  N N 81  
DG "C2'"  C  N N 82  
DG "C1'"  C  N R 83  
DG N9     N  Y N 84  
DG C8     C  Y N 85  
DG N7     N  Y N 86  
DG C5     C  Y N 87  
DG C6     C  N N 88  
DG O6     O  N N 89  
DG N1     N  N N 90  
DG C2     C  N N 91  
DG N2     N  N N 92  
DG N3     N  N N 93  
DG C4     C  Y N 94  
DG HOP3   H  N N 95  
DG HOP2   H  N N 96  
DG "H5'"  H  N N 97  
DG "H5''" H  N N 98  
DG "H4'"  H  N N 99  
DG "H3'"  H  N N 100 
DG "HO3'" H  N N 101 
DG "H2'"  H  N N 102 
DG "H2''" H  N N 103 
DG "H1'"  H  N N 104 
DG H8     H  N N 105 
DG H1     H  N N 106 
DG H21    H  N N 107 
DG H22    H  N N 108 
DT OP3    O  N N 109 
DT P      P  N N 110 
DT OP1    O  N N 111 
DT OP2    O  N N 112 
DT "O5'"  O  N N 113 
DT "C5'"  C  N N 114 
DT "C4'"  C  N R 115 
DT "O4'"  O  N N 116 
DT "C3'"  C  N S 117 
DT "O3'"  O  N N 118 
DT "C2'"  C  N N 119 
DT "C1'"  C  N R 120 
DT N1     N  N N 121 
DT C2     C  N N 122 
DT O2     O  N N 123 
DT N3     N  N N 124 
DT C4     C  N N 125 
DT O4     O  N N 126 
DT C5     C  N N 127 
DT C7     C  N N 128 
DT C6     C  N N 129 
DT HOP3   H  N N 130 
DT HOP2   H  N N 131 
DT "H5'"  H  N N 132 
DT "H5''" H  N N 133 
DT "H4'"  H  N N 134 
DT "H3'"  H  N N 135 
DT "HO3'" H  N N 136 
DT "H2'"  H  N N 137 
DT "H2''" H  N N 138 
DT "H1'"  H  N N 139 
DT H3     H  N N 140 
DT H71    H  N N 141 
DT H72    H  N N 142 
DT H73    H  N N 143 
DT H6     H  N N 144 
# 
loop_
_chem_comp_bond.comp_id 
_chem_comp_bond.atom_id_1 
_chem_comp_bond.atom_id_2 
_chem_comp_bond.value_order 
_chem_comp_bond.pdbx_aromatic_flag 
_chem_comp_bond.pdbx_stereo_config 
_chem_comp_bond.pdbx_ordinal 
DA OP3   P      sing N N 1   
DA OP3   HOP3   sing N N 2   
DA P     OP1    doub N N 3   
DA P     OP2    sing N N 4   
DA P     "O5'"  sing N N 5   
DA OP2   HOP2   sing N N 6   
DA "O5'" "C5'"  sing N N 7   
DA "C5'" "C4'"  sing N N 8   
DA "C5'" "H5'"  sing N N 9   
DA "C5'" "H5''" sing N N 10  
DA "C4'" "O4'"  sing N N 11  
DA "C4'" "C3'"  sing N N 12  
DA "C4'" "H4'"  sing N N 13  
DA "O4'" "C1'"  sing N N 14  
DA "C3'" "O3'"  sing N N 15  
DA "C3'" "C2'"  sing N N 16  
DA "C3'" "H3'"  sing N N 17  
DA "O3'" "HO3'" sing N N 18  
DA "C2'" "C1'"  sing N N 19  
DA "C2'" "H2'"  sing N N 20  
DA "C2'" "H2''" sing N N 21  
DA "C1'" N9     sing N N 22  
DA "C1'" "H1'"  sing N N 23  
DA N9    C8     sing Y N 24  
DA N9    C4     sing Y N 25  
DA C8    N7     doub Y N 26  
DA C8    H8     sing N N 27  
DA N7    C5     sing Y N 28  
DA C5    C6     sing Y N 29  
DA C5    C4     doub Y N 30  
DA C6    N6     sing N N 31  
DA C6    N1     doub Y N 32  
DA N6    H61    sing N N 33  
DA N6    H62    sing N N 34  
DA N1    C2     sing Y N 35  
DA C2    N3     doub Y N 36  
DA C2    H2     sing N N 37  
DA N3    C4     sing Y N 38  
DC OP3   P      sing N N 39  
DC OP3   HOP3   sing N N 40  
DC P     OP1    doub N N 41  
DC P     OP2    sing N N 42  
DC P     "O5'"  sing N N 43  
DC OP2   HOP2   sing N N 44  
DC "O5'" "C5'"  sing N N 45  
DC "C5'" "C4'"  sing N N 46  
DC "C5'" "H5'"  sing N N 47  
DC "C5'" "H5''" sing N N 48  
DC "C4'" "O4'"  sing N N 49  
DC "C4'" "C3'"  sing N N 50  
DC "C4'" "H4'"  sing N N 51  
DC "O4'" "C1'"  sing N N 52  
DC "C3'" "O3'"  sing N N 53  
DC "C3'" "C2'"  sing N N 54  
DC "C3'" "H3'"  sing N N 55  
DC "O3'" "HO3'" sing N N 56  
DC "C2'" "C1'"  sing N N 57  
DC "C2'" "H2'"  sing N N 58  
DC "C2'" "H2''" sing N N 59  
DC "C1'" N1     sing N N 60  
DC "C1'" "H1'"  sing N N 61  
DC N1    C2     sing N N 62  
DC N1    C6     sing N N 63  
DC C2    O2     doub N N 64  
DC C2    N3     sing N N 65  
DC N3    C4     doub N N 66  
DC C4    N4     sing N N 67  
DC C4    C5     sing N N 68  
DC N4    H41    sing N N 69  
DC N4    H42    sing N N 70  
DC C5    C6     doub N N 71  
DC C5    H5     sing N N 72  
DC C6    H6     sing N N 73  
DG OP3   P      sing N N 74  
DG OP3   HOP3   sing N N 75  
DG P     OP1    doub N N 76  
DG P     OP2    sing N N 77  
DG P     "O5'"  sing N N 78  
DG OP2   HOP2   sing N N 79  
DG "O5'" "C5'"  sing N N 80  
DG "C5'" "C4'"  sing N N 81  
DG "C5'" "H5'"  sing N N 82  
DG "C5'" "H5''" sing N N 83  
DG "C4'" "O4'"  sing N N 84  
DG "C4'" "C3'"  sing N N 85  
DG "C4'" "H4'"  sing N N 86  
DG "O4'" "C1'"  sing N N 87  
DG "C3'" "O3'"  sing N N 88  
DG "C3'" "C2'"  sing N N 89  
DG "C3'" "H3'"  sing N N 90  
DG "O3'" "HO3'" sing N N 91  
DG "C2'" "C1'"  sing N N 92  
DG "C2'" "H2'"  sing N N 93  
DG "C2'" "H2''" sing N N 94  
DG "C1'" N9     sing N N 95  
DG "C1'" "H1'"  sing N N 96  
DG N9    C8     sing Y N 97  
DG N9    C4     sing Y N 98  
DG C8    N7     doub Y N 99  
DG C8    H8     sing N N 100 
DG N7    C5     sing Y N 101 
DG C5    C6     sing N N 102 
DG C5    C4     doub Y N 103 
DG C6    O6     doub N N 104 
DG C6    N1     sing N N 105 
DG N1    C2     sing N N 106 
DG N1    H1     sing N N 107 
DG C2    N2     sing N N 108 
DG C2    N3     doub N N 109 
DG N2    H21    sing N N 110 
DG N2    H22    sing N N 111 
DG N3    C4     sing N N 112 
DT OP3   P      sing N N 113 
DT OP3   HOP3   sing N N 114 
DT P     OP1    doub N N 115 
DT P     OP2    sing N N 116 
DT P     "O5'"  sing N N 117 
DT OP2   HOP2   sing N N 118 
DT "O5'" "C5'"  sing N N 119 
DT "C5'" "C4'"  sing N N 120 
DT "C5'" "H5'"  sing N N 121 
DT "C5'" "H5''" sing N N 122 
DT "C4'" "O4'"  sing N N 123 
DT "C4'" "C3'"  sing N N 124 
DT "C4'" "H4'"  sing N N 125 
DT "O4'" "C1'"  sing N N 126 
DT "C3'" "O3'"  sing N N 127 
DT "C3'" "C2'"  sing N N 128 
DT "C3'" "H3'"  sing N N 129 
DT "O3'" "HO3'" sing N N 130 
DT "C2'" "C1'"  sing N N 131 
DT "C2'" "H2'"  sing N N 132 
DT "C2'" "H2''" sing N N 133 
DT "C1'" N1     sing N N 134 
DT "C1'" "H1'"  sing N N 135 
DT N1    C2     sing N N 136 
DT N1    C6     sing N N 137 
DT C2    O2     doub N N 138 
DT C2    N3     sing N N 139 
DT N3    C4     sing N N 140 
DT N3    H3     sing N N 141 
DT C4    O4     doub N N 142 
DT C4    C5     sing N N 143 
DT C5    C7     sing N N 144 
DT C5    C6     doub N N 145 
DT C7    H71    sing N N 146 
DT C7    H72    sing N N 147 
DT C7    H73    sing N N 148 
DT C6    H6     sing N N 149 
# 
loop_
_ndb_struct_conf_na.entry_id 
_ndb_struct_conf_na.feature 
7SDS 'double helix'        
7SDS 'a-form double helix' 
7SDS 'b-form double helix' 
# 
loop_
_ndb_struct_na_base_pair.model_number 
_ndb_struct_na_base_pair.i_label_asym_id 
_ndb_struct_na_base_pair.i_label_comp_id 
_ndb_struct_na_base_pair.i_label_seq_id 
_ndb_struct_na_base_pair.i_symmetry 
_ndb_struct_na_base_pair.j_label_asym_id 
_ndb_struct_na_base_pair.j_label_comp_id 
_ndb_struct_na_base_pair.j_label_seq_id 
_ndb_struct_na_base_pair.j_symmetry 
_ndb_struct_na_base_pair.shear 
_ndb_struct_na_base_pair.stretch 
_ndb_struct_na_base_pair.stagger 
_ndb_struct_na_base_pair.buckle 
_ndb_struct_na_base_pair.propeller 
_ndb_struct_na_base_pair.opening 
_ndb_struct_na_base_pair.pair_number 
_ndb_struct_na_base_pair.pair_name 
_ndb_struct_na_base_pair.i_auth_asym_id 
_ndb_struct_na_base_pair.i_auth_seq_id 
_ndb_struct_na_base_pair.i_PDB_ins_code 
_ndb_struct_na_base_pair.j_auth_asym_id 
_ndb_struct_na_base_pair.j_auth_seq_id 
_ndb_struct_na_base_pair.j_PDB_ins_code 
_ndb_struct_na_base_pair.hbond_type_28 
_ndb_struct_na_base_pair.hbond_type_12 
1 A DA 2  1_555 C DT 7 1_555 0.392  0.335  0.025  0.093  -2.126  -9.872  1  A_DA2:DT14_C A 2  ? C 14 ? 20 1 
1 A DG 3  1_555 C DC 6 1_555 -0.174 -0.111 -0.234 -1.372 -3.286  0.327   2  A_DG3:DC13_C A 3  ? C 13 ? 19 1 
1 A DC 4  1_555 C DG 5 1_555 0.100  0.291  0.399  -2.337 -7.301  -10.802 3  A_DC4:DG12_C A 4  ? C 12 ? 19 1 
1 A DA 5  1_555 C DT 4 1_555 0.149  0.317  -0.034 -2.103 -8.869  -15.236 4  A_DA5:DT11_C A 5  ? C 11 ? 20 1 
1 A DG 6  1_555 C DC 3 1_555 -0.120 -0.363 1.170  9.167  -3.903  -2.934  5  A_DG6:DC10_C A 6  ? C 10 ? 19 1 
1 A DC 7  1_555 C DG 2 1_555 0.213  -0.318 1.014  4.078  -2.763  1.484   6  A_DC7:DG9_C  A 7  ? C 9  ? 19 1 
1 A DC 8  1_555 C DG 1 1_555 0.101  -0.146 0.499  -7.358 -13.360 -3.083  7  A_DC8:DG8_C  A 8  ? C 8  ? 19 1 
1 A DT 9  1_555 B DA 7 1_555 -0.299 -0.228 0.868  -3.260 -10.768 -0.257  8  A_DT9:DA7_B  A 9  ? B 7  ? 20 1 
1 A DG 10 1_555 B DC 6 1_555 -0.200 -0.211 0.613  -5.836 -15.983 -2.813  9  A_DG10:DC6_B A 10 ? B 6  ? 19 1 
1 A DC 12 1_555 B DT 4 1_555 -0.319 -0.632 -0.183 7.735  -6.537  -24.151 10 A_DC12:DT4_B A 12 ? B 4  ? ?  ? 
1 A DT 13 1_555 B DA 3 1_555 -0.135 -0.195 0.238  -0.323 -3.053  6.258   11 A_DT13:DA3_B A 13 ? B 3  ? 20 1 
1 A DG 14 1_555 B DC 2 1_555 -0.165 -0.139 0.292  0.372  -7.305  -4.762  12 A_DG14:DC2_B A 14 ? B 2  ? 19 1 
1 A DG 15 1_555 B DC 1 1_555 -0.224 -0.174 -0.484 -6.391 -10.926 -0.235  13 A_DG15:DC1_B A 15 ? B 1  ? 19 1 
1 A DA 16 1_555 D DT 7 1_555 0.183  -0.348 1.107  1.638  -15.631 -8.304  14 A_DA16:DT7_D A 16 ? D 7  ? 20 1 
1 A DC 17 1_555 D DG 6 1_555 0.255  -0.187 0.710  -3.071 -2.731  1.346   15 A_DC17:DG6_D A 17 ? D 6  ? 19 1 
1 A DA 18 1_555 D DT 5 1_555 0.121  -0.146 0.363  -1.126 -6.137  -1.576  16 A_DA18:DT5_D A 18 ? D 5  ? 20 1 
1 A DT 19 1_555 D DA 4 1_555 -0.145 -0.115 0.286  -4.228 -9.297  0.063   17 A_DT19:DA4_D A 19 ? D 4  ? 20 1 
1 A DC 20 1_555 D DG 3 1_555 0.150  -0.169 -0.296 -4.061 -7.152  2.876   18 A_DC20:DG3_D A 20 ? D 3  ? 19 1 
1 A DA 21 1_555 D DT 2 1_555 0.106  -0.064 0.520  -0.286 -0.661  -0.858  19 A_DA21:DT2_D A 21 ? D 2  ? 20 1 
# 
loop_
_ndb_struct_na_base_pair_step.model_number 
_ndb_struct_na_base_pair_step.i_label_asym_id_1 
_ndb_struct_na_base_pair_step.i_label_comp_id_1 
_ndb_struct_na_base_pair_step.i_label_seq_id_1 
_ndb_struct_na_base_pair_step.i_symmetry_1 
_ndb_struct_na_base_pair_step.j_label_asym_id_1 
_ndb_struct_na_base_pair_step.j_label_comp_id_1 
_ndb_struct_na_base_pair_step.j_label_seq_id_1 
_ndb_struct_na_base_pair_step.j_symmetry_1 
_ndb_struct_na_base_pair_step.i_label_asym_id_2 
_ndb_struct_na_base_pair_step.i_label_comp_id_2 
_ndb_struct_na_base_pair_step.i_label_seq_id_2 
_ndb_struct_na_base_pair_step.i_symmetry_2 
_ndb_struct_na_base_pair_step.j_label_asym_id_2 
_ndb_struct_na_base_pair_step.j_label_comp_id_2 
_ndb_struct_na_base_pair_step.j_label_seq_id_2 
_ndb_struct_na_base_pair_step.j_symmetry_2 
_ndb_struct_na_base_pair_step.shift 
_ndb_struct_na_base_pair_step.slide 
_ndb_struct_na_base_pair_step.rise 
_ndb_struct_na_base_pair_step.tilt 
_ndb_struct_na_base_pair_step.roll 
_ndb_struct_na_base_pair_step.twist 
_ndb_struct_na_base_pair_step.x_displacement 
_ndb_struct_na_base_pair_step.y_displacement 
_ndb_struct_na_base_pair_step.helical_rise 
_ndb_struct_na_base_pair_step.inclination 
_ndb_struct_na_base_pair_step.tip 
_ndb_struct_na_base_pair_step.helical_twist 
_ndb_struct_na_base_pair_step.step_number 
_ndb_struct_na_base_pair_step.step_name 
_ndb_struct_na_base_pair_step.i_auth_asym_id_1 
_ndb_struct_na_base_pair_step.i_auth_seq_id_1 
_ndb_struct_na_base_pair_step.i_PDB_ins_code_1 
_ndb_struct_na_base_pair_step.j_auth_asym_id_1 
_ndb_struct_na_base_pair_step.j_auth_seq_id_1 
_ndb_struct_na_base_pair_step.j_PDB_ins_code_1 
_ndb_struct_na_base_pair_step.i_auth_asym_id_2 
_ndb_struct_na_base_pair_step.i_auth_seq_id_2 
_ndb_struct_na_base_pair_step.i_PDB_ins_code_2 
_ndb_struct_na_base_pair_step.j_auth_asym_id_2 
_ndb_struct_na_base_pair_step.j_auth_seq_id_2 
_ndb_struct_na_base_pair_step.j_PDB_ins_code_2 
1 A DA 2  1_555 C DT 7 1_555 A DG 3  1_555 C DC 6 1_555 0.017  -0.771 3.350 -2.694  7.147   37.843 -2.053 -0.359 3.150 10.884  
4.102  38.579 1  AA_DA2DG3:DC13DT14_CC A 2  ? C 14 ? A 3  ? C 13 ? 
1 A DG 3  1_555 C DC 6 1_555 A DC 4  1_555 C DG 5 1_555 -0.405 -1.361 3.289 -5.732  -1.815  28.871 -2.275 -0.465 3.382 -3.592  
11.342 29.477 2  AA_DG3DC4:DG12DC13_CC A 3  ? C 13 ? A 4  ? C 12 ? 
1 A DC 4  1_555 C DG 5 1_555 A DA 5  1_555 C DT 4 1_555 -0.993 -0.613 3.091 -1.621  16.728  39.343 -2.391 1.215  2.666 23.584  
2.285  42.651 3  AA_DC4DA5:DT11DG12_CC A 4  ? C 12 ? A 5  ? C 11 ? 
1 A DA 5  1_555 C DT 4 1_555 A DG 6  1_555 C DC 3 1_555 0.124  -1.385 2.878 -16.187 5.180   29.175 -3.102 -2.435 2.236 9.350   
29.219 33.671 4  AA_DA5DG6:DC10DT11_CC A 5  ? C 11 ? A 6  ? C 10 ? 
1 A DG 6  1_555 C DC 3 1_555 A DC 7  1_555 C DG 2 1_555 -0.251 -1.871 3.604 -5.428  0.943   26.058 -4.334 -1.020 3.514 2.062   
11.869 26.624 5  AA_DG6DC7:DG9DC10_CC  A 6  ? C 10 ? A 7  ? C 9  ? 
1 A DC 7  1_555 C DG 2 1_555 A DC 8  1_555 C DG 1 1_555 -0.536 -0.622 3.808 -1.461  -14.417 43.961 0.687  0.533  3.835 -18.665 
1.892  46.175 6  AA_DC7DC8:DG8DG9_CC   A 7  ? C 9  ? A 8  ? C 8  ? 
1 A DC 8  1_555 C DG 1 1_555 A DT 9  1_555 B DA 7 1_555 -1.689 -0.508 3.443 -2.351  -9.010  23.457 1.754  3.107  3.541 -21.125 
5.512  25.214 7  AA_DC8DT9:DA7DG8_BC   A 8  ? C 8  ? A 9  ? B 7  ? 
1 A DT 9  1_555 B DA 7 1_555 A DG 10 1_555 B DC 6 1_555 -0.656 -0.913 3.229 -2.910  16.462  24.944 -4.900 0.715  2.267 33.707  
5.958  29.954 8  AA_DT9DG10:DC6DA7_BB  A 9  ? B 7  ? A 10 ? B 6  ? 
1 A DG 10 1_555 B DC 6 1_555 A DC 12 1_555 B DT 4 1_555 -1.912 -1.013 6.064 -0.594  -1.192  75.933 -0.757 1.521  6.090 -0.969  
0.482  75.943 9  AA_DG10DC12:DT4DC6_BB A 10 ? B 6  ? A 12 ? B 4  ? 
1 A DC 12 1_555 B DT 4 1_555 A DT 13 1_555 B DA 3 1_555 1.609  -0.755 3.660 0.447   3.258   28.985 -2.288 -3.088 3.579 6.482   
-0.889 29.167 10 AA_DC12DT13:DA3DT4_BB A 12 ? B 4  ? A 13 ? B 3  ? 
1 A DT 13 1_555 B DA 3 1_555 A DG 14 1_555 B DC 2 1_555 -1.057 2.733  3.693 -9.117  -5.074  48.712 3.664  0.509  3.541 -6.071  
10.908 49.750 11 AA_DT13DG14:DC2DA3_BB A 13 ? B 3  ? A 14 ? B 2  ? 
1 A DG 14 1_555 B DC 2 1_555 A DG 15 1_555 B DC 1 1_555 0.028  0.998  3.904 -2.415  7.469   42.674 0.465  -0.324 4.008 10.161  
3.285  43.357 12 AA_DG14DG15:DC1DC2_BB A 14 ? B 2  ? A 15 ? B 1  ? 
1 A DG 15 1_555 B DC 1 1_555 A DA 16 1_555 D DT 7 1_555 -1.866 -0.629 3.026 -20.858 -9.688  25.209 0.733  -0.702 3.561 -18.110 
38.992 33.997 13 AA_DG15DA16:DT7DC1_DB A 15 ? B 1  ? A 16 ? D 7  ? 
1 A DA 16 1_555 D DT 7 1_555 A DC 17 1_555 D DG 6 1_555 0.761  -1.115 3.474 1.372   -4.244  27.479 -1.206 -1.223 3.634 -8.861  
-2.865 27.831 14 AA_DA16DC17:DG6DT7_DD A 16 ? D 7  ? A 17 ? D 6  ? 
1 A DC 17 1_555 D DG 6 1_555 A DA 18 1_555 D DT 5 1_555 -0.749 0.128  2.921 0.592   -1.960  39.824 0.389  1.159  2.901 -2.876  
-0.869 39.874 15 AA_DC17DA18:DT5DG6_DD A 17 ? D 6  ? A 18 ? D 5  ? 
1 A DA 18 1_555 D DT 5 1_555 A DT 19 1_555 D DA 4 1_555 0.167  -0.576 3.327 0.130   -0.088  32.678 -1.009 -0.273 3.329 -0.156  
-0.232 32.678 16 AA_DA18DT19:DA4DT5_DD A 18 ? D 5  ? A 19 ? D 4  ? 
1 A DT 19 1_555 D DA 4 1_555 A DC 20 1_555 D DG 3 1_555 0.300  0.334  3.182 3.925   -9.076  43.890 1.231  -0.049 3.072 -11.963 
-5.174 44.937 17 AA_DT19DC20:DG3DA4_DD A 19 ? D 4  ? A 20 ? D 3  ? 
1 A DC 20 1_555 D DG 3 1_555 A DA 21 1_555 D DT 2 1_555 -0.765 -0.302 3.136 -5.158  6.051   35.219 -1.318 0.527  3.120 9.847   
8.393  36.078 18 AA_DC20DA21:DT2DG3_DD A 20 ? D 3  ? A 21 ? D 2  ? 
# 
loop_
_pdbx_audit_support.funding_organization 
_pdbx_audit_support.country 
_pdbx_audit_support.grant_number 
_pdbx_audit_support.ordinal 
'Office of Naval Research (ONR)'                                 'United States' N000141912596                      1 
'Department of Energy (DOE, United States)'                      'United States' DE-SC0007991                       2 
'National Science Foundation (NSF, United States)'               'United States' 2106790                            3 
'Human Frontier Science Program (HFSP)'                          'United States' RPG0010/2017                       4 
'National Science Foundation (NSF, United States)'               'United States' DMR-1420073                        5 
'National Aeronautic Space Administration (NASA, United States)' 'United States' '2020 NASA Center Innovation Fund' 6 
# 
_pdbx_entity_instance_feature.ordinal        1 
_pdbx_entity_instance_feature.comp_id        AG 
_pdbx_entity_instance_feature.asym_id        ? 
_pdbx_entity_instance_feature.seq_num        ? 
_pdbx_entity_instance_feature.auth_comp_id   AG 
_pdbx_entity_instance_feature.auth_asym_id   ? 
_pdbx_entity_instance_feature.auth_seq_num   ? 
_pdbx_entity_instance_feature.feature_type   'SUBJECT OF INVESTIGATION' 
_pdbx_entity_instance_feature.details        ? 
# 
_space_group.name_H-M_alt     'R 3 :H' 
_space_group.name_Hall        'R 3' 
_space_group.IT_number        146 
_space_group.crystal_system   trigonal 
_space_group.id               1 
# 
_atom_sites.entry_id                    7SDS 
_atom_sites.Cartn_transf_matrix[1][1]   ? 
_atom_sites.Cartn_transf_matrix[1][2]   ? 
_atom_sites.Cartn_transf_matrix[1][3]   ? 
_atom_sites.Cartn_transf_matrix[2][1]   ? 
_atom_sites.Cartn_transf_matrix[2][2]   ? 
_atom_sites.Cartn_transf_matrix[2][3]   ? 
_atom_sites.Cartn_transf_matrix[3][1]   ? 
_atom_sites.Cartn_transf_matrix[3][2]   ? 
_atom_sites.Cartn_transf_matrix[3][3]   ? 
_atom_sites.Cartn_transf_vector[1]      ? 
_atom_sites.Cartn_transf_vector[2]      ? 
_atom_sites.Cartn_transf_vector[3]      ? 
_atom_sites.fract_transf_matrix[1][1]   -0.00164977 
_atom_sites.fract_transf_matrix[1][2]   0.01067729 
_atom_sites.fract_transf_matrix[1][3]   -0.00106511 
_atom_sites.fract_transf_matrix[2][1]   0.00193285 
_atom_sites.fract_transf_matrix[2][2]   0.00486899 
_atom_sites.fract_transf_matrix[2][3]   -0.00950841 
_atom_sites.fract_transf_matrix[3][1]   -0.01018331 
_atom_sites.fract_transf_matrix[3][2]   -0.00187576 
_atom_sites.fract_transf_matrix[3][3]   -0.00303057 
_atom_sites.fract_transf_vector[1]      -0.148977 
_atom_sites.fract_transf_vector[2]      -0.022886 
_atom_sites.fract_transf_vector[3]      0.245633 
_atom_sites.solution_primary            ? 
_atom_sites.solution_secondary          ? 
_atom_sites.solution_hydrogens          ? 
_atom_sites.special_details             ? 
# 
loop_
_atom_type.symbol 
_atom_type.scat_dispersion_real 
_atom_type.scat_dispersion_imag 
_atom_type.scat_Cromer_Mann_a1 
_atom_type.scat_Cromer_Mann_a2 
_atom_type.scat_Cromer_Mann_a3 
_atom_type.scat_Cromer_Mann_a4 
_atom_type.scat_Cromer_Mann_b1 
_atom_type.scat_Cromer_Mann_b2 
_atom_type.scat_Cromer_Mann_b3 
_atom_type.scat_Cromer_Mann_b4 
_atom_type.scat_Cromer_Mann_c 
_atom_type.scat_source 
_atom_type.scat_dispersion_source 
AG ? ? 46.70359 ? ? ? 5.43095  ? ? ? 0.0 
;1-Gaussian fit: Grosse-Kunstleve RW, Sauter NK, Adams PD: Newsletter of the IUCr Commission on Crystallographic Computing 2004, 3, 22-31.
;
? 
C  ? ? 5.96793  ? ? ? 14.89577 ? ? ? 0.0 
;1-Gaussian fit: Grosse-Kunstleve RW, Sauter NK, Adams PD: Newsletter of the IUCr Commission on Crystallographic Computing 2004, 3, 22-31.
;
? 
N  ? ? 6.96715  ? ? ? 11.43723 ? ? ? 0.0 
;1-Gaussian fit: Grosse-Kunstleve RW, Sauter NK, Adams PD: Newsletter of the IUCr Commission on Crystallographic Computing 2004, 3, 22-31.
;
? 
O  ? ? 7.96527  ? ? ? 9.05267  ? ? ? 0.0 
;1-Gaussian fit: Grosse-Kunstleve RW, Sauter NK, Adams PD: Newsletter of the IUCr Commission on Crystallographic Computing 2004, 3, 22-31.
;
? 
P  ? ? 14.90797 ? ? ? 11.91318 ? ? ? 0.0 
;1-Gaussian fit: Grosse-Kunstleve RW, Sauter NK, Adams PD: Newsletter of the IUCr Commission on Crystallographic Computing 2004, 3, 22-31.
;
? 
# 
loop_
_atom_site.group_PDB 
_atom_site.id 
_atom_site.type_symbol 
_atom_site.label_atom_id 
_atom_site.label_alt_id 
_atom_site.label_comp_id 
_atom_site.label_asym_id 
_atom_site.label_entity_id 
_atom_site.label_seq_id 
_atom_site.pdbx_PDB_ins_code 
_atom_site.Cartn_x 
_atom_site.Cartn_y 
_atom_site.Cartn_z 
_atom_site.occupancy 
_atom_site.B_iso_or_equiv 
_atom_site.pdbx_formal_charge 
_atom_site.auth_seq_id 
_atom_site.auth_comp_id 
_atom_site.auth_asym_id 
_atom_site.auth_atom_id 
_atom_site.pdbx_PDB_model_num 
ATOM   1   O  "O5'" . DG A 1 1  ? -19.14375 -10.37362 22.45521  1.000 348.48389 ? 1   DG A "O5'" 1 
ATOM   2   C  "C5'" . DG A 1 1  ? -19.61603 -9.94913  23.73314  1.000 322.83081 ? 1   DG A "C5'" 1 
ATOM   3   C  "C4'" . DG A 1 1  ? -18.92785 -10.71931 24.84872  1.000 311.58473 ? 1   DG A "C4'" 1 
ATOM   4   O  "O4'" . DG A 1 1  ? -19.51359 -12.03193 24.96288  1.000 319.07510 ? 1   DG A "O4'" 1 
ATOM   5   C  "C3'" . DG A 1 1  ? -17.43902 -10.94060 24.64301  1.000 315.64311 ? 1   DG A "C3'" 1 
ATOM   6   O  "O3'" . DG A 1 1  ? -16.72496 -9.85112  25.24330  1.000 320.21208 ? 1   DG A "O3'" 1 
ATOM   7   C  "C2'" . DG A 1 1  ? -17.17185 -12.27360 25.36425  1.000 313.91132 ? 1   DG A "C2'" 1 
ATOM   8   C  "C1'" . DG A 1 1  ? -18.54403 -12.96996 25.38636  1.000 323.11769 ? 1   DG A "C1'" 1 
ATOM   9   N  N9    . DG A 1 1  ? -18.66413 -14.15372 24.51830  1.000 330.28171 ? 1   DG A N9    1 
ATOM   10  C  C8    . DG A 1 1  ? -19.62316 -14.36148 23.55819  1.000 333.43998 ? 1   DG A C8    1 
ATOM   11  N  N7    . DG A 1 1  ? -19.50912 -15.50232 22.94123  1.000 340.39608 ? 1   DG A N7    1 
ATOM   12  C  C5    . DG A 1 1  ? -18.40870 -16.09950 23.52932  1.000 342.00416 ? 1   DG A C5    1 
ATOM   13  C  C6    . DG A 1 1  ? -17.81053 -17.35096 23.26582  1.000 349.14449 ? 1   DG A C6    1 
ATOM   14  O  O6    . DG A 1 1  ? -18.15717 -18.19675 22.43001  1.000 355.46630 ? 1   DG A O6    1 
ATOM   15  N  N1    . DG A 1 1  ? -16.70960 -17.58523 24.08323  1.000 349.12344 ? 1   DG A N1    1 
ATOM   16  C  C2    . DG A 1 1  ? -16.24241 -16.71552 25.04029  1.000 343.05166 ? 1   DG A C2    1 
ATOM   17  N  N2    . DG A 1 1  ? -15.16615 -17.11776 25.73128  1.000 344.91767 ? 1   DG A N2    1 
ATOM   18  N  N3    . DG A 1 1  ? -16.79475 -15.53209 25.30224  1.000 336.19820 ? 1   DG A N3    1 
ATOM   19  C  C4    . DG A 1 1  ? -17.86828 -15.29014 24.51260  1.000 336.00871 ? 1   DG A C4    1 
ATOM   20  P  P     . DA A 1 2  ? -15.20436 -9.51684  24.84331  1.000 327.02605 ? 2   DA A P     1 
ATOM   21  O  OP1   . DA A 1 2  ? -15.06320 -8.04299  24.83094  1.000 353.21340 ? 2   DA A OP1   1 
ATOM   22  O  OP2   . DA A 1 2  ? -14.84978 -10.27203 23.62443  1.000 317.14855 ? 2   DA A OP2   1 
ATOM   23  O  "O5'" . DA A 1 2  ? -14.37275 -10.08973 26.08107  1.000 327.72350 ? 2   DA A "O5'" 1 
ATOM   24  C  "C5'" . DA A 1 2  ? -12.97111 -10.14358 26.02559  1.000 333.55578 ? 2   DA A "C5'" 1 
ATOM   25  C  "C4'" . DA A 1 2  ? -12.51003 -11.54057 25.67911  1.000 333.89793 ? 2   DA A "C4'" 1 
ATOM   26  O  "O4'" . DA A 1 2  ? -13.62766 -12.31510 25.13637  1.000 316.32477 ? 2   DA A "O4'" 1 
ATOM   27  C  "C3'" . DA A 1 2  ? -11.40460 -11.59871 24.61016  1.000 325.20741 ? 2   DA A "C3'" 1 
ATOM   28  O  "O3'" . DA A 1 2  ? -10.35555 -12.51411 25.00887  1.000 321.14640 ? 2   DA A "O3'" 1 
ATOM   29  C  "C2'" . DA A 1 2  ? -12.16352 -12.10953 23.38597  1.000 333.71106 ? 2   DA A "C2'" 1 
ATOM   30  C  "C1'" . DA A 1 2  ? -13.11227 -13.06400 24.07100  1.000 333.99004 ? 2   DA A "C1'" 1 
ATOM   31  N  N9    . DA A 1 2  ? -14.16082 -13.60922 23.20760  1.000 328.37621 ? 2   DA A N9    1 
ATOM   32  C  C8    . DA A 1 2  ? -15.29799 -12.99510 22.76458  1.000 331.84505 ? 2   DA A C8    1 
ATOM   33  N  N7    . DA A 1 2  ? -16.03389 -13.75001 21.97723  1.000 314.43507 ? 2   DA A N7    1 
ATOM   34  C  C5    . DA A 1 2  ? -15.31863 -14.93508 21.88799  1.000 309.30551 ? 2   DA A C5    1 
ATOM   35  C  C6    . DA A 1 2  ? -15.55399 -16.14885 21.20149  1.000 317.55386 ? 2   DA A C6    1 
ATOM   36  N  N6    . DA A 1 2  ? -16.62921 -16.36970 20.44054  1.000 321.54645 ? 2   DA A N6    1 
ATOM   37  N  N1    . DA A 1 2  ? -14.63564 -17.12885 21.32818  1.000 322.41760 ? 2   DA A N1    1 
ATOM   38  C  C2    . DA A 1 2  ? -13.55945 -16.91093 22.09125  1.000 319.14616 ? 2   DA A C2    1 
ATOM   39  N  N3    . DA A 1 2  ? -13.23079 -15.81961 22.77855  1.000 321.70436 ? 2   DA A N3    1 
ATOM   40  C  C4    . DA A 1 2  ? -14.16119 -14.86058 22.63410  1.000 320.35683 ? 2   DA A C4    1 
ATOM   41  P  P     . DG A 1 3  ? -9.70347  -13.51150 23.92282  1.000 352.26329 ? 3   DG A P     1 
ATOM   42  O  OP1   . DG A 1 3  ? -9.29279  -12.69589 22.75360  1.000 334.60854 ? 3   DG A OP1   1 
ATOM   43  O  OP2   . DG A 1 3  ? -10.61549 -14.67245 23.80057  1.000 385.40147 ? 3   DG A OP2   1 
ATOM   44  O  "O5'" . DG A 1 3  ? -8.37902  -14.09847 24.60620  1.000 360.77484 ? 3   DG A "O5'" 1 
ATOM   45  C  "C5'" . DG A 1 3  ? -8.04326  -15.50319 24.45064  1.000 365.76491 ? 3   DG A "C5'" 1 
ATOM   46  C  "C4'" . DG A 1 3  ? -7.82649  -15.89502 22.98222  1.000 360.73272 ? 3   DG A "C4'" 1 
ATOM   47  O  "O4'" . DG A 1 3  ? -9.09565  -16.15333 22.34077  1.000 348.08647 ? 3   DG A "O4'" 1 
ATOM   48  C  "C3'" . DG A 1 3  ? -7.11292  -14.85614 22.12020  1.000 352.47121 ? 3   DG A "C3'" 1 
ATOM   49  O  "O3'" . DG A 1 3  ? -5.73105  -15.24372 21.90693  1.000 360.79589 ? 3   DG A "O3'" 1 
ATOM   50  C  "C2'" . DG A 1 3  ? -7.94614  -14.76805 20.81767  1.000 341.87783 ? 3   DG A "C2'" 1 
ATOM   51  C  "C1'" . DG A 1 3  ? -9.00123  -15.86653 20.96664  1.000 340.62768 ? 3   DG A "C1'" 1 
ATOM   52  N  N9    . DG A 1 3  ? -10.33646 -15.48275 20.47729  1.000 333.50841 ? 3   DG A N9    1 
ATOM   53  C  C8    . DG A 1 3  ? -11.02975 -14.33003 20.76908  1.000 325.77853 ? 3   DG A C8    1 
ATOM   54  N  N7    . DG A 1 3  ? -12.20246 -14.26473 20.19421  1.000 319.25407 ? 3   DG A N7    1 
ATOM   55  C  C5    . DG A 1 3  ? -12.29763 -15.44752 19.47671  1.000 327.20502 ? 3   DG A C5    1 
ATOM   56  C  C6    . DG A 1 3  ? -13.34432 -15.93933 18.65588  1.000 320.60423 ? 3   DG A C6    1 
ATOM   57  O  O6    . DG A 1 3  ? -14.42983 -15.39785 18.39396  1.000 318.26448 ? 3   DG A O6    1 
ATOM   58  N  N1    . DG A 1 3  ? -13.03754 -17.18382 18.11409  1.000 326.79181 ? 3   DG A N1    1 
ATOM   59  C  C2    . DG A 1 3  ? -11.86444 -17.87264 18.33663  1.000 328.99997 ? 3   DG A C2    1 
ATOM   60  N  N2    . DG A 1 3  ? -11.74272 -19.06166 17.73082  1.000 337.02988 ? 3   DG A N2    1 
ATOM   61  N  N3    . DG A 1 3  ? -10.87583 -17.42621 19.10301  1.000 330.43172 ? 3   DG A N3    1 
ATOM   62  C  C4    . DG A 1 3  ? -11.15919 -16.21735 19.64160  1.000 334.00847 ? 3   DG A C4    1 
ATOM   63  P  P     . DC A 1 4  ? -5.27119  -16.11299 20.63276  1.000 376.14247 ? 4   DC A P     1 
ATOM   64  O  OP1   . DC A 1 4  ? -6.17248  -17.28501 20.52758  1.000 375.33974 ? 4   DC A OP1   1 
ATOM   65  O  OP2   . DC A 1 4  ? -3.81795  -16.36148 20.77353  1.000 353.40553 ? 4   DC A OP2   1 
ATOM   66  O  "O5'" . DC A 1 4  ? -5.44291  -15.10079 19.40131  1.000 364.92007 ? 4   DC A "O5'" 1 
ATOM   67  C  "C5'" . DC A 1 4  ? -4.95530  -15.43383 18.11851  1.000 359.97211 ? 4   DC A "C5'" 1 
ATOM   68  C  "C4'" . DC A 1 4  ? -5.68401  -16.63735 17.55618  1.000 357.72973 ? 4   DC A "C4'" 1 
ATOM   69  O  "O4'" . DC A 1 4  ? -7.05725  -16.64952 18.01635  1.000 339.86707 ? 4   DC A "O4'" 1 
ATOM   70  C  "C3'" . DC A 1 4  ? -5.80134  -16.65566 16.05355  1.000 355.76897 ? 4   DC A "C3'" 1 
ATOM   71  O  "O3'" . DC A 1 4  ? -4.55282  -17.09512 15.45893  1.000 358.59826 ? 4   DC A "O3'" 1 
ATOM   72  C  "C2'" . DC A 1 4  ? -6.96356  -17.62446 15.85210  1.000 349.41558 ? 4   DC A "C2'" 1 
ATOM   73  C  "C1'" . DC A 1 4  ? -7.87400  -17.28172 17.04021  1.000 341.52253 ? 4   DC A "C1'" 1 
ATOM   74  N  N1    . DC A 1 4  ? -9.04038  -16.36574 16.71500  1.000 338.83273 ? 4   DC A N1    1 
ATOM   75  C  C2    . DC A 1 4  ? -10.04160 -16.77757 15.81649  1.000 333.39524 ? 4   DC A C2    1 
ATOM   76  O  O2    . DC A 1 4  ? -9.95197  -17.88556 15.27191  1.000 333.77949 ? 4   DC A O2    1 
ATOM   77  N  N3    . DC A 1 4  ? -11.08419 -15.93915 15.56122  1.000 329.41318 ? 4   DC A N3    1 
ATOM   78  C  C4    . DC A 1 4  ? -11.15334 -14.75247 16.16624  1.000 331.93717 ? 4   DC A C4    1 
ATOM   79  N  N4    . DC A 1 4  ? -12.19461 -13.95307 15.88440  1.000 333.56631 ? 4   DC A N4    1 
ATOM   80  C  C5    . DC A 1 4  ? -10.15029 -14.32085 17.08553  1.000 328.41043 ? 4   DC A C5    1 
ATOM   81  C  C6    . DC A 1 4  ? -9.12870  -15.15012 17.33095  1.000 335.40600 ? 4   DC A C6    1 
ATOM   82  P  P     . DA A 1 5  ? -4.23179  -18.64465 15.15773  1.000 411.58356 ? 5   DA A P     1 
ATOM   83  O  OP1   . DA A 1 5  ? -4.62362  -19.48625 16.31175  1.000 426.12478 ? 5   DA A OP1   1 
ATOM   84  O  OP2   . DA A 1 5  ? -2.82416  -18.68549 14.70024  1.000 406.34609 ? 5   DA A OP2   1 
ATOM   85  O  "O5'" . DA A 1 5  ? -5.12935  -18.98085 13.87832  1.000 388.20181 ? 5   DA A "O5'" 1 
ATOM   86  C  "C5'" . DA A 1 5  ? -5.19996  -20.30626 13.38734  1.000 385.85416 ? 5   DA A "C5'" 1 
ATOM   87  C  "C4'" . DA A 1 5  ? -5.96789  -20.34981 12.07862  1.000 385.96733 ? 5   DA A "C4'" 1 
ATOM   88  O  "O4'" . DA A 1 5  ? -7.24505  -19.67350 12.23840  1.000 383.85392 ? 5   DA A "O4'" 1 
ATOM   89  C  "C3'" . DA A 1 5  ? -5.27529  -19.67005 10.90058  1.000 384.25660 ? 5   DA A "C3'" 1 
ATOM   90  O  "O3'" . DA A 1 5  ? -5.47892  -20.43427 9.71888   1.000 384.43030 ? 5   DA A "O3'" 1 
ATOM   91  C  "C2'" . DA A 1 5  ? -5.97078  -18.31181 10.82335  1.000 383.59336 ? 5   DA A "C2'" 1 
ATOM   92  C  "C1'" . DA A 1 5  ? -7.38406  -18.66773 11.25348  1.000 386.63320 ? 5   DA A "C1'" 1 
ATOM   93  N  N9    . DA A 1 5  ? -8.11093  -17.54697 11.84519  1.000 391.62064 ? 5   DA A N9    1 
ATOM   94  C  C8    . DA A 1 5  ? -7.72227  -16.80188 12.91541  1.000 395.15264 ? 5   DA A C8    1 
ATOM   95  N  N7    . DA A 1 5  ? -8.56863  -15.86048 13.24712  1.000 393.50244 ? 5   DA A N7    1 
ATOM   96  C  C5    . DA A 1 5  ? -9.58853  -15.99359 12.32428  1.000 391.40746 ? 5   DA A C5    1 
ATOM   97  C  C6    . DA A 1 5  ? -10.78857 -15.28403 12.13314  1.000 382.01159 ? 5   DA A C6    1 
ATOM   98  N  N6    . DA A 1 5  ? -11.16311 -14.26060 12.90418  1.000 389.05454 ? 5   DA A N6    1 
ATOM   99  N  N1    . DA A 1 5  ? -11.58690 -15.66860 11.11629  1.000 366.82293 ? 5   DA A N1    1 
ATOM   100 C  C2    . DA A 1 5  ? -11.20265 -16.69530 10.34669  1.000 372.70784 ? 5   DA A C2    1 
ATOM   101 N  N3    . DA A 1 5  ? -10.09825 -17.43753 10.43087  1.000 374.42647 ? 5   DA A N3    1 
ATOM   102 C  C4    . DA A 1 5  ? -9.32866  -17.03268 11.45340  1.000 387.50962 ? 5   DA A C4    1 
ATOM   103 P  P     . DG A 1 6  ? -4.93107  -19.90730 8.30301   1.000 390.57578 ? 6   DG A P     1 
ATOM   104 O  OP1   . DG A 1 6  ? -4.75207  -21.08940 7.42924   1.000 390.67842 ? 6   DG A OP1   1 
ATOM   105 O  OP2   . DG A 1 6  ? -3.77984  -19.01071 8.56116   1.000 374.14486 ? 6   DG A OP2   1 
ATOM   106 O  "O5'" . DG A 1 6  ? -6.13531  -19.01528 7.73178   1.000 380.69301 ? 6   DG A "O5'" 1 
ATOM   107 C  "C5'" . DG A 1 6  ? -7.38473  -19.62090 7.40629   1.000 386.28579 ? 6   DG A "C5'" 1 
ATOM   108 C  "C4'" . DG A 1 6  ? -8.20426  -18.71321 6.50455   1.000 382.39322 ? 6   DG A "C4'" 1 
ATOM   109 O  "O4'" . DG A 1 6  ? -8.97991  -17.79748 7.31588   1.000 385.32252 ? 6   DG A "O4'" 1 
ATOM   110 C  "C3'" . DG A 1 6  ? -7.37892  -17.85957 5.54186   1.000 379.71658 ? 6   DG A "C3'" 1 
ATOM   111 O  "O3'" . DG A 1 6  ? -7.85209  -18.00908 4.21254   1.000 383.01961 ? 6   DG A "O3'" 1 
ATOM   112 C  "C2'" . DG A 1 6  ? -7.55644  -16.42760 6.04951   1.000 373.61848 ? 6   DG A "C2'" 1 
ATOM   113 C  "C1'" . DG A 1 6  ? -8.87065  -16.48889 6.81165   1.000 384.20396 ? 6   DG A "C1'" 1 
ATOM   114 N  N9    . DG A 1 6  ? -8.89897  -15.56567 7.93742   1.000 384.20133 ? 6   DG A N9    1 
ATOM   115 C  C8    . DG A 1 6  ? -8.06284  -15.57216 9.02658   1.000 381.44573 ? 6   DG A C8    1 
ATOM   116 N  N7    . DG A 1 6  ? -8.31290  -14.61980 9.87901   1.000 385.36726 ? 6   DG A N7    1 
ATOM   117 C  C5    . DG A 1 6  ? -9.37842  -13.93508 9.31887   1.000 380.48773 ? 6   DG A C5    1 
ATOM   118 C  C6    . DG A 1 6  ? -10.07522 -12.80140 9.79087   1.000 373.97115 ? 6   DG A C6    1 
ATOM   119 O  O6    . DG A 1 6  ? -9.88567  -12.16516 10.83566  1.000 377.27155 ? 6   DG A O6    1 
ATOM   120 N  N1    . DG A 1 6  ? -11.08656 -12.41924 8.91554   1.000 368.70473 ? 6   DG A N1    1 
ATOM   121 C  C2    . DG A 1 6  ? -11.38757 -13.05361 7.73145   1.000 369.74433 ? 6   DG A C2    1 
ATOM   122 N  N2    . DG A 1 6  ? -12.39969 -12.53773 7.01807   1.000 371.06554 ? 6   DG A N2    1 
ATOM   123 N  N3    . DG A 1 6  ? -10.73691 -14.11781 7.27538   1.000 370.43389 ? 6   DG A N3    1 
ATOM   124 C  C4    . DG A 1 6  ? -9.75075  -14.50330 8.11990   1.000 380.55352 ? 6   DG A C4    1 
ATOM   125 P  P     . DC A 1 7  ? -7.14219  -17.20638 3.01420   1.000 323.70197 ? 7   DC A P     1 
ATOM   126 O  OP1   . DC A 1 7  ? -7.35940  -17.96898 1.76320   1.000 331.15813 ? 7   DC A OP1   1 
ATOM   127 O  OP2   . DC A 1 7  ? -5.76023  -16.88165 3.44200   1.000 316.77219 ? 7   DC A OP2   1 
ATOM   128 O  "O5'" . DC A 1 7  ? -7.96122  -15.83364 2.94439   1.000 317.46175 ? 7   DC A "O5'" 1 
ATOM   129 C  "C5'" . DC A 1 7  ? -9.38143  -15.85016 2.93495   1.000 322.58078 ? 7   DC A "C5'" 1 
ATOM   130 C  "C4'" . DC A 1 7  ? -9.92978  -14.43984 2.86863   1.000 315.80892 ? 7   DC A "C4'" 1 
ATOM   131 O  "O4'" . DC A 1 7  ? -9.90191  -13.83990 4.19079   1.000 319.78308 ? 7   DC A "O4'" 1 
ATOM   132 C  "C3'" . DC A 1 7  ? -9.14628  -13.48463 1.95515   1.000 314.84038 ? 7   DC A "C3'" 1 
ATOM   133 O  "O3'" . DC A 1 7  ? -10.04291 -12.76341 1.11465   1.000 319.56200 ? 7   DC A "O3'" 1 
ATOM   134 C  "C2'" . DC A 1 7  ? -8.44083  -12.55719 2.94453   1.000 314.80880 ? 7   DC A "C2'" 1 
ATOM   135 C  "C1'" . DC A 1 7  ? -9.46789  -12.51295 4.05426   1.000 321.36221 ? 7   DC A "C1'" 1 
ATOM   136 N  N1    . DC A 1 7  ? -8.94650  -12.01587 5.36242   1.000 322.44129 ? 7   DC A N1    1 
ATOM   137 C  C2    . DC A 1 7  ? -9.43286  -10.80945 5.86192   1.000 322.03335 ? 7   DC A C2    1 
ATOM   138 O  O2    . DC A 1 7  ? -10.28125 -10.19446 5.20632   1.000 316.00105 ? 7   DC A O2    1 
ATOM   139 N  N3    . DC A 1 7  ? -8.97107  -10.34813 7.04717   1.000 328.31305 ? 7   DC A N3    1 
ATOM   140 C  C4    . DC A 1 7  ? -8.05535  -11.04665 7.72051   1.000 331.39763 ? 7   DC A C4    1 
ATOM   141 N  N4    . DC A 1 7  ? -7.63084  -10.55067 8.88853   1.000 348.73918 ? 7   DC A N4    1 
ATOM   142 C  C5    . DC A 1 7  ? -7.53947  -12.28366 7.22619   1.000 323.96253 ? 7   DC A C5    1 
ATOM   143 C  C6    . DC A 1 7  ? -8.00971  -12.72870 6.05212   1.000 324.04412 ? 7   DC A C6    1 
ATOM   144 P  P     . DC A 1 8  ? -9.56714  -12.25939 -0.33676  1.000 369.10478 ? 8   DC A P     1 
ATOM   145 O  OP1   . DC A 1 8  ? -9.84221  -13.34712 -1.30246  1.000 361.44597 ? 8   DC A OP1   1 
ATOM   146 O  OP2   . DC A 1 8  ? -8.18412  -11.74609 -0.20722  1.000 367.97307 ? 8   DC A OP2   1 
ATOM   147 O  "O5'" . DC A 1 8  ? -10.54812 -11.03299 -0.65828  1.000 355.15048 ? 8   DC A "O5'" 1 
ATOM   148 C  "C5'" . DC A 1 8  ? -10.18121 -9.70245  -0.29740  1.000 356.19534 ? 8   DC A "C5'" 1 
ATOM   149 C  "C4'" . DC A 1 8  ? -11.39009 -8.91542  0.19098   1.000 363.93311 ? 8   DC A "C4'" 1 
ATOM   150 O  "O4'" . DC A 1 8  ? -11.54998 -9.09307  1.62139   1.000 370.97343 ? 8   DC A "O4'" 1 
ATOM   151 C  "C3'" . DC A 1 8  ? -11.33672 -7.41102  -0.07934  1.000 374.71072 ? 8   DC A "C3'" 1 
ATOM   152 O  "O3'" . DC A 1 8  ? -12.41836 -7.05267  -0.97429  1.000 384.30660 ? 8   DC A "O3'" 1 
ATOM   153 C  "C2'" . DC A 1 8  ? -11.45575 -6.73992  1.30078   1.000 376.77412 ? 8   DC A "C2'" 1 
ATOM   154 C  "C1'" . DC A 1 8  ? -11.33015 -7.88063  2.30749   1.000 381.99054 ? 8   DC A "C1'" 1 
ATOM   155 N  N1    . DC A 1 8  ? -10.00312 -7.96610  3.05982   1.000 377.40841 ? 8   DC A N1    1 
ATOM   156 C  C2    . DC A 1 8  ? -9.70396  -7.04796  4.08515   1.000 376.93467 ? 8   DC A C2    1 
ATOM   157 O  O2    . DC A 1 8  ? -10.50102 -6.13813  4.34906   1.000 383.99078 ? 8   DC A O2    1 
ATOM   158 N  N3    . DC A 1 8  ? -8.52603  -7.17575  4.75238   1.000 369.53378 ? 8   DC A N3    1 
ATOM   159 C  C4    . DC A 1 8  ? -7.68357  -8.16391  4.44846   1.000 366.09126 ? 8   DC A C4    1 
ATOM   160 N  N4    . DC A 1 8  ? -6.54061  -8.24640  5.13749   1.000 371.63140 ? 8   DC A N4    1 
ATOM   161 C  C5    . DC A 1 8  ? -7.97382  -9.10849  3.42738   1.000 358.47982 ? 8   DC A C5    1 
ATOM   162 C  C6    . DC A 1 8  ? -9.13174  -8.97941  2.77400   1.000 361.53808 ? 8   DC A C6    1 
ATOM   163 P  P     . DT A 1 9  ? -13.03179 -5.56292  -1.03486  1.000 389.45459 ? 9   DT A P     1 
ATOM   164 O  OP1   . DT A 1 9  ? -13.88899 -5.37783  0.16097   1.000 384.04868 ? 9   DT A OP1   1 
ATOM   165 O  OP2   . DT A 1 9  ? -13.65653 -5.41344  -2.36748  1.000 398.99521 ? 9   DT A OP2   1 
ATOM   166 O  "O5'" . DT A 1 9  ? -11.75741 -4.58807  -1.03244  1.000 383.80654 ? 9   DT A "O5'" 1 
ATOM   167 C  "C5'" . DT A 1 9  ? -11.92312 -3.18704  -1.32145  1.000 387.97283 ? 9   DT A "C5'" 1 
ATOM   168 C  "C4'" . DT A 1 9  ? -12.78679 -2.51951  -0.26008  1.000 386.33053 ? 9   DT A "C4'" 1 
ATOM   169 O  "O4'" . DT A 1 9  ? -12.57849 -3.17998  1.01165   1.000 389.67830 ? 9   DT A "O4'" 1 
ATOM   170 C  "C3'" . DT A 1 9  ? -12.53442 -1.02626  -0.04582  1.000 388.31235 ? 9   DT A "C3'" 1 
ATOM   171 O  "O3'" . DT A 1 9  ? -13.75095 -0.29267  -0.24628  1.000 391.69170 ? 9   DT A "O3'" 1 
ATOM   172 C  "C2'" . DT A 1 9  ? -12.05021 -0.90047  1.41060   1.000 384.51452 ? 9   DT A "C2'" 1 
ATOM   173 C  "C1'" . DT A 1 9  ? -11.91862 -2.33146  1.91823   1.000 383.42755 ? 9   DT A "C1'" 1 
ATOM   174 N  N1    . DT A 1 9  ? -10.49371 -2.81978  2.12110   1.000 378.73225 ? 9   DT A N1    1 
ATOM   175 C  C2    . DT A 1 9  ? -9.73635  -2.30465  3.14852   1.000 378.49801 ? 9   DT A C2    1 
ATOM   176 O  O2    . DT A 1 9  ? -10.13480 -1.43543  3.90310   1.000 392.49706 ? 9   DT A O2    1 
ATOM   177 N  N3    . DT A 1 9  ? -8.47457  -2.83566  3.24955   1.000 371.64719 ? 9   DT A N3    1 
ATOM   178 C  C4    . DT A 1 9  ? -7.91023  -3.81771  2.45950   1.000 365.14904 ? 9   DT A C4    1 
ATOM   179 O  O4    . DT A 1 9  ? -6.76684  -4.22825  2.63812   1.000 357.37969 ? 9   DT A O4    1 
ATOM   180 C  C5    . DT A 1 9  ? -8.75830  -4.32417  1.41466   1.000 368.71526 ? 9   DT A C5    1 
ATOM   181 C  C7    . DT A 1 9  ? -8.25689  -5.39399  0.48809   1.000 365.54646 ? 9   DT A C7    1 
ATOM   182 C  C6    . DT A 1 9  ? -9.99132  -3.80959  1.30192   1.000 377.99006 ? 9   DT A C6    1 
ATOM   183 P  P     . DG A 1 10 ? -13.84396 0.91289   -1.31363  1.000 321.64646 ? 10  DG A P     1 
ATOM   184 O  OP1   . DG A 1 10 ? -14.72745 1.94530   -0.72479  1.000 303.46007 ? 10  DG A OP1   1 
ATOM   185 O  OP2   . DG A 1 10 ? -14.15959 0.33550   -2.64050  1.000 357.41127 ? 10  DG A OP2   1 
ATOM   186 O  "O5'" . DG A 1 10 ? -12.36648 1.51891   -1.38800  1.000 303.76537 ? 10  DG A "O5'" 1 
ATOM   187 C  "C5'" . DG A 1 10 ? -12.13492 2.88088   -1.02256  1.000 296.23025 ? 10  DG A "C5'" 1 
ATOM   188 C  "C4'" . DG A 1 10 ? -11.64572 2.95418   0.40686   1.000 280.84157 ? 10  DG A "C4'" 1 
ATOM   189 O  "O4'" . DG A 1 10 ? -10.92745 1.75197   0.69192   1.000 296.07497 ? 10  DG A "O4'" 1 
ATOM   190 C  "C3'" . DG A 1 10 ? -10.67054 4.09017   0.70613   1.000 266.51880 ? 10  DG A "C3'" 1 
ATOM   191 O  "O3'" . DG A 1 10 ? -11.34546 5.14046   1.38762   1.000 260.19962 ? 10  DG A "O3'" 1 
ATOM   192 C  "C2'" . DG A 1 10 ? -9.58503  3.44754   1.59673   1.000 270.43769 ? 10  DG A "C2'" 1 
ATOM   193 C  "C1'" . DG A 1 10 ? -10.01940 1.99242   1.72121   1.000 293.44571 ? 10  DG A "C1'" 1 
ATOM   194 N  N9    . DG A 1 10 ? -8.94080  1.00319   1.61773   1.000 294.25370 ? 10  DG A N9    1 
ATOM   195 C  C8    . DG A 1 10 ? -8.93500  -0.12237  0.82105   1.000 296.50660 ? 10  DG A C8    1 
ATOM   196 N  N7    . DG A 1 10 ? -7.86304  -0.85111  0.94893   1.000 291.12175 ? 10  DG A N7    1 
ATOM   197 C  C5    . DG A 1 10 ? -7.10368  -0.17285  1.89360   1.000 294.92220 ? 10  DG A C5    1 
ATOM   198 C  C6    . DG A 1 10 ? -5.83543  -0.48542  2.42863   1.000 295.31436 ? 10  DG A C6    1 
ATOM   199 O  O6    . DG A 1 10 ? -5.10830  -1.45596  2.18450   1.000 302.45732 ? 10  DG A O6    1 
ATOM   200 N  N1    . DG A 1 10 ? -5.42510  0.46295   3.36074   1.000 294.69849 ? 10  DG A N1    1 
ATOM   201 C  C2    . DG A 1 10 ? -6.14682  1.57334   3.72441   1.000 284.89732 ? 10  DG A C2    1 
ATOM   202 N  N2    . DG A 1 10 ? -5.57997  2.37260   4.63938   1.000 276.88846 ? 10  DG A N2    1 
ATOM   203 N  N3    . DG A 1 10 ? -7.33766  1.88318   3.22997   1.000 273.48805 ? 10  DG A N3    1 
ATOM   204 C  C4    . DG A 1 10 ? -7.75585  0.96613   2.31915   1.000 289.48997 ? 10  DG A C4    1 
ATOM   205 P  P     . DT A 1 11 ? -11.44462 6.60926   0.73696   1.000 242.67646 ? 11  DT A P     1 
ATOM   206 O  OP1   . DT A 1 11 ? -12.88559 6.87855   0.51001   1.000 250.84850 ? 11  DT A OP1   1 
ATOM   207 O  OP2   . DT A 1 11 ? -10.49364 6.69713   -0.39823  1.000 228.96166 ? 11  DT A OP2   1 
ATOM   208 O  "O5'" . DT A 1 11 ? -10.91169 7.57677   1.89675   1.000 245.88474 ? 11  DT A "O5'" 1 
ATOM   209 C  "C5'" . DT A 1 11 ? -10.02254 8.63387   1.57984   1.000 230.08285 ? 11  DT A "C5'" 1 
ATOM   210 C  "C4'" . DT A 1 11 ? -8.63540  8.35474   2.12191   1.000 216.59965 ? 11  DT A "C4'" 1 
ATOM   211 O  "O4'" . DT A 1 11 ? -8.29736  6.94214   1.94223   1.000 218.44198 ? 11  DT A "O4'" 1 
ATOM   212 C  "C3'" . DT A 1 11 ? -7.50234  9.14980   1.43952   1.000 208.10127 ? 11  DT A "C3'" 1 
ATOM   213 O  "O3'" . DT A 1 11 ? -6.64050  9.79902   2.45295   1.000 201.58206 ? 11  DT A "O3'" 1 
ATOM   214 C  "C2'" . DT A 1 11 ? -6.77130  8.06141   0.63576   1.000 211.88593 ? 11  DT A "C2'" 1 
ATOM   215 C  "C1'" . DT A 1 11 ? -6.93991  6.89976   1.59021   1.000 226.99037 ? 11  DT A "C1'" 1 
ATOM   216 N  N1    . DT A 1 11 ? -6.51965  5.54059   1.08697   1.000 248.29030 ? 11  DT A N1    1 
ATOM   217 C  C2    . DT A 1 11 ? -5.43373  4.92987   1.68230   1.000 243.18705 ? 11  DT A C2    1 
ATOM   218 O  O2    . DT A 1 11 ? -4.79852  5.43946   2.58957   1.000 251.08010 ? 11  DT A O2    1 
ATOM   219 N  N3    . DT A 1 11 ? -5.11421  3.69868   1.17844   1.000 252.21971 ? 11  DT A N3    1 
ATOM   220 C  C4    . DT A 1 11 ? -5.75636  3.02425   0.15795   1.000 266.86884 ? 11  DT A C4    1 
ATOM   221 O  O4    . DT A 1 11 ? -5.39375  1.91406   -0.22380  1.000 279.32560 ? 11  DT A O4    1 
ATOM   222 C  C5    . DT A 1 11 ? -6.88400  3.71624   -0.42936  1.000 267.07150 ? 11  DT A C5    1 
ATOM   223 C  C7    . DT A 1 11 ? -7.65802  3.07965   -1.54634  1.000 277.50169 ? 11  DT A C7    1 
ATOM   224 C  C6    . DT A 1 11 ? -7.20077  4.93603   0.05095   1.000 256.25441 ? 11  DT A C6    1 
ATOM   225 P  P     . DC A 1 12 ? -5.07792  9.40730   2.59626   1.000 251.97232 ? 12  DC A P     1 
ATOM   226 O  OP1   . DC A 1 12 ? -4.41950  9.58210   1.27600   1.000 253.23826 ? 12  DC A OP1   1 
ATOM   227 O  OP2   . DC A 1 12 ? -4.94835  8.16458   3.39284   1.000 286.41066 ? 12  DC A OP2   1 
ATOM   228 O  "O5'" . DC A 1 12 ? -4.42027  10.52403  3.51872   1.000 259.24424 ? 12  DC A "O5'" 1 
ATOM   229 C  "C5'" . DC A 1 12 ? -3.19873  11.12261  3.09851   1.000 231.37511 ? 12  DC A "C5'" 1 
ATOM   230 C  "C4'" . DC A 1 12 ? -2.01856  10.15492  3.19225   1.000 234.95712 ? 12  DC A "C4'" 1 
ATOM   231 O  "O4'" . DC A 1 12 ? -2.37696  8.81230   2.76755   1.000 247.03488 ? 12  DC A "O4'" 1 
ATOM   232 C  "C3'" . DC A 1 12 ? -0.81941  10.53875  2.32871   1.000 230.61712 ? 12  DC A "C3'" 1 
ATOM   233 O  "O3'" . DC A 1 12 ? 0.19805   11.18125  3.12600   1.000 221.80817 ? 12  DC A "O3'" 1 
ATOM   234 C  "C2'" . DC A 1 12 ? -0.34814  9.21760   1.68748   1.000 248.86405 ? 12  DC A "C2'" 1 
ATOM   235 C  "C1'" . DC A 1 12 ? -1.20248  8.15295   2.37981   1.000 250.61163 ? 12  DC A "C1'" 1 
ATOM   236 N  N1    . DC A 1 12 ? -1.53389  6.93092   1.50856   1.000 257.14662 ? 12  DC A N1    1 
ATOM   237 C  C2    . DC A 1 12 ? -0.72537  5.78239   1.57459   1.000 273.35383 ? 12  DC A C2    1 
ATOM   238 O  O2    . DC A 1 12 ? 0.24389   5.78296   2.34734   1.000 269.94552 ? 12  DC A O2    1 
ATOM   239 N  N3    . DC A 1 12 ? -1.02487  4.69509   0.78681   1.000 292.03238 ? 12  DC A N3    1 
ATOM   240 C  C4    . DC A 1 12 ? -2.07247  4.74354   -0.02357  1.000 293.11146 ? 12  DC A C4    1 
ATOM   241 N  N4    . DC A 1 12 ? -2.32348  3.66508   -0.76614  1.000 309.58975 ? 12  DC A N4    1 
ATOM   242 C  C5    . DC A 1 12 ? -2.90645  5.89816   -0.11107  1.000 276.67001 ? 12  DC A C5    1 
ATOM   243 C  C6    . DC A 1 12 ? -2.60537  6.95439   0.66569   1.000 259.84694 ? 12  DC A C6    1 
ATOM   244 P  P     . DT A 1 13 ? 1.05456   10.38779  4.24218   1.000 254.39103 ? 13  DT A P     1 
ATOM   245 O  OP1   . DT A 1 13 ? 0.26514   9.33459   4.91932   1.000 264.23168 ? 13  DT A OP1   1 
ATOM   246 O  OP2   . DT A 1 13 ? 1.67185   11.44227  5.07889   1.000 237.84957 ? 13  DT A OP2   1 
ATOM   247 O  "O5'" . DT A 1 13 ? 2.24202   9.70600   3.41173   1.000 270.96144 ? 13  DT A "O5'" 1 
ATOM   248 C  "C5'" . DT A 1 13 ? 2.42544   8.27953   3.41844   1.000 278.23073 ? 13  DT A "C5'" 1 
ATOM   249 C  "C4'" . DT A 1 13 ? 3.34885   7.88090   2.28541   1.000 288.01874 ? 13  DT A "C4'" 1 
ATOM   250 O  "O4'" . DT A 1 13 ? 2.64600   7.06458   1.31464   1.000 319.16985 ? 13  DT A "O4'" 1 
ATOM   251 C  "C3'" . DT A 1 13 ? 3.91871   9.06755   1.50867   1.000 272.86956 ? 13  DT A "C3'" 1 
ATOM   252 O  "O3'" . DT A 1 13 ? 5.30409   8.91538   1.38355   1.000 281.90222 ? 13  DT A "O3'" 1 
ATOM   253 C  "C2'" . DT A 1 13 ? 3.21318   8.98953   0.15047   1.000 298.96742 ? 13  DT A "C2'" 1 
ATOM   254 C  "C1'" . DT A 1 13 ? 2.98958   7.49640   0.01747   1.000 315.30359 ? 13  DT A "C1'" 1 
ATOM   255 N  N1    . DT A 1 13 ? 1.87805   7.12899   -0.90812  1.000 300.51235 ? 13  DT A N1    1 
ATOM   256 C  C2    . DT A 1 13 ? 1.90458   5.91075   -1.53911  1.000 320.17260 ? 13  DT A C2    1 
ATOM   257 O  O2    . DT A 1 13 ? 2.80479   5.10412   -1.39468  1.000 330.20801 ? 13  DT A O2    1 
ATOM   258 N  N3    . DT A 1 13 ? 0.83186   5.66585   -2.35411  1.000 326.91814 ? 13  DT A N3    1 
ATOM   259 C  C4    . DT A 1 13 ? -0.24274  6.49480   -2.59563  1.000 316.31687 ? 13  DT A C4    1 
ATOM   260 O  O4    . DT A 1 13 ? -1.15761  6.17876   -3.34875  1.000 322.34918 ? 13  DT A O4    1 
ATOM   261 C  C5    . DT A 1 13 ? -0.21071  7.75621   -1.89980  1.000 297.03825 ? 13  DT A C5    1 
ATOM   262 C  C7    . DT A 1 13 ? -1.32264  8.74422   -2.08229  1.000 285.11050 ? 13  DT A C7    1 
ATOM   263 C  C6    . DT A 1 13 ? 0.83809   8.01078   -1.10298  1.000 289.96898 ? 13  DT A C6    1 
ATOM   264 P  P     . DG A 1 14 ? 6.28581   9.34845   2.58010   1.000 236.47835 ? 14  DG A P     1 
ATOM   265 O  OP1   . DG A 1 14 ? 5.49692   9.46268   3.83232   1.000 225.53230 ? 14  DG A OP1   1 
ATOM   266 O  OP2   . DG A 1 14 ? 7.03829   10.52431  2.07930   1.000 234.74657 ? 14  DG A OP2   1 
ATOM   267 O  "O5'" . DG A 1 14 ? 7.29203   8.09937   2.72046   1.000 250.20368 ? 14  DG A "O5'" 1 
ATOM   268 C  "C5'" . DG A 1 14 ? 8.61246   8.16370   2.15981   1.000 263.79742 ? 14  DG A "C5'" 1 
ATOM   269 C  "C4'" . DG A 1 14 ? 9.14499   6.77507   1.81730   1.000 276.26207 ? 14  DG A "C4'" 1 
ATOM   270 O  "O4'" . DG A 1 14 ? 8.18575   6.07747   0.98308   1.000 286.00534 ? 14  DG A "O4'" 1 
ATOM   271 C  "C3'" . DG A 1 14 ? 10.40782  6.77377   0.98527   1.000 268.99804 ? 14  DG A "C3'" 1 
ATOM   272 O  "O3'" . DG A 1 14 ? 11.04460  5.49206   1.04866   1.000 279.26769 ? 14  DG A "O3'" 1 
ATOM   273 C  "C2'" . DG A 1 14 ? 9.84008   7.04660   -0.40160  1.000 285.81322 ? 14  DG A "C2'" 1 
ATOM   274 C  "C1'" . DG A 1 14 ? 8.53476   6.24151   -0.38732  1.000 290.87435 ? 14  DG A "C1'" 1 
ATOM   275 N  N9    . DG A 1 14 ? 7.42012   6.92804   -1.03986  1.000 291.98764 ? 14  DG A N9    1 
ATOM   276 C  C8    . DG A 1 14 ? 6.94798   8.17076   -0.72097  1.000 281.57850 ? 14  DG A C8    1 
ATOM   277 N  N7    . DG A 1 14 ? 5.93143   8.54786   -1.43325  1.000 284.06564 ? 14  DG A N7    1 
ATOM   278 C  C5    . DG A 1 14 ? 5.70534   7.48706   -2.29186  1.000 294.76955 ? 14  DG A C5    1 
ATOM   279 C  C6    . DG A 1 14 ? 4.72874   7.33845   -3.29719  1.000 300.27548 ? 14  DG A C6    1 
ATOM   280 O  O6    . DG A 1 14 ? 3.85099   8.14533   -3.62759  1.000 293.40886 ? 14  DG A O6    1 
ATOM   281 N  N1    . DG A 1 14 ? 4.83717   6.11798   -3.94921  1.000 316.93010 ? 14  DG A N1    1 
ATOM   282 C  C2    . DG A 1 14 ? 5.77169   5.15095   -3.66416  1.000 330.51331 ? 14  DG A C2    1 
ATOM   283 N  N2    . DG A 1 14 ? 5.71089   4.03377   -4.40958  1.000 350.37359 ? 14  DG A N2    1 
ATOM   284 N  N3    . DG A 1 14 ? 6.70468   5.27523   -2.71441  1.000 327.99459 ? 14  DG A N3    1 
ATOM   285 C  C4    . DG A 1 14 ? 6.60973   6.46909   -2.06985  1.000 304.86287 ? 14  DG A C4    1 
ATOM   286 P  P     . DG A 1 15 ? 12.34886  5.18697   0.15512   1.000 255.72803 ? 15  DG A P     1 
ATOM   287 O  OP1   . DG A 1 15 ? 13.10842  4.09716   0.81213   1.000 259.54691 ? 15  DG A OP1   1 
ATOM   288 O  OP2   . DG A 1 15 ? 13.01731  6.48218   -0.10870  1.000 251.58016 ? 15  DG A OP2   1 
ATOM   289 O  "O5'" . DG A 1 15 ? 11.75728  4.65112   -1.23853  1.000 267.22414 ? 15  DG A "O5'" 1 
ATOM   290 C  "C5'" . DG A 1 15 ? 11.58582  3.25073   -1.46530  1.000 288.07401 ? 15  DG A "C5'" 1 
ATOM   291 C  "C4'" . DG A 1 15 ? 11.79736  2.90699   -2.93527  1.000 297.73043 ? 15  DG A "C4'" 1 
ATOM   292 O  "O4'" . DG A 1 15 ? 10.68630  3.40909   -3.71350  1.000 293.25095 ? 15  DG A "O4'" 1 
ATOM   293 C  "C3'" . DG A 1 15 ? 13.07698  3.47040   -3.54664  1.000 294.02736 ? 15  DG A "C3'" 1 
ATOM   294 O  "O3'" . DG A 1 15 ? 13.93599  2.42045   -4.09578  1.000 285.20788 ? 15  DG A "O3'" 1 
ATOM   295 C  "C2'" . DG A 1 15 ? 12.63262  4.49020   -4.60357  1.000 301.00188 ? 15  DG A "C2'" 1 
ATOM   296 C  "C1'" . DG A 1 15 ? 11.10727  4.35868   -4.67272  1.000 292.30610 ? 15  DG A "C1'" 1 
ATOM   297 N  N9    . DG A 1 15 ? 10.40359  5.61646   -4.42173  1.000 291.42441 ? 15  DG A N9    1 
ATOM   298 C  C8    . DG A 1 15 ? 10.68391  6.51758   -3.43292  1.000 281.94696 ? 15  DG A C8    1 
ATOM   299 N  N7    . DG A 1 15 ? 9.89551   7.55347   -3.42923  1.000 270.62718 ? 15  DG A N7    1 
ATOM   300 C  C5    . DG A 1 15 ? 9.03267   7.33055   -4.48601  1.000 272.22211 ? 15  DG A C5    1 
ATOM   301 C  C6    . DG A 1 15 ? 7.96673   8.12357   -4.96224  1.000 265.76871 ? 15  DG A C6    1 
ATOM   302 O  O6    . DG A 1 15 ? 7.56832   9.20879   -4.51949  1.000 272.81955 ? 15  DG A O6    1 
ATOM   303 N  N1    . DG A 1 15 ? 7.34285   7.54445   -6.06037  1.000 278.66762 ? 15  DG A N1    1 
ATOM   304 C  C2    . DG A 1 15 ? 7.70411   6.34534   -6.63179  1.000 290.05846 ? 15  DG A C2    1 
ATOM   305 N  N2    . DG A 1 15 ? 6.98093   5.95187   -7.69272  1.000 297.70148 ? 15  DG A N2    1 
ATOM   306 N  N3    . DG A 1 15 ? 8.70782   5.58644   -6.19185  1.000 292.36137 ? 15  DG A N3    1 
ATOM   307 C  C4    . DG A 1 15 ? 9.32627   6.14140   -5.11747  1.000 290.19006 ? 15  DG A C4    1 
ATOM   308 P  P     . DA A 1 16 ? 13.37791  1.18892   -4.97914  1.000 288.21877 ? 16  DA A P     1 
ATOM   309 O  OP1   . DA A 1 16 ? 12.62115  0.24339   -4.12949  1.000 291.68497 ? 16  DA A OP1   1 
ATOM   310 O  OP2   . DA A 1 16 ? 14.55327  0.67469   -5.71598  1.000 283.89720 ? 16  DA A OP2   1 
ATOM   311 O  "O5'" . DA A 1 16 ? 12.40077  1.85267   -6.06182  1.000 299.04901 ? 16  DA A "O5'" 1 
ATOM   312 C  "C5'" . DA A 1 16 ? 11.15539  1.22444   -6.37979  1.000 297.21721 ? 16  DA A "C5'" 1 
ATOM   313 C  "C4'" . DA A 1 16 ? 10.70795  1.55381   -7.80003  1.000 303.00475 ? 16  DA A "C4'" 1 
ATOM   314 O  "O4'" . DA A 1 16 ? 10.13640  2.88691   -7.85809  1.000 303.84959 ? 16  DA A "O4'" 1 
ATOM   315 C  "C3'" . DA A 1 16 ? 11.80385  1.50793   -8.86236  1.000 292.42453 ? 16  DA A "C3'" 1 
ATOM   316 O  "O3'" . DA A 1 16 ? 11.33594  0.77290   -9.98578  1.000 290.18479 ? 16  DA A "O3'" 1 
ATOM   317 C  "C2'" . DA A 1 16 ? 12.04623  2.98750   -9.20059  1.000 285.61846 ? 16  DA A "C2'" 1 
ATOM   318 C  "C1'" . DA A 1 16 ? 10.67502  3.59661   -8.95734  1.000 298.93584 ? 16  DA A "C1'" 1 
ATOM   319 N  N9    . DA A 1 16 ? 10.70536  5.01085   -8.58891  1.000 305.34451 ? 16  DA A N9    1 
ATOM   320 C  C8    . DA A 1 16 ? 11.44077  5.57155   -7.58714  1.000 305.79456 ? 16  DA A C8    1 
ATOM   321 N  N7    . DA A 1 16 ? 11.25445  6.85764   -7.44026  1.000 287.30024 ? 16  DA A N7    1 
ATOM   322 C  C5    . DA A 1 16 ? 10.32994  7.17097   -8.41880  1.000 294.18001 ? 16  DA A C5    1 
ATOM   323 C  C6    . DA A 1 16 ? 9.72693   8.38598   -8.78578  1.000 299.33063 ? 16  DA A C6    1 
ATOM   324 N  N6    . DA A 1 16 ? 9.98215   9.54685   -8.17599  1.000 313.07964 ? 16  DA A N6    1 
ATOM   325 N  N1    . DA A 1 16 ? 8.84528   8.35969   -9.80850  1.000 290.90856 ? 16  DA A N1    1 
ATOM   326 C  C2    . DA A 1 16 ? 8.59116   7.19147   -10.41384 1.000 300.07545 ? 16  DA A C2    1 
ATOM   327 N  N3    . DA A 1 16 ? 9.10018   5.98396   -10.15575 1.000 299.31747 ? 16  DA A N3    1 
ATOM   328 C  C4    . DA A 1 16 ? 9.97258   6.04406   -9.13359  1.000 296.51976 ? 16  DA A C4    1 
ATOM   329 P  P     . DC A 1 17 ? 12.27398  0.56484   -11.27172 1.000 259.84958 ? 17  DC A P     1 
ATOM   330 O  OP1   . DC A 1 17 ? 11.85691  -0.69452  -11.93173 1.000 261.07341 ? 17  DC A OP1   1 
ATOM   331 O  OP2   . DC A 1 17 ? 13.67971  0.73771   -10.83693 1.000 245.69262 ? 17  DC A OP2   1 
ATOM   332 O  "O5'" . DC A 1 17 ? 11.89416  1.80182   -12.21002 1.000 260.32069 ? 17  DC A "O5'" 1 
ATOM   333 C  "C5'" . DC A 1 17 ? 10.52911  2.15050   -12.39230 1.000 271.16146 ? 17  DC A "C5'" 1 
ATOM   334 C  "C4'" . DC A 1 17 ? 10.39118  3.43782   -13.18487 1.000 277.57012 ? 17  DC A "C4'" 1 
ATOM   335 O  "O4'" . DC A 1 17 ? 10.53219  4.58691   -12.30862 1.000 284.73151 ? 17  DC A "O4'" 1 
ATOM   336 C  "C3'" . DC A 1 17 ? 11.41983  3.64071   -14.31045 1.000 262.37620 ? 17  DC A "C3'" 1 
ATOM   337 O  "O3'" . DC A 1 17 ? 10.73454  4.01576   -15.50447 1.000 271.72205 ? 17  DC A "O3'" 1 
ATOM   338 C  "C2'" . DC A 1 17 ? 12.29112  4.78840   -13.77969 1.000 259.26530 ? 17  DC A "C2'" 1 
ATOM   339 C  "C1'" . DC A 1 17 ? 11.24367  5.56641   -13.01651 1.000 268.44534 ? 17  DC A "C1'" 1 
ATOM   340 N  N1    . DC A 1 17 ? 11.76174  6.59746   -12.07039 1.000 281.24162 ? 17  DC A N1    1 
ATOM   341 C  C2    . DC A 1 17 ? 11.29156  7.90356   -12.19246 1.000 292.19819 ? 17  DC A C2    1 
ATOM   342 O  O2    . DC A 1 17 ? 10.47753  8.15531   -13.08760 1.000 289.65841 ? 17  DC A O2    1 
ATOM   343 N  N3    . DC A 1 17 ? 11.73956  8.85190   -11.34062 1.000 285.17103 ? 17  DC A N3    1 
ATOM   344 C  C4    . DC A 1 17 ? 12.62110  8.52854   -10.39307 1.000 272.91693 ? 17  DC A C4    1 
ATOM   345 N  N4    . DC A 1 17 ? 13.03168  9.49916   -9.57168  1.000 285.22894 ? 17  DC A N4    1 
ATOM   346 C  C5    . DC A 1 17 ? 13.11409  7.19385   -10.24447 1.000 262.97364 ? 17  DC A C5    1 
ATOM   347 C  C6    . DC A 1 17 ? 12.65930  6.26656   -11.09719 1.000 271.66415 ? 17  DC A C6    1 
ATOM   348 P  P     . DA A 1 18 ? 11.36902  3.71935   -16.95101 1.000 288.98991 ? 18  DA A P     1 
ATOM   349 O  OP1   . DA A 1 18 ? 10.83029  2.42612   -17.43047 1.000 266.01611 ? 18  DA A OP1   1 
ATOM   350 O  OP2   . DA A 1 18 ? 12.83439  3.91640   -16.84908 1.000 271.09829 ? 18  DA A OP2   1 
ATOM   351 O  "O5'" . DA A 1 18 ? 10.77499  4.89185   -17.86655 1.000 284.68677 ? 18  DA A "O5'" 1 
ATOM   352 C  "C5'" . DA A 1 18 ? 9.36716   5.11718   -17.91062 1.000 287.33708 ? 18  DA A "C5'" 1 
ATOM   353 C  "C4'" . DA A 1 18 ? 9.04796   6.58786   -18.15063 1.000 300.97293 ? 18  DA A "C4'" 1 
ATOM   354 O  "O4'" . DA A 1 18 ? 9.44534   7.38192   -16.99761 1.000 299.84648 ? 18  DA A "O4'" 1 
ATOM   355 C  "C3'" . DA A 1 18 ? 9.74099   7.22223   -19.35183 1.000 312.67433 ? 18  DA A "C3'" 1 
ATOM   356 O  "O3'" . DA A 1 18 ? 8.86708   8.16257   -19.95220 1.000 326.55231 ? 18  DA A "O3'" 1 
ATOM   357 C  "C2'" . DA A 1 18 ? 10.94742  7.90698   -18.71370 1.000 306.53412 ? 18  DA A "C2'" 1 
ATOM   358 C  "C1'" . DA A 1 18 ? 10.35302  8.39096   -17.40044 1.000 304.32596 ? 18  DA A "C1'" 1 
ATOM   359 N  N9    . DA A 1 18 ? 11.33188  8.58233   -16.32595 1.000 294.44320 ? 18  DA A N9    1 
ATOM   360 C  C8    . DA A 1 18 ? 12.18070  7.64389   -15.80621 1.000 284.23671 ? 18  DA A C8    1 
ATOM   361 N  N7    . DA A 1 18 ? 12.93655  8.09383   -14.83302 1.000 280.50468 ? 18  DA A N7    1 
ATOM   362 C  C5    . DA A 1 18 ? 12.55592  9.41648   -14.69665 1.000 290.42693 ? 18  DA A C5    1 
ATOM   363 C  C6    . DA A 1 18 ? 12.97866  10.44065  -13.82824 1.000 297.02772 ? 18  DA A C6    1 
ATOM   364 N  N6    . DA A 1 18 ? 13.92791  10.27248  -12.90163 1.000 300.45708 ? 18  DA A N6    1 
ATOM   365 N  N1    . DA A 1 18 ? 12.39328  11.64747  -13.95035 1.000 297.60147 ? 18  DA A N1    1 
ATOM   366 C  C2    . DA A 1 18 ? 11.44308  11.81134  -14.87821 1.000 303.62588 ? 18  DA A C2    1 
ATOM   367 N  N3    . DA A 1 18 ? 10.95757  10.92612  -15.74989 1.000 299.42011 ? 18  DA A N3    1 
ATOM   368 C  C4    . DA A 1 18 ? 11.56042  9.73599   -15.60425 1.000 293.57994 ? 18  DA A C4    1 
ATOM   369 P  P     . DT A 1 19 ? 9.10563   8.66260   -21.45844 1.000 334.25060 ? 19  DT A P     1 
ATOM   370 O  OP1   . DT A 1 19 ? 8.21483   7.86874   -22.33488 1.000 317.65914 ? 19  DT A OP1   1 
ATOM   371 O  OP2   . DT A 1 19 ? 10.55957  8.67109   -21.72826 1.000 307.87376 ? 19  DT A OP2   1 
ATOM   372 O  "O5'" . DT A 1 19 ? 8.60519   10.18051  -21.41769 1.000 339.08802 ? 19  DT A "O5'" 1 
ATOM   373 C  "C5'" . DT A 1 19 ? 8.48197   10.85221  -20.15913 1.000 328.16040 ? 19  DT A "C5'" 1 
ATOM   374 C  "C4'" . DT A 1 19 ? 9.40741   12.05741  -20.08800 1.000 338.24319 ? 19  DT A "C4'" 1 
ATOM   375 O  "O4'" . DT A 1 19 ? 10.31180  11.90694  -18.97534 1.000 313.22966 ? 19  DT A "O4'" 1 
ATOM   376 C  "C3'" . DT A 1 19 ? 10.29694  12.26563  -21.31905 1.000 345.35720 ? 19  DT A "C3'" 1 
ATOM   377 O  "O3'" . DT A 1 19 ? 9.82784   13.37960  -22.13755 1.000 348.16543 ? 19  DT A "O3'" 1 
ATOM   378 C  "C2'" . DT A 1 19 ? 11.71409  12.48456  -20.76244 1.000 320.38315 ? 19  DT A "C2'" 1 
ATOM   379 C  "C1'" . DT A 1 19 ? 11.49694  12.60670  -19.25751 1.000 309.70029 ? 19  DT A "C1'" 1 
ATOM   380 N  N1    . DT A 1 19 ? 12.59590  12.00746  -18.43901 1.000 299.77015 ? 19  DT A N1    1 
ATOM   381 C  C2    . DT A 1 19 ? 13.20770  12.76811  -17.46959 1.000 304.73127 ? 19  DT A C2    1 
ATOM   382 O  O2    . DT A 1 19 ? 12.90462  13.92454  -17.23815 1.000 310.52407 ? 19  DT A O2    1 
ATOM   383 N  N3    . DT A 1 19 ? 14.19412  12.11906  -16.77254 1.000 294.68270 ? 19  DT A N3    1 
ATOM   384 C  C4    . DT A 1 19 ? 14.62261  10.81683  -16.94353 1.000 284.16828 ? 19  DT A C4    1 
ATOM   385 O  O4    . DT A 1 19 ? 15.51975  10.32562  -16.26487 1.000 278.10176 ? 19  DT A O4    1 
ATOM   386 C  C5    . DT A 1 19 ? 13.93993  10.07505  -17.97479 1.000 289.05571 ? 19  DT A C5    1 
ATOM   387 C  C7    . DT A 1 19 ? 14.32211  8.65097   -18.25298 1.000 292.15082 ? 19  DT A C7    1 
ATOM   388 C  C6    . DT A 1 19 ? 12.97091  10.69921  -18.66506 1.000 288.76883 ? 19  DT A C6    1 
ATOM   389 P  P     . DC A 1 20 ? 9.86424   14.91955  -21.64300 1.000 337.17201 ? 20  DC A P     1 
ATOM   390 O  OP1   . DC A 1 20 ? 9.48587   15.05153  -20.21832 1.000 326.06541 ? 20  DC A OP1   1 
ATOM   391 O  OP2   . DC A 1 20 ? 9.08908   15.65870  -22.66427 1.000 333.83739 ? 20  DC A OP2   1 
ATOM   392 O  "O5'" . DC A 1 20 ? 11.39018  15.37629  -21.80565 1.000 327.18133 ? 20  DC A "O5'" 1 
ATOM   393 C  "C5'" . DC A 1 20 ? 11.71427  16.77228  -21.96799 1.000 347.64431 ? 20  DC A "C5'" 1 
ATOM   394 C  "C4'" . DC A 1 20 ? 11.64207  17.52811  -20.64457 1.000 330.43699 ? 20  DC A "C4'" 1 
ATOM   395 O  "O4'" . DC A 1 20 ? 12.11692  16.67819  -19.57095 1.000 320.42526 ? 20  DC A "O4'" 1 
ATOM   396 C  "C3'" . DC A 1 20 ? 12.52868  18.75933  -20.56229 1.000 334.76119 ? 20  DC A "C3'" 1 
ATOM   397 O  "O3'" . DC A 1 20 ? 12.07365  19.61836  -19.51160 1.000 323.29139 ? 20  DC A "O3'" 1 
ATOM   398 C  "C2'" . DC A 1 20 ? 13.87088  18.12737  -20.21688 1.000 323.67039 ? 20  DC A "C2'" 1 
ATOM   399 C  "C1'" . DC A 1 20 ? 13.44551  17.04295  -19.22712 1.000 322.45708 ? 20  DC A "C1'" 1 
ATOM   400 N  N1    . DC A 1 20 ? 14.28616  15.80960  -19.26993 1.000 317.64072 ? 20  DC A N1    1 
ATOM   401 C  C2    . DC A 1 20 ? 15.22937  15.57008  -18.26463 1.000 305.62875 ? 20  DC A C2    1 
ATOM   402 O  O2    . DC A 1 20 ? 15.36917  16.39814  -17.36006 1.000 310.21877 ? 20  DC A O2    1 
ATOM   403 N  N3    . DC A 1 20 ? 15.96827  14.43151  -18.31613 1.000 295.42226 ? 20  DC A N3    1 
ATOM   404 C  C4    . DC A 1 20 ? 15.78846  13.56067  -19.30896 1.000 298.27787 ? 20  DC A C4    1 
ATOM   405 N  N4    . DC A 1 20 ? 16.54000  12.45221  -19.32191 1.000 295.90916 ? 20  DC A N4    1 
ATOM   406 C  C5    . DC A 1 20 ? 14.82883  13.78648  -20.33604 1.000 307.35527 ? 20  DC A C5    1 
ATOM   407 C  C6    . DC A 1 20 ? 14.10577  14.90822  -20.27395 1.000 315.97999 ? 20  DC A C6    1 
ATOM   408 P  P     . DA A 1 21 ? 12.19265  21.21989  -19.63892 1.000 293.89313 ? 21  DA A P     1 
ATOM   409 O  OP1   . DA A 1 21 ? 10.96648  21.80705  -19.05774 1.000 281.86011 ? 21  DA A OP1   1 
ATOM   410 O  OP2   . DA A 1 21 ? 12.57408  21.55170  -21.02985 1.000 305.49189 ? 21  DA A OP2   1 
ATOM   411 O  "O5'" . DA A 1 21 ? 13.40806  21.59743  -18.66991 1.000 275.93308 ? 21  DA A "O5'" 1 
ATOM   412 C  "C5'" . DA A 1 21 ? 14.74475  21.45132  -19.11580 1.000 282.51019 ? 21  DA A "C5'" 1 
ATOM   413 C  "C4'" . DA A 1 21 ? 15.72465  21.81556  -18.01651 1.000 281.68641 ? 21  DA A "C4'" 1 
ATOM   414 O  "O4'" . DA A 1 21 ? 16.39838  20.61382  -17.56785 1.000 276.74897 ? 21  DA A "O4'" 1 
ATOM   415 C  "C3'" . DA A 1 21 ? 16.85142  22.72390  -18.45949 1.000 294.12211 ? 21  DA A "C3'" 1 
ATOM   416 O  "O3'" . DA A 1 21 ? 17.47406  23.30722  -17.32064 1.000 290.24796 ? 21  DA A "O3'" 1 
ATOM   417 C  "C2'" . DA A 1 21 ? 17.77134  21.72182  -19.13613 1.000 283.59979 ? 21  DA A "C2'" 1 
ATOM   418 C  "C1'" . DA A 1 21 ? 17.68766  20.54796  -18.16040 1.000 279.06504 ? 21  DA A "C1'" 1 
ATOM   419 N  N9    . DA A 1 21 ? 17.83967  19.23739  -18.78919 1.000 270.93775 ? 21  DA A N9    1 
ATOM   420 C  C8    . DA A 1 21 ? 17.09819  18.72861  -19.81697 1.000 265.27917 ? 21  DA A C8    1 
ATOM   421 N  N7    . DA A 1 21 ? 17.44634  17.51563  -20.17553 1.000 264.40539 ? 21  DA A N7    1 
ATOM   422 C  C5    . DA A 1 21 ? 18.49327  17.20279  -19.32027 1.000 265.02388 ? 21  DA A C5    1 
ATOM   423 C  C6    . DA A 1 21 ? 19.30196  16.05287  -19.18985 1.000 259.38110 ? 21  DA A C6    1 
ATOM   424 N  N6    . DA A 1 21 ? 19.16736  14.96401  -19.95403 1.000 250.37739 ? 21  DA A N6    1 
ATOM   425 N  N1    . DA A 1 21 ? 20.25897  16.06572  -18.23405 1.000 253.50408 ? 21  DA A N1    1 
ATOM   426 C  C2    . DA A 1 21 ? 20.39047  17.15906  -17.46934 1.000 250.14052 ? 21  DA A C2    1 
ATOM   427 N  N3    . DA A 1 21 ? 19.69092  18.29647  -17.49950 1.000 260.37332 ? 21  DA A N3    1 
ATOM   428 C  C4    . DA A 1 21 ? 18.74705  18.25302  -18.45916 1.000 268.87171 ? 21  DA A C4    1 
ATOM   429 P  P     . DC B 2 1  ? -0.90817  10.10446  -8.65308  1.000 202.10055 ? 1   DC B P     1 
ATOM   430 O  OP1   . DC B 2 1  ? -2.16804  10.88714  -8.60658  1.000 194.83915 ? 1   DC B OP1   1 
ATOM   431 O  OP2   . DC B 2 1  ? -0.38192  9.50714   -7.40655  1.000 196.94993 ? 1   DC B OP2   1 
ATOM   432 O  "O5'" . DC B 2 1  ? -1.00699  8.95831   -9.77614  1.000 217.91034 ? 1   DC B "O5'" 1 
ATOM   433 C  "C5'" . DC B 2 1  ? -0.53713  9.20346   -11.10442 1.000 215.00473 ? 1   DC B "C5'" 1 
ATOM   434 C  "C4'" . DC B 2 1  ? 0.89677   8.72407   -11.27192 1.000 212.43073 ? 1   DC B "C4'" 1 
ATOM   435 O  "O4'" . DC B 2 1  ? 1.76104   9.48594   -10.42181 1.000 187.25140 ? 1   DC B "O4'" 1 
ATOM   436 C  "C3'" . DC B 2 1  ? 1.13874   7.27139   -10.87968 1.000 217.93139 ? 1   DC B "C3'" 1 
ATOM   437 O  "O3'" . DC B 2 1  ? 1.17885   6.45652   -12.04805 1.000 213.50981 ? 1   DC B "O3'" 1 
ATOM   438 C  "C2'" . DC B 2 1  ? 2.49037   7.27837   -10.13553 1.000 204.64033 ? 1   DC B "C2'" 1 
ATOM   439 C  "C1'" . DC B 2 1  ? 2.92958   8.73916   -10.19790 1.000 193.80745 ? 1   DC B "C1'" 1 
ATOM   440 N  N1    . DC B 2 1  ? 3.56688   9.24503   -8.93931  1.000 192.15725 ? 1   DC B N1    1 
ATOM   441 C  C2    . DC B 2 1  ? 4.76839   8.68167   -8.46978  1.000 198.32904 ? 1   DC B C2    1 
ATOM   442 O  O2    . DC B 2 1  ? 5.30019   7.74557   -9.08992  1.000 205.18513 ? 1   DC B O2    1 
ATOM   443 N  N3    . DC B 2 1  ? 5.31376   9.17593   -7.32944  1.000 197.07100 ? 1   DC B N3    1 
ATOM   444 C  C4    . DC B 2 1  ? 4.71658   10.17875  -6.68043  1.000 194.71545 ? 1   DC B C4    1 
ATOM   445 N  N4    . DC B 2 1  ? 5.28805   10.63247  -5.56355  1.000 203.87971 ? 1   DC B N4    1 
ATOM   446 C  C5    . DC B 2 1  ? 3.50522   10.76145  -7.14664  1.000 194.84441 ? 1   DC B C5    1 
ATOM   447 C  C6    . DC B 2 1  ? 2.97550   10.27705  -8.26732  1.000 185.02482 ? 1   DC B C6    1 
ATOM   448 P  P     . DC B 2 2  ? -0.07086  5.49868   -12.38954 1.000 213.07818 ? 2   DC B P     1 
ATOM   449 O  OP1   . DC B 2 2  ? 0.35105   4.43830   -13.35027 1.000 220.64488 ? 2   DC B OP1   1 
ATOM   450 O  OP2   . DC B 2 2  ? -1.17623  6.42851   -12.74322 1.000 207.87492 ? 2   DC B OP2   1 
ATOM   451 O  "O5'" . DC B 2 2  ? -0.43570  4.83837   -10.96137 1.000 233.07268 ? 2   DC B "O5'" 1 
ATOM   452 C  "C5'" . DC B 2 2  ? -0.63165  3.41327   -10.81643 1.000 246.35849 ? 2   DC B "C5'" 1 
ATOM   453 C  "C4'" . DC B 2 2  ? 0.68794   2.68078   -10.57848 1.000 245.18466 ? 2   DC B "C4'" 1 
ATOM   454 O  "O4'" . DC B 2 2  ? 1.65100   3.54727   -9.91503  1.000 242.64751 ? 2   DC B "O4'" 1 
ATOM   455 C  "C3'" . DC B 2 2  ? 0.59233   1.45520   -9.69444  1.000 258.33097 ? 2   DC B "C3'" 1 
ATOM   456 O  "O3'" . DC B 2 2  ? 1.61258   0.54337   -10.05558 1.000 243.37918 ? 2   DC B "O3'" 1 
ATOM   457 C  "C2'" . DC B 2 2  ? 0.82647   2.04127   -8.30206  1.000 279.13610 ? 2   DC B "C2'" 1 
ATOM   458 C  "C1'" . DC B 2 2  ? 1.88701   3.09964   -8.58691  1.000 260.80759 ? 2   DC B "C1'" 1 
ATOM   459 N  N1    . DC B 2 2  ? 1.81139   4.29405   -7.68010  1.000 251.76703 ? 2   DC B N1    1 
ATOM   460 C  C2    . DC B 2 2  ? 2.78852   4.50051   -6.68387  1.000 241.22366 ? 2   DC B C2    1 
ATOM   461 O  O2    . DC B 2 2  ? 3.70898   3.68030   -6.54570  1.000 244.11085 ? 2   DC B O2    1 
ATOM   462 N  N3    . DC B 2 2  ? 2.68700   5.60125   -5.89195  1.000 228.83533 ? 2   DC B N3    1 
ATOM   463 C  C4    . DC B 2 2  ? 1.68205   6.46159   -6.07012  1.000 228.99061 ? 2   DC B C4    1 
ATOM   464 N  N4    . DC B 2 2  ? 1.61829   7.52696   -5.26924  1.000 219.66581 ? 2   DC B N4    1 
ATOM   465 C  C5    . DC B 2 2  ? 0.69173   6.26790   -7.07620  1.000 230.05390 ? 2   DC B C5    1 
ATOM   466 C  C6    . DC B 2 2  ? 0.79448   5.18768   -7.84937  1.000 241.55791 ? 2   DC B C6    1 
ATOM   467 P  P     . DA B 2 3  ? 1.38728   -1.03791  -9.87557  1.000 227.89575 ? 3   DA B P     1 
ATOM   468 O  OP1   . DA B 2 3  ? 1.53168   -1.69096  -11.19904 1.000 237.21528 ? 3   DA B OP1   1 
ATOM   469 O  OP2   . DA B 2 3  ? 0.13623   -1.24316  -9.10124  1.000 234.95975 ? 3   DA B OP2   1 
ATOM   470 O  "O5'" . DA B 2 3  ? 2.63170   -1.47841  -8.97475  1.000 234.03069 ? 3   DA B "O5'" 1 
ATOM   471 C  "C5'" . DA B 2 3  ? 3.12444   -0.60849  -7.95417  1.000 236.59416 ? 3   DA B "C5'" 1 
ATOM   472 C  "C4'" . DA B 2 3  ? 3.77941   -1.42502  -6.86565  1.000 251.68018 ? 3   DA B "C4'" 1 
ATOM   473 O  "O4'" . DA B 2 3  ? 3.53650   -0.82222  -5.57879  1.000 249.22725 ? 3   DA B "O4'" 1 
ATOM   474 C  "C3'" . DA B 2 3  ? 3.24528   -2.84002  -6.75118  1.000 257.30980 ? 3   DA B "C3'" 1 
ATOM   475 O  "O3'" . DA B 2 3  ? 4.31935   -3.73773  -6.36915  1.000 273.25118 ? 3   DA B "O3'" 1 
ATOM   476 C  "C2'" . DA B 2 3  ? 2.10292   -2.72521  -5.71780  1.000 262.68939 ? 3   DA B "C2'" 1 
ATOM   477 C  "C1'" . DA B 2 3  ? 2.38943   -1.40679  -4.98671  1.000 267.69525 ? 3   DA B "C1'" 1 
ATOM   478 N  N9    . DA B 2 3  ? 1.30314   -0.43057  -5.05586  1.000 225.94288 ? 3   DA B N9    1 
ATOM   479 C  C8    . DA B 2 3  ? 0.13238   -0.52127  -5.76502  1.000 227.10091 ? 3   DA B C8    1 
ATOM   480 N  N7    . DA B 2 3  ? -0.64464  0.53309   -5.63653  1.000 224.11634 ? 3   DA B N7    1 
ATOM   481 C  C5    . DA B 2 3  ? 0.07273   1.37106   -4.79558  1.000 219.98690 ? 3   DA B C5    1 
ATOM   482 C  C6    . DA B 2 3  ? -0.19451  2.65223   -4.26692  1.000 214.27832 ? 3   DA B C6    1 
ATOM   483 N  N6    . DA B 2 3  ? -1.30816  3.34306   -4.52317  1.000 213.03344 ? 3   DA B N6    1 
ATOM   484 N  N1    . DA B 2 3  ? 0.73798   3.19791   -3.45885  1.000 209.20666 ? 3   DA B N1    1 
ATOM   485 C  C2    . DA B 2 3  ? 1.85041   2.50778   -3.20249  1.000 211.27270 ? 3   DA B C2    1 
ATOM   486 N  N3    . DA B 2 3  ? 2.21283   1.30767   -3.63832  1.000 218.46304 ? 3   DA B N3    1 
ATOM   487 C  C4    . DA B 2 3  ? 1.27140   0.78901   -4.43666  1.000 220.47643 ? 3   DA B C4    1 
ATOM   488 P  P     . DT B 2 4  ? 4.25536   -4.67379  -5.06212  1.000 256.94397 ? 4   DT B P     1 
ATOM   489 O  OP1   . DT B 2 4  ? 5.53018   -5.42466  -5.08244  1.000 254.72265 ? 4   DT B OP1   1 
ATOM   490 O  OP2   . DT B 2 4  ? 2.98050   -5.43409  -5.01415  1.000 249.25620 ? 4   DT B OP2   1 
ATOM   491 O  "O5'" . DT B 2 4  ? 4.34769   -3.64904  -3.82787  1.000 262.47358 ? 4   DT B "O5'" 1 
ATOM   492 C  "C5'" . DT B 2 4  ? 4.68285   -4.14472  -2.53617  1.000 245.67682 ? 4   DT B "C5'" 1 
ATOM   493 C  "C4'" . DT B 2 4  ? 4.50692   -3.09258  -1.44631  1.000 249.28778 ? 4   DT B "C4'" 1 
ATOM   494 O  "O4'" . DT B 2 4  ? 3.51901   -2.09538  -1.83409  1.000 257.24926 ? 4   DT B "O4'" 1 
ATOM   495 C  "C3'" . DT B 2 4  ? 4.02238   -3.64793  -0.09034  1.000 246.30585 ? 4   DT B "C3'" 1 
ATOM   496 O  "O3'" . DT B 2 4  ? 5.00510   -3.42793  0.93567   1.000 247.90604 ? 4   DT B "O3'" 1 
ATOM   497 C  "C2'" . DT B 2 4  ? 2.72918   -2.86733  0.18694   1.000 234.32810 ? 4   DT B "C2'" 1 
ATOM   498 C  "C1'" . DT B 2 4  ? 2.94892   -1.61676  -0.64194  1.000 232.62526 ? 4   DT B "C1'" 1 
ATOM   499 N  N1    . DT B 2 4  ? 1.69172   -0.83379  -0.91786  1.000 229.02220 ? 4   DT B N1    1 
ATOM   500 C  C2    . DT B 2 4  ? 1.50682   0.37730   -0.27363  1.000 230.26708 ? 4   DT B C2    1 
ATOM   501 O  O2    . DT B 2 4  ? 2.32186   0.86027   0.49444   1.000 232.31470 ? 4   DT B O2    1 
ATOM   502 N  N3    . DT B 2 4  ? 0.33253   1.00333   -0.57081  1.000 227.27462 ? 4   DT B N3    1 
ATOM   503 C  C4    . DT B 2 4  ? -0.65854  0.56606   -1.41292  1.000 224.03739 ? 4   DT B C4    1 
ATOM   504 O  O4    . DT B 2 4  ? -1.67514  1.20971   -1.59939  1.000 220.21851 ? 4   DT B O4    1 
ATOM   505 C  C5    . DT B 2 4  ? -0.41154  -0.71585  -2.05111  1.000 225.96657 ? 4   DT B C5    1 
ATOM   506 C  C7    . DT B 2 4  ? -1.41819  -1.30597  -2.98835  1.000 222.39245 ? 4   DT B C7    1 
ATOM   507 C  C6    . DT B 2 4  ? 0.73568   -1.34396  -1.76848  1.000 224.90855 ? 4   DT B C6    1 
ATOM   508 P  P     . DA B 2 5  ? 4.75160   -3.96952  2.43242   1.000 327.92090 ? 5   DA B P     1 
ATOM   509 O  OP1   . DA B 2 5  ? 6.06112   -4.10409  3.11380   1.000 326.82340 ? 5   DA B OP1   1 
ATOM   510 O  OP2   . DA B 2 5  ? 3.85777   -5.14858  2.34570   1.000 336.82460 ? 5   DA B OP2   1 
ATOM   511 O  "O5'" . DA B 2 5  ? 3.93147   -2.78766  3.13236   1.000 319.15142 ? 5   DA B "O5'" 1 
ATOM   512 C  "C5'" . DA B 2 5  ? 4.43282   -1.45155  3.10212   1.000 314.71668 ? 5   DA B "C5'" 1 
ATOM   513 C  "C4'" . DA B 2 5  ? 3.64065   -0.54645  4.03251   1.000 297.23037 ? 5   DA B "C4'" 1 
ATOM   514 O  "O4'" . DA B 2 5  ? 2.39740   -0.14782  3.39936   1.000 292.73247 ? 5   DA B "O4'" 1 
ATOM   515 C  "C3'" . DA B 2 5  ? 3.24769   -1.17779  5.35564   1.000 302.57312 ? 5   DA B "C3'" 1 
ATOM   516 O  "O3'" . DA B 2 5  ? 3.20431   -0.19424  6.36652   1.000 299.67804 ? 5   DA B "O3'" 1 
ATOM   517 C  "C2'" . DA B 2 5  ? 1.86250   -1.74451  5.06358   1.000 300.72553 ? 5   DA B "C2'" 1 
ATOM   518 C  "C1'" . DA B 2 5  ? 1.29530   -0.74595  4.05872   1.000 290.09004 ? 5   DA B "C1'" 1 
ATOM   519 N  N9    . DA B 2 5  ? 0.44456   -1.37184  3.04693   1.000 293.94577 ? 5   DA B N9    1 
ATOM   520 C  C8    . DA B 2 5  ? 0.56996   -2.63388  2.53806   1.000 296.44870 ? 5   DA B C8    1 
ATOM   521 N  N7    . DA B 2 5  ? -0.32909  -2.93322  1.62887   1.000 299.26483 ? 5   DA B N7    1 
ATOM   522 C  C5    . DA B 2 5  ? -1.10908  -1.79256  1.53950   1.000 294.74323 ? 5   DA B C5    1 
ATOM   523 C  C6    . DA B 2 5  ? -2.24045  -1.46995  0.75543   1.000 297.70938 ? 5   DA B C6    1 
ATOM   524 N  N6    . DA B 2 5  ? -2.79349  -2.31385  -0.12137  1.000 305.21817 ? 5   DA B N6    1 
ATOM   525 N  N1    . DA B 2 5  ? -2.78095  -0.24446  0.90888   1.000 297.53041 ? 5   DA B N1    1 
ATOM   526 C  C2    . DA B 2 5  ? -2.22412  0.59703   1.78865   1.000 295.21434 ? 5   DA B C2    1 
ATOM   527 N  N3    . DA B 2 5  ? -1.16227  0.40992   2.58002   1.000 279.72828 ? 5   DA B N3    1 
ATOM   528 C  C4    . DA B 2 5  ? -0.64549  -0.81680  2.40741   1.000 286.45803 ? 5   DA B C4    1 
ATOM   529 P  P     . DC B 2 6  ? 3.38768   -0.60938  7.90837   1.000 278.24652 ? 6   DC B P     1 
ATOM   530 O  OP1   . DC B 2 6  ? 4.81949   -0.46327  8.26854   1.000 284.13670 ? 6   DC B OP1   1 
ATOM   531 O  OP2   . DC B 2 6  ? 2.73590   -1.92352  8.10653   1.000 283.79192 ? 6   DC B OP2   1 
ATOM   532 O  "O5'" . DC B 2 6  ? 2.52965   0.49641   8.67241   1.000 271.40096 ? 6   DC B "O5'" 1 
ATOM   533 C  "C5'" . DC B 2 6  ? 2.48323   1.81537   8.15440   1.000 262.31303 ? 6   DC B "C5'" 1 
ATOM   534 C  "C4'" . DC B 2 6  ? 1.05533   2.29564   8.07696   1.000 254.74897 ? 6   DC B "C4'" 1 
ATOM   535 O  "O4'" . DC B 2 6  ? 0.36427   1.62611   6.98281   1.000 252.82505 ? 6   DC B "O4'" 1 
ATOM   536 C  "C3'" . DC B 2 6  ? 0.22540   2.00337   9.33418   1.000 257.80986 ? 6   DC B "C3'" 1 
ATOM   537 O  "O3'" . DC B 2 6  ? -0.50898  3.15632   9.70336   1.000 250.83534 ? 6   DC B "O3'" 1 
ATOM   538 C  "C2'" . DC B 2 6  ? -0.70314  0.88422   8.87489   1.000 259.31793 ? 6   DC B "C2'" 1 
ATOM   539 C  "C1'" . DC B 2 6  ? -0.92468  1.30922   7.44451   1.000 251.93547 ? 6   DC B "C1'" 1 
ATOM   540 N  N1    . DC B 2 6  ? -1.54382  0.26208   6.59520   1.000 253.06192 ? 6   DC B N1    1 
ATOM   541 C  C2    . DC B 2 6  ? -2.69792  0.57248   5.86305   1.000 246.21899 ? 6   DC B C2    1 
ATOM   542 O  O2    . DC B 2 6  ? -3.15897  1.72126   5.91802   1.000 249.32463 ? 6   DC B O2    1 
ATOM   543 N  N3    . DC B 2 6  ? -3.27009  -0.39157  5.10351   1.000 247.56126 ? 6   DC B N3    1 
ATOM   544 C  C4    . DC B 2 6  ? -2.74514  -1.61924  5.07136   1.000 255.15691 ? 6   DC B C4    1 
ATOM   545 N  N4    . DC B 2 6  ? -3.34871  -2.53062  4.29930   1.000 256.18072 ? 6   DC B N4    1 
ATOM   546 C  C5    . DC B 2 6  ? -1.57746  -1.95879  5.82218   1.000 262.35777 ? 6   DC B C5    1 
ATOM   547 C  C6    . DC B 2 6  ? -1.02308  -0.99862  6.57268   1.000 261.13131 ? 6   DC B C6    1 
ATOM   548 P  P     . DA B 2 7  ? -1.21925  3.24232   11.14320  1.000 250.49319 ? 7   DA B P     1 
ATOM   549 O  OP1   . DA B 2 7  ? -0.54831  4.34402   11.86657  1.000 249.44043 ? 7   DA B OP1   1 
ATOM   550 O  OP2   . DA B 2 7  ? -1.23103  1.88829   11.74673  1.000 259.77325 ? 7   DA B OP2   1 
ATOM   551 O  "O5'" . DA B 2 7  ? -2.73534  3.66656   10.80222  1.000 243.06862 ? 7   DA B "O5'" 1 
ATOM   552 C  "C5'" . DA B 2 7  ? -3.40179  3.11151   9.65067   1.000 240.11563 ? 7   DA B "C5'" 1 
ATOM   553 C  "C4'" . DA B 2 7  ? -4.66738  2.37069   10.05416  1.000 242.13956 ? 7   DA B "C4'" 1 
ATOM   554 O  "O4'" . DA B 2 7  ? -5.02036  1.39366   9.02541   1.000 242.59224 ? 7   DA B "O4'" 1 
ATOM   555 C  "C3'" . DA B 2 7  ? -4.55036  1.55614   11.35060  1.000 251.11432 ? 7   DA B "C3'" 1 
ATOM   556 O  "O3'" . DA B 2 7  ? -5.78859  1.54798   12.02751  1.000 250.87218 ? 7   DA B "O3'" 1 
ATOM   557 C  "C2'" . DA B 2 7  ? -4.24134  0.16921   10.82537  1.000 256.79658 ? 7   DA B "C2'" 1 
ATOM   558 C  "C1'" . DA B 2 7  ? -5.21103  0.14870   9.67126   1.000 250.37212 ? 7   DA B "C1'" 1 
ATOM   559 N  N9    . DA B 2 7  ? -5.01449  -0.96484  8.74596   1.000 253.24089 ? 7   DA B N9    1 
ATOM   560 C  C8    . DA B 2 7  ? -3.98981  -1.87474  8.75321   1.000 260.51808 ? 7   DA B C8    1 
ATOM   561 N  N7    . DA B 2 7  ? -4.09289  -2.79393  7.82086   1.000 261.90772 ? 7   DA B N7    1 
ATOM   562 C  C5    . DA B 2 7  ? -5.27534  -2.47320  7.17044   1.000 255.14638 ? 7   DA B C5    1 
ATOM   563 C  C6    . DA B 2 7  ? -5.95751  -3.05871  6.08344   1.000 253.21194 ? 7   DA B C6    1 
ATOM   564 N  N6    . DA B 2 7  ? -5.51670  -4.14352  5.43031   1.000 257.95988 ? 7   DA B N6    1 
ATOM   565 N  N1    . DA B 2 7  ? -7.11550  -2.47945  5.68570   1.000 246.56640 ? 7   DA B N1    1 
ATOM   566 C  C2    . DA B 2 7  ? -7.55283  -1.39719  6.33938   1.000 242.21588 ? 7   DA B C2    1 
ATOM   567 N  N3    . DA B 2 7  ? -7.00595  -0.76190  7.36956   1.000 243.31602 ? 7   DA B N3    1 
ATOM   568 C  C4    . DA B 2 7  ? -5.85785  -1.35262  7.74001   1.000 249.89575 ? 7   DA B C4    1 
ATOM   569 P  P     . DG C 3 1  ? -5.53706  -2.67639  15.58413  1.000 218.19195 ? 8   DG C P     1 
ATOM   570 O  OP1   . DG C 3 1  ? -4.38749  -3.19867  14.80367  1.000 223.50838 ? 8   DG C OP1   1 
ATOM   571 O  OP2   . DG C 3 1  ? -5.33565  -1.99276  16.89080  1.000 212.24650 ? 8   DG C OP2   1 
ATOM   572 O  "O5'" . DG C 3 1  ? -6.43636  -1.74891  14.62492  1.000 217.38922 ? 8   DG C "O5'" 1 
ATOM   573 C  "C5'" . DG C 3 1  ? -7.78144  -2.12997  14.32877  1.000 222.53721 ? 8   DG C "C5'" 1 
ATOM   574 C  "C4'" . DG C 3 1  ? -8.26372  -1.51011  13.02737  1.000 225.10594 ? 8   DG C "C4'" 1 
ATOM   575 O  "O4'" . DG C 3 1  ? -7.25189  -1.67701  12.01271  1.000 226.50874 ? 8   DG C "O4'" 1 
ATOM   576 C  "C3'" . DG C 3 1  ? -9.51982  -2.14588  12.45104  1.000 245.20572 ? 8   DG C "C3'" 1 
ATOM   577 O  "O3'" . DG C 3 1  ? -10.65791 -1.48697  12.96241  1.000 245.21888 ? 8   DG C "O3'" 1 
ATOM   578 C  "C2'" . DG C 3 1  ? -9.37342  -1.90290  10.95428  1.000 258.25465 ? 8   DG C "C2'" 1 
ATOM   579 C  "C1'" . DG C 3 1  ? -7.85734  -1.92400  10.75387  1.000 240.96047 ? 8   DG C "C1'" 1 
ATOM   580 N  N9    . DG C 3 1  ? -7.33133  -3.18724  10.23105  1.000 258.05199 ? 8   DG C N9    1 
ATOM   581 C  C8    . DG C 3 1  ? -6.31272  -3.93521  10.77439  1.000 267.73473 ? 8   DG C C8    1 
ATOM   582 N  N7    . DG C 3 1  ? -6.04310  -5.01540  10.09909  1.000 275.04087 ? 8   DG C N7    1 
ATOM   583 C  C5    . DG C 3 1  ? -6.93064  -4.98369  9.03181   1.000 290.19006 ? 8   DG C C5    1 
ATOM   584 C  C6    . DG C 3 1  ? -7.10139  -5.89962  7.96521   1.000 308.14484 ? 8   DG C C6    1 
ATOM   585 O  O6    . DG C 3 1  ? -6.47721  -6.94670  7.74772   1.000 320.73582 ? 8   DG C O6    1 
ATOM   586 N  N1    . DG C 3 1  ? -8.11137  -5.50298  7.09415   1.000 314.25084 ? 8   DG C N1    1 
ATOM   587 C  C2    . DG C 3 1  ? -8.86921  -4.36445  7.23425   1.000 302.75735 ? 8   DG C C2    1 
ATOM   588 N  N2    . DG C 3 1  ? -9.79952  -4.15162  6.28755   1.000 327.33662 ? 8   DG C N2    1 
ATOM   589 N  N3    . DG C 3 1  ? -8.72133  -3.49024  8.23260   1.000 273.88810 ? 8   DG C N3    1 
ATOM   590 C  C4    . DG C 3 1  ? -7.73426  -3.86362  9.09149   1.000 272.56689 ? 8   DG C C4    1 
ATOM   591 P  P     . DG C 3 2  ? -11.82323 -2.33033  13.67630  1.000 265.75028 ? 9   DG C P     1 
ATOM   592 O  OP1   . DG C 3 2  ? -12.52543 -1.40482  14.59433  1.000 253.34617 ? 9   DG C OP1   1 
ATOM   593 O  OP2   . DG C 3 2  ? -11.23092 -3.58063  14.21141  1.000 269.54021 ? 9   DG C OP2   1 
ATOM   594 O  "O5'" . DG C 3 2  ? -12.79515 -2.72003  12.46626  1.000 270.21135 ? 9   DG C "O5'" 1 
ATOM   595 C  "C5'" . DG C 3 2  ? -13.38922 -1.69811  11.66542  1.000 277.40694 ? 9   DG C "C5'" 1 
ATOM   596 C  "C4'" . DG C 3 2  ? -13.82043 -2.25264  10.31763  1.000 301.12031 ? 9   DG C "C4'" 1 
ATOM   597 O  "O4'" . DG C 3 2  ? -12.64499 -2.61860  9.55284   1.000 307.71584 ? 9   DG C "O4'" 1 
ATOM   598 C  "C3'" . DG C 3 2  ? -14.67779 -3.51623  10.37428  1.000 303.15740 ? 9   DG C "C3'" 1 
ATOM   599 O  "O3'" . DG C 3 2  ? -16.06242 -3.17148  10.44176  1.000 303.94697 ? 9   DG C "O3'" 1 
ATOM   600 C  "C2'" . DG C 3 2  ? -14.34167 -4.18996  9.04951   1.000 322.12810 ? 9   DG C "C2'" 1 
ATOM   601 C  "C1'" . DG C 3 2  ? -12.86243 -3.85402  8.89428   1.000 317.87232 ? 9   DG C "C1'" 1 
ATOM   602 N  N9    . DG C 3 2  ? -11.96899 -4.85779  9.47185   1.000 322.32286 ? 9   DG C N9    1 
ATOM   603 C  C8    . DG C 3 2  ? -11.28660 -4.77656  10.66373  1.000 304.91024 ? 9   DG C C8    1 
ATOM   604 N  N7    . DG C 3 2  ? -10.55709 -5.82915  10.91810  1.000 304.71548 ? 9   DG C N7    1 
ATOM   605 C  C5    . DG C 3 2  ? -10.77059 -6.66174  9.82611   1.000 324.25467 ? 9   DG C C5    1 
ATOM   606 C  C6    . DG C 3 2  ? -10.24885 -7.94587  9.54062   1.000 328.81574 ? 9   DG C C6    1 
ATOM   607 O  O6    . DG C 3 2  ? -9.46046  -8.62777  10.21142  1.000 321.61224 ? 9   DG C O6    1 
ATOM   608 N  N1    . DG C 3 2  ? -10.71924 -8.43306  8.32553   1.000 348.61022 ? 9   DG C N1    1 
ATOM   609 C  C2    . DG C 3 2  ? -11.58979 -7.76879  7.49314   1.000 357.67973 ? 9   DG C C2    1 
ATOM   610 N  N2    . DG C 3 2  ? -11.93058 -8.40346  6.36816   1.000 386.75953 ? 9   DG C N2    1 
ATOM   611 N  N3    . DG C 3 2  ? -12.08871 -6.56791  7.74634   1.000 338.55638 ? 9   DG C N3    1 
ATOM   612 C  C4    . DG C 3 2  ? -11.63829 -6.07564  8.92572   1.000 331.45290 ? 9   DG C C4    1 
ATOM   613 P  P     . DC C 3 3  ? -17.13668 -4.15149  11.14072  1.000 279.23611 ? 10  DC C P     1 
ATOM   614 O  OP1   . DC C 3 3  ? -18.31287 -4.20187  10.24331  1.000 289.81106 ? 10  DC C OP1   1 
ATOM   615 O  OP2   . DC C 3 3  ? -17.30196 -3.74089  12.55272  1.000 281.27320 ? 10  DC C OP2   1 
ATOM   616 O  "O5'" . DC C 3 3  ? -16.43856 -5.58909  11.15501  1.000 287.41078 ? 10  DC C "O5'" 1 
ATOM   617 C  "C5'" . DC C 3 3  ? -17.22834 -6.75211  10.96864  1.000 299.65698 ? 10  DC C "C5'" 1 
ATOM   618 C  "C4'" . DC C 3 3  ? -17.25213 -7.13982  9.50138   1.000 307.17894 ? 10  DC C "C4'" 1 
ATOM   619 O  "O4'" . DC C 3 3  ? -15.90631 -7.05238  8.96572   1.000 313.55865 ? 10  DC C "O4'" 1 
ATOM   620 C  "C3'" . DC C 3 3  ? -17.75260 -8.55624  9.22236   1.000 315.45888 ? 10  DC C "C3'" 1 
ATOM   621 O  "O3'" . DC C 3 3  ? -19.07239 -8.49956  8.67712   1.000 319.27512 ? 10  DC C "O3'" 1 
ATOM   622 C  "C2'" . DC C 3 3  ? -16.75469 -9.11706  8.20638   1.000 327.48663 ? 10  DC C "C2'" 1 
ATOM   623 C  "C1'" . DC C 3 3  ? -15.48881 -8.30574  8.47385   1.000 327.73666 ? 10  DC C "C1'" 1 
ATOM   624 N  N1    . DC C 3 3  ? -14.53612 -8.93379  9.46708   1.000 325.76011 ? 10  DC C N1    1 
ATOM   625 C  C2    . DC C 3 3  ? -13.92686 -10.16204 9.16977   1.000 342.94638 ? 10  DC C C2    1 
ATOM   626 O  O2    . DC C 3 3  ? -14.18213 -10.72621 8.09828   1.000 354.42671 ? 10  DC C O2    1 
ATOM   627 N  N3    . DC C 3 3  ? -13.06987 -10.70065 10.06604  1.000 338.06159 ? 10  DC C N3    1 
ATOM   628 C  C4    . DC C 3 3  ? -12.81133 -10.06877 11.21283  1.000 319.93310 ? 10  DC C C4    1 
ATOM   629 N  N4    . DC C 3 3  ? -11.95705 -10.64399 12.05898  1.000 314.57982 ? 10  DC C N4    1 
ATOM   630 C  C5    . DC C 3 3  ? -13.41055 -8.81829  11.53384  1.000 304.06540 ? 10  DC C C5    1 
ATOM   631 C  C6    . DC C 3 3  ? -14.25161 -8.29089  10.64078  1.000 311.20837 ? 10  DC C C6    1 
ATOM   632 P  P     . DT C 3 4  ? -20.27680 -9.31537  9.36292   1.000 330.14748 ? 11  DT C P     1 
ATOM   633 O  OP1   . DT C 3 4  ? -21.07079 -9.95464  8.28618   1.000 334.20586 ? 11  DT C OP1   1 
ATOM   634 O  OP2   . DT C 3 4  ? -20.94430 -8.39438  10.31309  1.000 327.66034 ? 11  DT C OP2   1 
ATOM   635 O  "O5'" . DT C 3 4  ? -19.53767 -10.45493 10.20836  1.000 330.14222 ? 11  DT C "O5'" 1 
ATOM   636 C  "C5'" . DT C 3 4  ? -20.13305 -11.73377 10.34471  1.000 339.01696 ? 11  DT C "C5'" 1 
ATOM   637 C  "C4'" . DT C 3 4  ? -19.66428 -12.66301 9.24145   1.000 351.23948 ? 11  DT C "C4'" 1 
ATOM   638 O  "O4'" . DT C 3 4  ? -18.33144 -12.27500 8.81254   1.000 345.01768 ? 11  DT C "O4'" 1 
ATOM   639 C  "C3'" . DT C 3 4  ? -19.56670 -14.12067 9.65202   1.000 352.27908 ? 11  DT C "C3'" 1 
ATOM   640 O  "O3'" . DT C 3 4  ? -20.82826 -14.78909 9.37413   1.000 355.69002 ? 11  DT C "O3'" 1 
ATOM   641 C  "C2'" . DT C 3 4  ? -18.38831 -14.63811 8.82511   1.000 361.52493 ? 11  DT C "C2'" 1 
ATOM   642 C  "C1'" . DT C 3 4  ? -17.48595 -13.40774 8.74460   1.000 364.21999 ? 11  DT C "C1'" 1 
ATOM   643 N  N1    . DT C 3 4  ? -16.47095 -13.31199 9.84940   1.000 363.83310 ? 11  DT C N1    1 
ATOM   644 C  C2    . DT C 3 4  ? -15.31985 -14.06217 9.77803   1.000 380.30086 ? 11  DT C C2    1 
ATOM   645 O  O2    . DT C 3 4  ? -15.07287 -14.82472 8.86118   1.000 407.02512 ? 11  DT C O2    1 
ATOM   646 N  N3    . DT C 3 4  ? -14.46131 -13.89085 10.83492  1.000 363.33040 ? 11  DT C N3    1 
ATOM   647 C  C4    . DT C 3 4  ? -14.63494 -13.05710 11.92759  1.000 354.56883 ? 11  DT C C4    1 
ATOM   648 O  O4    . DT C 3 4  ? -13.80990 -12.96650 12.83016  1.000 354.22405 ? 11  DT C O4    1 
ATOM   649 C  C5    . DT C 3 4  ? -15.85725 -12.29647 11.93275  1.000 336.82196 ? 11  DT C C5    1 
ATOM   650 C  C7    . DT C 3 4  ? -16.15597 -11.36083 13.06586  1.000 313.57444 ? 11  DT C C7    1 
ATOM   651 C  C6    . DT C 3 4  ? -16.70257 -12.45521 10.90554  1.000 341.50937 ? 11  DT C C6    1 
ATOM   652 P  P     . DG C 3 5  ? -21.01675 -15.85332 8.17774   1.000 378.57697 ? 12  DG C P     1 
ATOM   653 O  OP1   . DG C 3 5  ? -20.53178 -15.29170 6.89471   1.000 402.51142 ? 12  DG C OP1   1 
ATOM   654 O  OP2   . DG C 3 5  ? -22.42807 -16.29317 8.26160   1.000 381.81420 ? 12  DG C OP2   1 
ATOM   655 O  "O5'" . DG C 3 5  ? -20.13891 -17.10888 8.62891   1.000 377.79003 ? 12  DG C "O5'" 1 
ATOM   656 C  "C5'" . DG C 3 5  ? -19.40659 -17.85192 7.67115   1.000 394.27885 ? 12  DG C "C5'" 1 
ATOM   657 C  "C4'" . DG C 3 5  ? -18.42590 -18.77503 8.36484   1.000 404.02476 ? 12  DG C "C4'" 1 
ATOM   658 O  "O4'" . DG C 3 5  ? -17.46616 -17.98470 9.12220   1.000 386.26210 ? 12  DG C "O4'" 1 
ATOM   659 C  "C3'" . DG C 3 5  ? -19.06370 -19.74422 9.36700   1.000 393.27084 ? 12  DG C "C3'" 1 
ATOM   660 O  "O3'" . DG C 3 5  ? -18.53957 -21.05185 9.18414   1.000 417.67903 ? 12  DG C "O3'" 1 
ATOM   661 C  "C2'" . DG C 3 5  ? -18.66674 -19.16663 10.72306  1.000 375.76611 ? 12  DG C "C2'" 1 
ATOM   662 C  "C1'" . DG C 3 5  ? -17.31867 -18.54895 10.40344  1.000 377.45841 ? 12  DG C "C1'" 1 
ATOM   663 N  N9    . DG C 3 5  ? -16.92617 -17.50759 11.35214  1.000 371.04449 ? 12  DG C N9    1 
ATOM   664 C  C8    . DG C 3 5  ? -17.65297 -16.39896 11.71615  1.000 359.52205 ? 12  DG C C8    1 
ATOM   665 N  N7    . DG C 3 5  ? -17.05451 -15.65129 12.60315  1.000 358.50877 ? 12  DG C N7    1 
ATOM   666 C  C5    . DG C 3 5  ? -15.85501 -16.30782 12.84874  1.000 371.70246 ? 12  DG C C5    1 
ATOM   667 C  C6    . DG C 3 5  ? -14.78933 -15.96598 13.71994  1.000 363.32514 ? 12  DG C C6    1 
ATOM   668 O  O6    . DG C 3 5  ? -14.70442 -14.98398 14.47867  1.000 354.60041 ? 12  DG C O6    1 
ATOM   669 N  N1    . DG C 3 5  ? -13.76315 -16.90630 13.66624  1.000 362.97247 ? 12  DG C N1    1 
ATOM   670 C  C2    . DG C 3 5  ? -13.76319 -18.02922 12.86972  1.000 390.52577 ? 12  DG C C2    1 
ATOM   671 N  N2    . DG C 3 5  ? -12.68220 -18.81637 12.95355  1.000 409.54384 ? 12  DG C N2    1 
ATOM   672 N  N3    . DG C 3 5  ? -14.75398 -18.35839 12.04877  1.000 388.14917 ? 12  DG C N3    1 
ATOM   673 C  C4    . DG C 3 5  ? -15.76307 -17.45607 12.08991  1.000 379.58499 ? 12  DG C C4    1 
ATOM   674 P  P     . DC C 3 6  ? -18.88460 -22.21843 10.23607  1.000 420.81888 ? 13  DC C P     1 
ATOM   675 O  OP1   . DC C 3 6  ? -18.72774 -23.50960 9.52915   1.000 447.12993 ? 13  DC C OP1   1 
ATOM   676 O  OP2   . DC C 3 6  ? -20.17973 -21.89348 10.88018  1.000 396.95812 ? 13  DC C OP2   1 
ATOM   677 O  "O5'" . DC C 3 6  ? -17.73113 -22.09665 11.34011  1.000 400.76121 ? 13  DC C "O5'" 1 
ATOM   678 C  "C5'" . DC C 3 6  ? -16.36416 -22.23755 10.96012  1.000 413.54169 ? 13  DC C "C5'" 1 
ATOM   679 C  "C4'" . DC C 3 6  ? -15.48841 -22.51741 12.17081  1.000 418.27383 ? 13  DC C "C4'" 1 
ATOM   680 O  "O4'" . DC C 3 6  ? -15.16921 -21.27250 12.84464  1.000 416.60258 ? 13  DC C "O4'" 1 
ATOM   681 C  "C3'" . DC C 3 6  ? -16.11826 -23.43201 13.22994  1.000 399.97690 ? 13  DC C "C3'" 1 
ATOM   682 O  "O3'" . DC C 3 6  ? -15.21785 -24.48607 13.57310  1.000 416.46572 ? 13  DC C "O3'" 1 
ATOM   683 C  "C2'" . DC C 3 6  ? -16.37190 -22.49738 14.41509  1.000 387.49909 ? 13  DC C "C2'" 1 
ATOM   684 C  "C1'" . DC C 3 6  ? -15.27913 -21.45916 14.23379  1.000 398.63201 ? 13  DC C "C1'" 1 
ATOM   685 N  N1    . DC C 3 6  ? -15.59840 -20.14506 14.86350  1.000 398.39514 ? 13  DC C N1    1 
ATOM   686 C  C2    . DC C 3 6  ? -14.64380 -19.50626 15.66781  1.000 393.58666 ? 13  DC C C2    1 
ATOM   687 O  O2    . DC C 3 6  ? -13.54342 -20.04442 15.83855  1.000 370.83394 ? 13  DC C O2    1 
ATOM   688 N  N3    . DC C 3 6  ? -14.95481 -18.30971 16.23215  1.000 380.83250 ? 13  DC C N3    1 
ATOM   689 C  C4    . DC C 3 6  ? -16.15444 -17.76399 16.01998  1.000 374.65545 ? 13  DC C C4    1 
ATOM   690 N  N4    . DC C 3 6  ? -16.42065 -16.58344 16.59323  1.000 365.51488 ? 13  DC C N4    1 
ATOM   691 C  C5    . DC C 3 6  ? -17.13709 -18.40165 15.20599  1.000 370.46284 ? 13  DC C C5    1 
ATOM   692 C  C6    . DC C 3 6  ? -16.82029 -19.57755 14.65568  1.000 382.03002 ? 13  DC C C6    1 
ATOM   693 P  P     . DT C 3 7  ? -15.70393 -25.69929 14.51196  1.000 418.59756 ? 14  DT C P     1 
ATOM   694 O  OP1   . DT C 3 7  ? -15.07966 -26.94296 14.01000  1.000 432.22024 ? 14  DT C OP1   1 
ATOM   695 O  OP2   . DT C 3 7  ? -17.17753 -25.62057 14.64434  1.000 406.16975 ? 14  DT C OP2   1 
ATOM   696 O  "O5'" . DT C 3 7  ? -15.06981 -25.35816 15.94015  1.000 394.40518 ? 14  DT C "O5'" 1 
ATOM   697 C  "C5'" . DT C 3 7  ? -13.65511 -25.35407 16.11108  1.000 395.85273 ? 14  DT C "C5'" 1 
ATOM   698 C  "C4'" . DT C 3 7  ? -13.29606 -25.13167 17.56869  1.000 391.73907 ? 14  DT C "C4'" 1 
ATOM   699 O  "O4'" . DT C 3 7  ? -13.10811 -23.71992 17.81490  1.000 392.60497 ? 14  DT C "O4'" 1 
ATOM   700 C  "C3'" . DT C 3 7  ? -14.36654 -25.55699 18.55246  1.000 389.46249 ? 14  DT C "C3'" 1 
ATOM   701 O  "O3'" . DT C 3 7  ? -14.23696 -26.94281 18.84306  1.000 397.55293 ? 14  DT C "O3'" 1 
ATOM   702 C  "C2'" . DT C 3 7  ? -14.05525 -24.69036 19.77538  1.000 375.98719 ? 14  DT C "C2'" 1 
ATOM   703 C  "C1'" . DT C 3 7  ? -13.45202 -23.41828 19.15763  1.000 373.44214 ? 14  DT C "C1'" 1 
ATOM   704 N  N1    . DT C 3 7  ? -14.38214 -22.23949 19.16459  1.000 367.49933 ? 14  DT C N1    1 
ATOM   705 C  C2    . DT C 3 7  ? -14.04122 -21.10609 19.87364  1.000 360.41427 ? 14  DT C C2    1 
ATOM   706 O  O2    . DT C 3 7  ? -13.00499 -20.99846 20.50818  1.000 355.19522 ? 14  DT C O2    1 
ATOM   707 N  N3    . DT C 3 7  ? -14.96367 -20.09058 19.80996  1.000 354.49250 ? 14  DT C N3    1 
ATOM   708 C  C4    . DT C 3 7  ? -16.16695 -20.09919 19.12367  1.000 354.10825 ? 14  DT C C4    1 
ATOM   709 O  O4    . DT C 3 7  ? -16.94090 -19.14239 19.12063  1.000 344.97294 ? 14  DT C O4    1 
ATOM   710 C  C5    . DT C 3 7  ? -16.46004 -21.31736 18.40605  1.000 357.12177 ? 14  DT C C5    1 
ATOM   711 C  C7    . DT C 3 7  ? -17.73553 -21.44531 17.62685  1.000 353.18445 ? 14  DT C C7    1 
ATOM   712 C  C6    . DT C 3 7  ? -15.56583 -22.31360 18.46016  1.000 364.13576 ? 14  DT C C6    1 
ATOM   713 O  OP3   . DC D 4 1  ? 26.26255  5.78255   -20.61474 1.000 441.77928 ? 1   DC D OP3   1 
ATOM   714 P  P     . DC D 4 1  ? 26.21022  6.03108   -22.07369 1.000 432.82821 ? 1   DC D P     1 
ATOM   715 O  OP1   . DC D 4 1  ? 26.99781  4.96699   -22.73364 1.000 449.97764 ? 1   DC D OP1   1 
ATOM   716 O  OP2   . DC D 4 1  ? 24.78286  6.18865   -22.43386 1.000 397.76874 ? 1   DC D OP2   1 
ATOM   717 O  "O5'" . DC D 4 1  ? 26.93722  7.42931   -22.36306 1.000 400.84280 ? 1   DC D "O5'" 1 
ATOM   718 C  "C5'" . DC D 4 1  ? 28.16845  7.75100   -21.71171 1.000 409.50699 ? 1   DC D "C5'" 1 
ATOM   719 C  "C4'" . DC D 4 1  ? 28.00553  8.96553   -20.81235 1.000 406.87773 ? 1   DC D "C4'" 1 
ATOM   720 O  "O4'" . DC D 4 1  ? 27.24324  9.98775   -21.52165 1.000 386.95429 ? 1   DC D "O4'" 1 
ATOM   721 C  "C3'" . DC D 4 1  ? 27.24050  8.70557   -19.50485 1.000 395.67639 ? 1   DC D "C3'" 1 
ATOM   722 O  "O3'" . DC D 4 1  ? 27.81759  9.45861   -18.41052 1.000 398.28196 ? 1   DC D "O3'" 1 
ATOM   723 C  "C2'" . DC D 4 1  ? 25.84288  9.19407   -19.84936 1.000 387.24643 ? 1   DC D "C2'" 1 
ATOM   724 C  "C1'" . DC D 4 1  ? 26.18203  10.40451  -20.69506 1.000 384.73823 ? 1   DC D "C1'" 1 
ATOM   725 N  N1    . DC D 4 1  ? 25.04730  10.87870  -21.51180 1.000 360.86432 ? 1   DC D N1    1 
ATOM   726 C  C2    . DC D 4 1  ? 24.83678  12.25103  -21.67163 1.000 358.00082 ? 1   DC D C2    1 
ATOM   727 O  O2    . DC D 4 1  ? 25.62926  13.04899  -21.15444 1.000 364.03312 ? 1   DC D O2    1 
ATOM   728 N  N3    . DC D 4 1  ? 23.77923  12.66697  -22.40546 1.000 353.45290 ? 1   DC D N3    1 
ATOM   729 C  C4    . DC D 4 1  ? 22.94777  11.77367  -22.94628 1.000 347.27585 ? 1   DC D C4    1 
ATOM   730 N  N4    . DC D 4 1  ? 21.91581  12.23250  -23.66094 1.000 343.06482 ? 1   DC D N4    1 
ATOM   731 C  C5    . DC D 4 1  ? 23.13703  10.37168  -22.77857 1.000 345.25192 ? 1   DC D C5    1 
ATOM   732 C  C6    . DC D 4 1  ? 24.18424  9.97315   -22.05276 1.000 351.44214 ? 1   DC D C6    1 
ATOM   733 P  P     . DT D 4 2  ? 26.87308  10.22828  -17.35437 1.000 316.31687 ? 2   DT D P     1 
ATOM   734 O  OP1   . DT D 4 2  ? 25.78243  9.33319   -16.89499 1.000 326.00488 ? 2   DT D OP1   1 
ATOM   735 O  OP2   . DT D 4 2  ? 26.59283  11.56473  -17.92694 1.000 306.23935 ? 2   DT D OP2   1 
ATOM   736 O  "O5'" . DT D 4 2  ? 27.80449  10.50439  -16.08744 1.000 342.50422 ? 2   DT D "O5'" 1 
ATOM   737 C  "C5'" . DT D 4 2  ? 27.24390  10.43207  -14.77131 1.000 333.33733 ? 2   DT D "C5'" 1 
ATOM   738 C  "C4'" . DT D 4 2  ? 26.46327  11.69523  -14.41104 1.000 311.59525 ? 2   DT D "C4'" 1 
ATOM   739 O  "O4'" . DT D 4 2  ? 25.68524  12.14370  -15.54178 1.000 307.72111 ? 2   DT D "O4'" 1 
ATOM   740 C  "C3'" . DT D 4 2  ? 25.46344  11.52219  -13.26546 1.000 309.40815 ? 2   DT D "C3'" 1 
ATOM   741 O  "O3'" . DT D 4 2  ? 25.97616  12.09831  -12.03047 1.000 314.77195 ? 2   DT D "O3'" 1 
ATOM   742 C  "C2'" . DT D 4 2  ? 24.16240  12.19161  -13.75457 1.000 305.23660 ? 2   DT D "C2'" 1 
ATOM   743 C  "C1'" . DT D 4 2  ? 24.55128  12.83317  -15.08813 1.000 305.67086 ? 2   DT D "C1'" 1 
ATOM   744 N  N1    . DT D 4 2  ? 23.47420  12.75467  -16.16589 1.000 299.53855 ? 2   DT D N1    1 
ATOM   745 C  C2    . DT D 4 2  ? 22.64287  13.84003  -16.37965 1.000 298.31471 ? 2   DT D C2    1 
ATOM   746 O  O2    . DT D 4 2  ? 22.71245  14.87187  -15.73552 1.000 301.88620 ? 2   DT D O2    1 
ATOM   747 N  N3    . DT D 4 2  ? 21.71487  13.66860  -17.38107 1.000 292.70088 ? 2   DT D N3    1 
ATOM   748 C  C4    . DT D 4 2  ? 21.54015  12.54753  -18.17562 1.000 288.38194 ? 2   DT D C4    1 
ATOM   749 O  O4    . DT D 4 2  ? 20.67713  12.49019  -19.04947 1.000 283.58137 ? 2   DT D O4    1 
ATOM   750 C  C5    . DT D 4 2  ? 22.44426  11.45059  -17.90733 1.000 289.94003 ? 2   DT D C5    1 
ATOM   751 C  C7    . DT D 4 2  ? 22.34972  10.18369  -18.70659 1.000 285.62109 ? 2   DT D C7    1 
ATOM   752 C  C6    . DT D 4 2  ? 23.35713  11.60524  -16.93013 1.000 295.32751 ? 2   DT D C6    1 
ATOM   753 P  P     . DG D 4 3  ? 26.09159  13.69226  -11.79933 1.000 304.58389 ? 3   DG D P     1 
ATOM   754 O  OP1   . DG D 4 3  ? 26.62499  14.37125  -13.00442 1.000 306.25514 ? 3   DG D OP1   1 
ATOM   755 O  OP2   . DG D 4 3  ? 26.82080  13.85998  -10.52282 1.000 309.98190 ? 3   DG D OP2   1 
ATOM   756 O  "O5'" . DG D 4 3  ? 24.58410  14.16621  -11.53425 1.000 300.42286 ? 3   DG D "O5'" 1 
ATOM   757 C  "C5'" . DG D 4 3  ? 24.25164  15.54801  -11.62839 1.000 301.98094 ? 3   DG D "C5'" 1 
ATOM   758 C  "C4'" . DG D 4 3  ? 22.75211  15.76775  -11.50328 1.000 297.06983 ? 3   DG D "C4'" 1 
ATOM   759 O  "O4'" . DG D 4 3  ? 22.07446  15.31983  -12.70843 1.000 291.41126 ? 3   DG D "O4'" 1 
ATOM   760 C  "C3'" . DG D 4 3  ? 22.06571  15.02373  -10.34547 1.000 295.44069 ? 3   DG D "C3'" 1 
ATOM   761 O  "O3'" . DG D 4 3  ? 21.01127  15.83395  -9.81725  1.000 294.40635 ? 3   DG D "O3'" 1 
ATOM   762 C  "C2'" . DG D 4 3  ? 21.47727  13.81462  -11.06597 1.000 289.77685 ? 3   DG D "C2'" 1 
ATOM   763 C  "C1'" . DG D 4 3  ? 20.98813  14.52051  -12.31215 1.000 286.87387 ? 3   DG D "C1'" 1 
ATOM   764 N  N9    . DG D 4 3  ? 20.57837  13.66144  -13.41535 1.000 281.70746 ? 3   DG D N9    1 
ATOM   765 C  C8    . DG D 4 3  ? 20.96808  12.36913  -13.67935 1.000 280.14412 ? 3   DG D C8    1 
ATOM   766 N  N7    . DG D 4 3  ? 20.41320  11.87055  -14.75304 1.000 275.26458 ? 3   DG D N7    1 
ATOM   767 C  C5    . DG D 4 3  ? 19.60097  12.89832  -15.21961 1.000 273.46437 ? 3   DG D C5    1 
ATOM   768 C  C6    . DG D 4 3  ? 18.74801  12.95571  -16.34777 1.000 268.48219 ? 3   DG D C6    1 
ATOM   769 O  O6    . DG D 4 3  ? 18.52771  12.07944  -17.19407 1.000 264.58172 ? 3   DG D O6    1 
ATOM   770 N  N1    . DG D 4 3  ? 18.11171  14.19248  -16.44549 1.000 268.26111 ? 3   DG D N1    1 
ATOM   771 C  C2    . DG D 4 3  ? 18.27773  15.23520  -15.56611 1.000 272.34581 ? 3   DG D C2    1 
ATOM   772 N  N2    . DG D 4 3  ? 17.58426  16.35134  -15.81714 1.000 271.33780 ? 3   DG D N2    1 
ATOM   773 N  N3    . DG D 4 3  ? 19.07001  15.19240  -14.51359 1.000 277.08849 ? 3   DG D N3    1 
ATOM   774 C  C4    . DG D 4 3  ? 19.69664  13.99944  -14.40339 1.000 277.35694 ? 3   DG D C4    1 
ATOM   775 P  P     . DA D 4 4  ? 21.29881  17.10600  -8.87222  1.000 302.52048 ? 4   DA D P     1 
ATOM   776 O  OP1   . DA D 4 4  ? 22.58103  17.75624  -9.23994  1.000 307.65531 ? 4   DA D OP1   1 
ATOM   777 O  OP2   . DA D 4 4  ? 21.07644  16.64667  -7.48115  1.000 303.77853 ? 4   DA D OP2   1 
ATOM   778 O  "O5'" . DA D 4 4  ? 20.09908  18.10855  -9.23866  1.000 299.39116 ? 4   DA D "O5'" 1 
ATOM   779 C  "C5'" . DA D 4 4  ? 19.93527  18.56547  -10.58731 1.000 296.89876 ? 4   DA D "C5'" 1 
ATOM   780 C  "C4'" . DA D 4 4  ? 18.46973  18.83949  -10.91616 1.000 291.50600 ? 4   DA D "C4'" 1 
ATOM   781 O  "O4'" . DA D 4 4  ? 17.98248  17.84397  -11.85609 1.000 286.24748 ? 4   DA D "O4'" 1 
ATOM   782 C  "C3'" . DA D 4 4  ? 17.49902  18.81237  -9.73447  1.000 290.65327 ? 4   DA D "C3'" 1 
ATOM   783 O  "O3'" . DA D 4 4  ? 16.49465  19.81597  -9.92137  1.000 288.40563 ? 4   DA D "O3'" 1 
ATOM   784 C  "C2'" . DA D 4 4  ? 16.91605  17.40417  -9.81254  1.000 286.53962 ? 4   DA D "C2'" 1 
ATOM   785 C  "C1'" . DA D 4 4  ? 16.86113  17.17684  -11.31361 1.000 282.72600 ? 4   DA D "C1'" 1 
ATOM   786 N  N9    . DA D 4 4  ? 16.94384  15.77464  -11.68486 1.000 280.14938 ? 4   DA D N9    1 
ATOM   787 C  C8    . DA D 4 4  ? 17.66391  14.79821  -11.05432 1.000 282.33648 ? 4   DA D C8    1 
ATOM   788 N  N7    . DA D 4 4  ? 17.55429  13.61735  -11.61051 1.000 279.07293 ? 4   DA D N7    1 
ATOM   789 C  C5    . DA D 4 4  ? 16.70523  13.83660  -12.68468 1.000 274.48291 ? 4   DA D C5    1 
ATOM   790 C  C6    . DA D 4 4  ? 16.19201  12.98068  -13.67714 1.000 269.59811 ? 4   DA D C6    1 
ATOM   791 N  N6    . DA D 4 4  ? 16.47620  11.67603  -13.74627 1.000 268.49272 ? 4   DA D N6    1 
ATOM   792 N  N1    . DA D 4 4  ? 15.37071  13.52195  -14.60247 1.000 265.87925 ? 4   DA D N1    1 
ATOM   793 C  C2    . DA D 4 4  ? 15.08749  14.82781  -14.53025 1.000 266.93200 ? 4   DA D C2    1 
ATOM   794 N  N3    . DA D 4 4  ? 15.51019  15.72997  -13.64668 1.000 271.35885 ? 4   DA D N3    1 
ATOM   795 C  C4    . DA D 4 4  ? 16.32355  15.16106  -12.74169 1.000 275.04877 ? 4   DA D C4    1 
ATOM   796 P  P     . DT D 4 5  ? 15.28445  20.00452  -8.87658  1.000 284.61307 ? 5   DT D P     1 
ATOM   797 O  OP1   . DT D 4 5  ? 15.21247  21.44452  -8.53631  1.000 287.03705 ? 5   DT D OP1   1 
ATOM   798 O  OP2   . DT D 4 5  ? 15.39433  19.01564  -7.77933  1.000 286.18168 ? 5   DT D OP2   1 
ATOM   799 O  "O5'" . DT D 4 5  ? 13.99529  19.62936  -9.74519  1.000 278.17546 ? 5   DT D "O5'" 1 
ATOM   800 C  "C5'" . DT D 4 5  ? 13.82661  20.18964  -11.04532 1.000 275.37249 ? 5   DT D "C5'" 1 
ATOM   801 C  "C4'" . DT D 4 5  ? 12.60723  19.60002  -11.73442 1.000 269.38230 ? 5   DT D "C4'" 1 
ATOM   802 O  "O4'" . DT D 4 5  ? 12.91854  18.25941  -12.20349 1.000 267.72947 ? 5   DT D "O4'" 1 
ATOM   803 C  "C3'" . DT D 4 5  ? 11.36535  19.47338  -10.84377 1.000 267.76368 ? 5   DT D "C3'" 1 
ATOM   804 O  "O3'" . DT D 4 5  ? 10.19559  19.95557  -11.52995 1.000 263.32894 ? 5   DT D "O3'" 1 
ATOM   805 C  "C2'" . DT D 4 5  ? 11.28869  17.97493  -10.55230 1.000 266.91358 ? 5   DT D "C2'" 1 
ATOM   806 C  "C1'" . DT D 4 5  ? 11.90399  17.36948  -11.80363 1.000 264.93703 ? 5   DT D "C1'" 1 
ATOM   807 N  N1    . DT D 4 5  ? 12.51052  16.01004  -11.57269 1.000 265.79239 ? 5   DT D N1    1 
ATOM   808 C  C2    . DT D 4 5  ? 12.17879  14.97042  -12.41339 1.000 261.89719 ? 5   DT D C2    1 
ATOM   809 O  O2    . DT D 4 5  ? 11.41584  15.09092  -13.35622 1.000 257.79144 ? 5   DT D O2    1 
ATOM   810 N  N3    . DT D 4 5  ? 12.77871  13.77310  -12.11105 1.000 262.99995 ? 5   DT D N3    1 
ATOM   811 C  C4    . DT D 4 5  ? 13.65597  13.51766  -11.07365 1.000 267.48470 ? 5   DT D C4    1 
ATOM   812 O  O4    . DT D 4 5  ? 14.14345  12.40757  -10.88537 1.000 268.03740 ? 5   DT D O4    1 
ATOM   813 C  C5    . DT D 4 5  ? 13.95779  14.64818  -10.22788 1.000 271.46413 ? 5   DT D C5    1 
ATOM   814 C  C7    . DT D 4 5  ? 14.89584  14.49182  -9.06801  1.000 276.55421 ? 5   DT D C7    1 
ATOM   815 C  C6    . DT D 4 5  ? 13.37680  15.82447  -10.51316 1.000 270.45348 ? 5   DT D C6    1 
ATOM   816 P  P     . DG D 4 6  ? 8.78457   20.09597  -10.75957 1.000 278.80448 ? 6   DG D P     1 
ATOM   817 O  OP1   . DG D 4 6  ? 8.31133   21.49317  -10.90640 1.000 278.17546 ? 6   DG D OP1   1 
ATOM   818 O  OP2   . DG D 4 6  ? 8.92998   19.55472  -9.38592  1.000 282.22594 ? 6   DG D OP2   1 
ATOM   819 O  "O5'" . DG D 4 6  ? 7.81746   19.12586  -11.59450 1.000 273.73808 ? 6   DG D "O5'" 1 
ATOM   820 C  "C5'" . DG D 4 6  ? 7.96111   19.01808  -13.01797 1.000 270.47717 ? 6   DG D "C5'" 1 
ATOM   821 C  "C4'" . DG D 4 6  ? 7.38053   17.70718  -13.53096 1.000 267.05307 ? 6   DG D "C4'" 1 
ATOM   822 O  "O4'" . DG D 4 6  ? 8.32046   16.62557  -13.27151 1.000 269.14806 ? 6   DG D "O4'" 1 
ATOM   823 C  "C3'" . DG D 4 6  ? 6.05355   17.29609  -12.88319 1.000 265.69765 ? 6   DG D "C3'" 1 
ATOM   824 O  "O3'" . DG D 4 6  ? 5.11644   16.81935  -13.87155 1.000 261.15500 ? 6   DG D "O3'" 1 
ATOM   825 C  "C2'" . DG D 4 6  ? 6.46147   16.19172  -11.90780 1.000 268.62431 ? 6   DG D "C2'" 1 
ATOM   826 C  "C1'" . DG D 4 6  ? 7.66130   15.56471  -12.60722 1.000 268.85855 ? 6   DG D "C1'" 1 
ATOM   827 N  N9    . DG D 4 6  ? 8.60393   14.92125  -11.68101 1.000 272.88535 ? 6   DG D N9    1 
ATOM   828 C  C8    . DG D 4 6  ? 9.22282   15.50291  -10.59972 1.000 277.35957 ? 6   DG D C8    1 
ATOM   829 N  N7    . DG D 4 6  ? 10.01342  14.69394  -9.94672  1.000 280.28887 ? 6   DG D N7    1 
ATOM   830 C  C5    . DG D 4 6  ? 9.90735   13.48839  -10.63128 1.000 277.54117 ? 6   DG D C5    1 
ATOM   831 C  C6    . DG D 4 6  ? 10.53566  12.24238  -10.38350 1.000 278.73079 ? 6   DG D C6    1 
ATOM   832 O  O6    . DG D 4 6  ? 11.33494  11.94801  -9.48008  1.000 282.57599 ? 6   DG D O6    1 
ATOM   833 N  N1    . DG D 4 6  ? 10.15488  11.28275  -11.31538 1.000 274.90138 ? 6   DG D N1    1 
ATOM   834 C  C2    . DG D 4 6  ? 9.28007   11.49858  -12.35430 1.000 270.55349 ? 6   DG D C2    1 
ATOM   835 N  N2    . DG D 4 6  ? 9.03336   10.45556  -13.14748 1.000 267.37679 ? 6   DG D N2    1 
ATOM   836 N  N3    . DG D 4 6  ? 8.68418   12.65848  -12.60076 1.000 269.38756 ? 6   DG D N3    1 
ATOM   837 C  C4    . DG D 4 6  ? 9.04372   13.60767  -11.70139 1.000 273.00642 ? 6   DG D C4    1 
ATOM   838 P  P     . DT D 4 7  ? 3.55772   17.23187  -13.78078 1.000 266.90305 ? 7   DT D P     1 
ATOM   839 O  OP1   . DT D 4 7  ? 3.18563   17.75296  -15.11722 1.000 262.97627 ? 7   DT D OP1   1 
ATOM   840 O  OP2   . DT D 4 7  ? 3.33941   18.06187  -12.57125 1.000 275.08561 ? 7   DT D OP2   1 
ATOM   841 O  "O5'" . DT D 4 7  ? 2.78039   15.84631  -13.55796 1.000 266.07664 ? 7   DT D "O5'" 1 
ATOM   842 C  "C5'" . DT D 4 7  ? 3.16357   14.96123  -12.51412 1.000 269.40072 ? 7   DT D "C5'" 1 
ATOM   843 C  "C4'" . DT D 4 7  ? 3.36052   13.56438  -13.06607 1.000 268.02424 ? 7   DT D "C4'" 1 
ATOM   844 O  "O4'" . DT D 4 7  ? 4.76976   13.22380  -13.06931 1.000 269.90605 ? 7   DT D "O4'" 1 
ATOM   845 C  "C3'" . DT D 4 7  ? 2.70592   12.45144  -12.27452 1.000 269.53232 ? 7   DT D "C3'" 1 
ATOM   846 O  "O3'" . DT D 4 7  ? 1.33830   12.34812  -12.61342 1.000 267.18730 ? 7   DT D "O3'" 1 
ATOM   847 C  "C2'" . DT D 4 7  ? 3.50095   11.25255  -12.76564 1.000 268.99278 ? 7   DT D "C2'" 1 
ATOM   848 C  "C1'" . DT D 4 7  ? 4.91349   11.83767  -12.80112 1.000 270.64824 ? 7   DT D "C1'" 1 
ATOM   849 N  N1    . DT D 4 7  ? 5.64547   11.66944  -11.51111 1.000 275.36723 ? 7   DT D N1    1 
ATOM   850 C  C2    . DT D 4 7  ? 6.22367   10.45545  -11.22516 1.000 276.82003 ? 7   DT D C2    1 
ATOM   851 O  O2    . DT D 4 7  ? 6.18211   9.50182   -11.98338 1.000 296.02760 ? 7   DT D O2    1 
ATOM   852 N  N3    . DT D 4 7  ? 6.86348   10.39505  -10.01969 1.000 281.26267 ? 7   DT D N3    1 
ATOM   853 C  C4    . DT D 4 7  ? 6.97158   11.40302  -9.08082  1.000 284.33935 ? 7   DT D C4    1 
ATOM   854 O  O4    . DT D 4 7  ? 7.57275   11.24699  -8.02808  1.000 289.56893 ? 7   DT D O4    1 
ATOM   855 C  C5    . DT D 4 7  ? 6.34008   12.65216  -9.43725  1.000 282.54440 ? 7   DT D C5    1 
ATOM   856 C  C7    . DT D 4 7  ? 6.39558   13.82222  -8.50028  1.000 285.50002 ? 7   DT D C7    1 
ATOM   857 C  C6    . DT D 4 7  ? 5.71237   12.72424  -10.61943 1.000 278.19651 ? 7   DT D C6    1 
HETATM 858 AG AG    . AG E 5 .  ? -2.87579  0.14514   -3.14327  0.800 73.82000  ? 101 AG B AG    1 
HETATM 859 AG AG    . AG F 5 .  ? -0.67702  2.80599   -0.13838  0.480 73.82000  ? 102 AG B AG    1 
# 
loop_
_atom_site_anisotrop.id 
_atom_site_anisotrop.type_symbol 
_atom_site_anisotrop.pdbx_label_atom_id 
_atom_site_anisotrop.pdbx_label_alt_id 
_atom_site_anisotrop.pdbx_label_comp_id 
_atom_site_anisotrop.pdbx_label_asym_id 
_atom_site_anisotrop.pdbx_label_seq_id 
_atom_site_anisotrop.pdbx_PDB_ins_code 
_atom_site_anisotrop.U[1][1] 
_atom_site_anisotrop.U[2][2] 
_atom_site_anisotrop.U[3][3] 
_atom_site_anisotrop.U[1][2] 
_atom_site_anisotrop.U[1][3] 
_atom_site_anisotrop.U[2][3] 
_atom_site_anisotrop.pdbx_auth_seq_id 
_atom_site_anisotrop.pdbx_auth_comp_id 
_atom_site_anisotrop.pdbx_auth_asym_id 
_atom_site_anisotrop.pdbx_auth_atom_id 
1   O "O5'" . DG A 1  ? 3.92081 5.27761 4.04238 -0.21038 1.55479  0.00928  1  DG A "O5'" 
2   C "C5'" . DG A 1  ? 3.58986 4.98935 3.68690 -0.13271 1.52630  0.03092  1  DG A "C5'" 
3   C "C4'" . DG A 1  ? 3.56170 4.73960 3.53750 -0.03718 1.65768  0.15278  1  DG A "C4'" 
4   O "O4'" . DG A 1  ? 3.71798 4.74651 3.65891 -0.12828 1.89424  0.11135  1  DG A "O4'" 
5   C "C3'" . DG A 1  ? 3.68147 4.71321 3.59833 0.04691  1.64836  0.27610  1  DG A "C3'" 
6   O "O3'" . DG A 1  ? 3.71760 4.82836 3.62064 0.18540  1.46566  0.35899  1  DG A "O3'" 
7   C "C2'" . DG A 1  ? 3.77810 4.56092 3.58818 0.06900  1.87351  0.34961  1  DG A "C2'" 
8   C "C1'" . DG A 1  ? 3.88602 4.67013 3.72085 -0.06194 2.03296  0.23101  1  DG A "C1'" 
9   N N9    . DG A 1  ? 4.01661 4.66965 3.86294 -0.18787 2.22193  0.17666  1  DG A N9    
10  C C8    . DG A 1  ? 3.99154 4.74790 3.92976 -0.34652 2.26325  0.02771  1  DG A C8    
11  N N7    . DG A 1  ? 4.13272 4.73433 4.06645 -0.41751 2.33783  0.00736  1  DG A N7    
12  C C5    . DG A 1  ? 4.25858 4.64062 4.09540 -0.31192 2.38676  0.14374  1  DG A C5    
13  C C6    . DG A 1  ? 4.43913 4.58932 4.23745 -0.32500 2.47546  0.18018  1  DG A C6    
14  O O6    . DG A 1  ? 4.52579 4.61468 4.36563 -0.43429 2.53266  0.09781  1  DG A O6    
15  N N1    . DG A 1  ? 4.52583 4.50818 4.23109 -0.18885 2.49406  0.32527  1  DG A N1    
16  C C2    . DG A 1  ? 4.45040 4.48485 4.09914 -0.05124 2.42850  0.42775  1  DG A C2    
17  N N2    . DG A 1  ? 4.56174 4.42064 4.12292 0.07597  2.45036  0.56324  1  DG A N2    
18  N N3    . DG A 1  ? 4.28184 4.53070 3.96146 -0.03208 2.34492  0.39884  1  DG A N3    
19  C C4    . DG A 1  ? 4.19297 4.60370 3.97013 -0.16952 2.33311  0.25291  1  DG A C4    
20  P P     . DA A 2  ? 3.82658 4.88539 3.71353 0.27646  1.36546  0.46143  2  DA A P     
21  O OP1   . DA A 2  ? 4.07320 5.32692 4.02038 0.33827  1.13645  0.45511  2  DA A OP1   
22  O OP2   . DA A 2  ? 3.72627 4.68993 3.63400 0.18212  1.45540  0.43709  2  DA A OP2   
23  O "O5'" . DA A 2  ? 3.93321 4.81755 3.70124 0.40964  1.45065  0.59801  2  DA A "O5'" 
24  C "C5'" . DA A 2  ? 4.05099 4.84073 3.78189 0.50585  1.41770  0.70671  2  DA A "C5'" 
25  C "C4'" . DA A 2  ? 4.14800 4.71135 3.82725 0.47044  1.61977  0.74944  2  DA A "C4'" 
26  O "O4'" . DA A 2  ? 3.92662 4.45839 3.63389 0.31822  1.77094  0.64215  2  DA A "O4'" 
27  C "C3'" . DA A 2  ? 4.04289 4.55581 3.75770 0.46438  1.58550  0.77903  2  DA A "C3'" 
28  O "O3'" . DA A 2  ? 4.08654 4.39344 3.72213 0.54981  1.70460  0.89820  2  DA A "O3'" 
29  C "C2'" . DA A 2  ? 4.12863 4.64399 3.90688 0.29228  1.67486  0.66109  2  DA A "C2'" 
30  C "C1'" . DA A 2  ? 4.18240 4.59866 3.90905 0.24550  1.86489  0.63540  2  DA A "C1'" 
31  N N9    . DA A 2  ? 4.08537 4.52231 3.86913 0.07550  1.97381  0.50368  2  DA A N9    
32  C C8    . DA A 2  ? 4.03704 4.67037 3.90119 -0.02243 1.89543  0.37521  2  DA A C8    
33  N N7    . DA A 2  ? 3.80960 4.42358 3.71392 -0.17162 2.02912  0.26900  2  DA A N7    
34  C C5    . DA A 2  ? 3.84245 4.22070 3.68905 -0.17400 2.21214  0.33314  2  DA A C5    
35  C C6    . DA A 2  ? 3.98505 4.23404 3.84651 -0.28809 2.30315  0.26274  2  DA A C6    
36  N N6    . DA A 2  ? 3.98015 4.32558 3.91156 -0.43033 2.31809  0.12170  2  DA A N6    
37  N N1    . DA A 2  ? 4.14156 4.16101 3.94782 -0.24015 2.37079  0.34338  2  DA A N1    
38  C C2    . DA A 2  ? 4.15130 4.08362 3.89118 -0.09134 2.34742  0.48357  2  DA A C2    
39  N N3    . DA A 2  ? 4.15466 4.19926 3.86938 0.02892  2.25915  0.56513  2  DA A N3    
40  C C4    . DA A 2  ? 4.04422 4.31103 3.81686 -0.01915 2.17836  0.48088  2  DA A C4    
41  P P     . DG A 3  ? 4.53108 4.67165 4.18167 0.47902  1.83837  0.90542  3  DG A P     
42  O OP1   . DG A 3  ? 4.23706 4.50019 3.97635 0.43285  1.68705  0.85526  3  DG A OP1   
43  O OP2   . DG A 3  ? 4.99892 5.01562 4.62896 0.36400  2.05632  0.84714  3  DG A OP2   
44  O "O5'" . DG A 3  ? 4.72333 4.68989 4.29458 0.62583  1.89893  1.05769  3  DG A "O5'" 
45  C "C5'" . DG A 3  ? 4.88004 4.60942 4.40795 0.60234  2.11184  1.10071  3  DG A "C5'" 
46  C "C4'" . DG A 3  ? 4.80469 4.48874 4.41277 0.47231  2.14045  1.02287  3  DG A "C4'" 
47  O "O4'" . DG A 3  ? 4.61354 4.34423 4.26793 0.30388  2.19157  0.87906  3  DG A "O4'" 
48  C "C3'" . DG A 3  ? 4.62933 4.45504 4.30793 0.48043  1.97605  1.01791  3  DG A "C3'" 
49  O "O3'" . DG A 3  ? 4.77966 4.47727 4.45167 0.55752  2.00149  1.11284  3  DG A "O3'" 
50  C "C2'" . DG A 3  ? 4.44038 4.35226 4.19716 0.30098  1.97851  0.87527  3  DG A "C2'" 
51  C "C1'" . DG A 3  ? 4.46766 4.27405 4.20059 0.19745  2.15574  0.80559  3  DG A "C1'" 
52  N N9    . DG A 3  ? 4.30607 4.27483 4.09090 0.06504  2.14751  0.67361  3  DG A N9    
53  C C8    . DG A 3  ? 4.12668 4.30955 3.94188 0.07943  1.98294  0.62715  3  DG A C8    
54  N N7    . DG A 3  ? 3.98744 4.28598 3.85678 -0.05488 1.99480  0.49671  3  DG A N7    
55  C C5    . DG A 3  ? 4.13388 4.29064 4.00778 -0.16949 2.17035  0.44779  3  DG A C5    
56  C C6    . DG A 3  ? 4.01570 4.22303 3.94277 -0.33090 2.21022  0.30226  3  DG A C6    
57  O O6    . DG A 3  ? 3.90657 4.29930 3.88673 -0.41383 2.17595  0.19704  3  DG A O6    
58  N N1    . DG A 3  ? 4.15717 4.18211 4.07732 -0.38736 2.29345  0.28265  3  DG A N1    
59  C C2    . DG A 3  ? 4.26969 4.08745 4.14336 -0.30487 2.33814  0.38336  3  DG A C2    
60  N N2    . DG A 3  ? 4.42144 4.08183 4.30233 -0.37301 2.42325  0.34111  3  DG A N2    
61  N N3    . DG A 3  ? 4.31838 4.09089 4.14563 -0.15811 2.30040  0.51534  3  DG A N3    
62  C C4    . DG A 3  ? 4.30480 4.25414 4.13186 -0.09654 2.21439  0.54245  3  DG A C4    
63  P P     . DC A 4  ? 5.00394 4.56201 4.72576 0.44772  2.09566  1.06487  4  DC A P     
64  O OP1   . DC A 4  ? 5.03856 4.47027 4.75238 0.33248  2.21967  0.97168  4  DC A OP1   
65  O OP2   . DC A 4  ? 4.75594 4.20228 4.46958 0.56739  2.08756  1.17382  4  DC A OP2   
66  O "O5'" . DC A 4  ? 4.77371 4.51400 4.57759 0.34892  1.96841  0.97627  4  DC A "O5'" 
67  C "C5'" . DC A 4  ? 4.71382 4.39605 4.56743 0.25473  2.01168  0.93623  4  DC A "C5'" 
68  C "C4'" . DC A 4  ? 4.72241 4.28677 4.58291 0.11047  2.13408  0.82633  4  DC A "C4'" 
69  O "O4'" . DC A 4  ? 4.47539 4.11745 4.32056 0.05055  2.16188  0.75481  4  DC A "O4'" 
70  C "C3'" . DC A 4  ? 4.66346 4.27005 4.58409 -0.03798 2.12399  0.71994  4  DC A "C3'" 
71  O "O3'" . DC A 4  ? 4.73729 4.21285 4.67496 -0.01463 2.13655  0.75946  4  DC A "O3'" 
72  C "C2'" . DC A 4  ? 4.59753 4.16142 4.51725 -0.16420 2.21565  0.60441  4  DC A "C2'" 
73  C "C1'" . DC A 4  ? 4.48425 4.12457 4.36748 -0.11535 2.21569  0.61967  4  DC A "C1'" 
74  N N1    . DC A 4  ? 4.36166 4.22947 4.28297 -0.20263 2.15487  0.52652  4  DC A N1    
75  C C2    . DC A 4  ? 4.25982 4.18505 4.22263 -0.36129 2.18562  0.38628  4  DC A C2    
76  O O2    . DC A 4  ? 4.31023 4.09595 4.27592 -0.42606 2.26136  0.34299  4  DC A O2    
77  N N3    . DC A 4  ? 4.12423 4.26444 4.12754 -0.43278 2.12844  0.30003  4  DC A N3    
78  C C4    . DC A 4  ? 4.10644 4.39386 4.11180 -0.34704 2.01322  0.34232  4  DC A C4    
79  N N4    . DC A 4  ? 4.03924 4.54232 4.09244 -0.40859 1.89430  0.24170  4  DC A N4    
80  C C5    . DC A 4  ? 4.09420 4.32698 4.05693 -0.17727 1.93018  0.47721  4  DC A C5    
81  C C6    . DC A 4  ? 4.26627 4.29185 4.18578 -0.11454 2.05029  0.57571  4  DC A C6    
82  P P     . DA A 5  ? 5.48376 4.73683 5.41771 -0.05331 2.25755  0.72961  5  DA A P     
83  O OP1   . DA A 5  ? 5.72575 4.85681 5.60825 0.00799  2.34855  0.76434  5  DA A OP1   
84  O OP2   . DA A 5  ? 5.43752 4.60558 5.39620 0.00544  2.23999  0.79095  5  DA A OP2   
85  O "O5'" . DA A 5  ? 5.15657 4.46563 5.12769 -0.23777 2.27725  0.57864  5  DA A "O5'" 
86  C "C5'" . DA A 5  ? 5.17727 4.33010 5.15334 -0.30633 2.38089  0.51600  5  DA A "C5'" 
87  C "C4'" . DA A 5  ? 5.13382 4.38448 5.14670 -0.46837 2.36781  0.37991  5  DA A "C4'" 
88  O "O4'" . DA A 5  ? 5.04376 4.47975 5.06119 -0.52856 2.32444  0.31795  5  DA A "O4'" 
89  C "C3'" . DA A 5  ? 5.07472 4.40354 5.12174 -0.51109 2.28490  0.36380  5  DA A "C3'" 
90  O "O3'" . DA A 5  ? 5.08449 4.37035 5.15176 -0.62878 2.32758  0.25963  5  DA A "O3'" 
91  C "C2'" . DA A 5  ? 4.98409 4.54693 5.04378 -0.54201 2.17941  0.34169  5  DA A "C2'" 
92  C "C1'" . DA A 5  ? 5.00670 4.62480 5.05880 -0.60114 2.22537  0.26650  5  DA A "C1'" 
93  N N9    . DA A 5  ? 5.00654 4.81265 5.06061 -0.58042 2.15445  0.27286  5  DA A N9    
94  C C8    . DA A 5  ? 5.05003 4.88290 5.08107 -0.45255 2.11433  0.37957  5  DA A C8    
95  N N7    . DA A 5  ? 4.96403 4.98092 5.00635 -0.45930 2.05765  0.35421  5  DA A N7    
96  C C5    . DA A 5  ? 4.88989 5.01415 4.96767 -0.60564 2.05705  0.21849  5  DA A C5    
97  C C6    . DA A 5  ? 4.68804 5.02705 4.79961 -0.68366 2.00608  0.12254  5  DA A C6    
98  N N6    . DA A 5  ? 4.72841 5.21081 4.84308 -0.60914 1.89962  0.14748  5  DA A N6    
99  N N1    . DA A 5  ? 4.46350 4.86762 4.60648 -0.81879 2.01200  -0.00446 5  DA A N1    
100 C C2    . DA A 5  ? 4.58983 4.84441 4.72696 -0.87017 2.07206  -0.03142 5  DA A C2    
101 N N3    . DA A 5  ? 4.68957 4.73763 4.79929 -0.81047 2.12811  0.04588  5  DA A N3    
102 C C4    . DA A 5  ? 4.88204 4.87730 4.96426 -0.67833 2.11512  0.16998  5  DA A C4    
103 P P     . DG A 6  ? 5.12854 4.48742 5.22413 -0.70054 2.25425  0.21696  6  DG A P     
104 O OP1   . DG A 6  ? 5.17307 4.39546 5.27546 -0.76955 2.33540  0.14512  6  DG A OP1   
105 O OP2   . DG A 6  ? 4.91479 4.28621 5.01480 -0.60015 2.18059  0.32383  6  DG A OP2   
106 O "O5'" . DG A 6  ? 4.92180 4.51155 5.03126 -0.80546 2.17728  0.12606  6  DG A "O5'" 
107 C "C5'" . DG A 6  ? 4.97853 4.60612 5.09245 -0.90947 2.22586  0.01088  6  DG A "C5'" 
108 C "C4'" . DG A 6  ? 4.84944 4.69645 4.98331 -1.01103 2.13707  -0.07934 6  DG A "C4'" 
109 O "O4'" . DG A 6  ? 4.83030 4.83975 4.97045 -0.98411 2.08350  -0.06589 6  DG A "O4'" 
110 C "C3'" . DG A 6  ? 4.79094 4.70477 4.93179 -1.02558 2.04636  -0.06283 6  DG A "C3'" 
111 O "O3'" . DG A 6  ? 4.80979 4.78856 4.95465 -1.14875 2.03202  -0.17854 6  DG A "O3'" 
112 C "C2'" . DG A 6  ? 4.65064 4.74558 4.79958 -0.98306 1.94596  -0.01606 6  DG A "C2'" 
113 C "C1'" . DG A 6  ? 4.75198 4.93963 4.90640 -0.99980 1.96908  -0.06455 6  DG A "C1'" 
114 N N9    . DG A 6  ? 4.72384 4.99706 4.87700 -0.90650 1.92454  0.01373  6  DG A N9    
115 C C8    . DG A 6  ? 4.73573 4.89025 4.86722 -0.77306 1.94888  0.13872  6  DG A C8    
116 N N7    . DG A 6  ? 4.74686 5.01661 4.87873 -0.70513 1.90013  0.18487  6  DG A N7    
117 C C5    . DG A 6  ? 4.60442 5.08918 4.76321 -0.79081 1.79897  0.07825  6  DG A C5    
118 C C6    . DG A 6  ? 4.45233 5.13208 4.62479 -0.73406 1.62236  0.06637  6  DG A C6    
119 O O6    . DG A 6  ? 4.49046 5.19144 4.65269 -0.60086 1.52720  0.14593  6  DG A O6    
120 N N1    . DG A 6  ? 4.31225 5.18146 4.51539 -0.84878 1.55861  -0.05464 6  DG A N1    
121 C C2    . DG A 6  ? 4.31882 5.19694 4.53284 -1.00259 1.65133  -0.15580 6  DG A C2    
122 N N2    . DG A 6  ? 4.25493 5.34691 4.49696 -1.09130 1.56207  -0.26578 6  DG A N2    
123 N N3    . DG A 6  ? 4.39704 5.08278 4.59498 -1.04507 1.78886  -0.14688 6  DG A N3    
124 C C4    . DG A 6  ? 4.59733 5.09202 4.76995 -0.92981 1.84697  -0.02658 6  DG A C4    
125 P P     . DC A 7  ? 4.03603 4.08486 4.17831 -1.18784 1.94227  -0.18401 7  DC A P     
126 O OP1   . DC A 7  ? 4.14681 4.15792 4.27777 -1.29407 1.97927  -0.29258 7  DC A OP1   
127 O OP2   . DC A 7  ? 3.98225 3.92909 4.12457 -1.08064 1.92446  -0.05991 7  DC A OP2   
128 O "O5'" . DC A 7  ? 3.86927 4.17244 4.02039 -1.22496 1.83016  -0.21568 7  DC A "O5'" 
129 C "C5'" . DC A 7  ? 3.88237 4.33050 4.04373 -1.30053 1.82728  -0.31872 7  DC A "C5'" 
130 C "C4'" . DC A 7  ? 3.70748 4.41079 3.88103 -1.32268 1.70386  -0.33788 7  DC A "C4'" 
131 O "O4'" . DC A 7  ? 3.74030 4.48222 3.92779 -1.22368 1.68688  -0.25262 7  DC A "O4'" 
132 C "C3'" . DC A 7  ? 3.67575 4.45290 3.83385 -1.34118 1.60452  -0.31471 7  DC A "C3'" 
133 O "O3'" . DC A 7  ? 3.65502 4.67408 3.81280 -1.43899 1.50898  -0.41302 7  DC A "O3'" 
134 C "C2'" . DC A 7  ? 3.67027 4.45672 3.83431 -1.21727 1.53622  -0.19311 7  DC A "C2'" 
135 C "C1'" . DC A 7  ? 3.71813 4.58924 3.90293 -1.17442 1.53233  -0.20498 7  DC A "C1'" 
136 N N1    . DC A 7  ? 3.75176 4.56452 3.93502 -1.00409 1.46295  -0.08374 7  DC A N1    
137 C C2    . DC A 7  ? 3.68637 4.66901 3.88041 -0.91895 1.27723  -0.06799 7  DC A C2    
138 O O2    . DC A 7  ? 3.54303 4.71502 3.74855 -0.98164 1.17566  -0.14943 7  DC A O2    
139 N N3    . DC A 7  ? 3.78047 4.72071 3.97322 -0.76968 1.21484  0.03418  7  DC A N3    
140 C C4    . DC A 7  ? 3.89005 4.63415 4.06740 -0.70014 1.32489  0.12213  7  DC A C4    
141 N N4    . DC A 7  ? 4.11779 4.84213 4.29058 -0.55220 1.25365  0.21773  7  DC A N4    
142 C C5    . DC A 7  ? 3.85925 4.42338 4.02647 -0.77786 1.51422  0.11445  7  DC A C5    
143 C C6    . DC A 7  ? 3.84590 4.44796 4.01834 -0.93148 1.58010  0.00881  7  DC A C6    
144 P P     . DC A 8  ? 4.27394 5.35388 4.39648 -1.51221 1.43170  -0.44440 8  DC A P     
145 O OP1   . DC A 8  ? 4.21640 5.20267 4.31423 -1.59787 1.50667  -0.54191 8  DC A OP1   
146 O OP2   . DC A 8  ? 4.30243 5.26692 4.41195 -1.42571 1.39396  -0.32622 8  DC A OP2   
147 O "O5'" . DC A 8  ? 3.99800 5.37310 4.12300 -1.53030 1.25359  -0.49662 8  DC A "O5'" 
148 C "C5'" . DC A 8  ? 3.99530 5.42733 4.11118 -1.39087 1.05637  -0.40532 8  DC A "C5'" 
149 C "C4'" . DC A 8  ? 4.01089 5.66149 4.15541 -1.35206 0.92704  -0.44036 8  DC A "C4'" 
150 O "O4'" . DC A 8  ? 4.10745 5.69970 4.28815 -1.25983 0.96655  -0.38883 8  DC A "O4'" 
151 C "C3'" . DC A 8  ? 4.10780 5.89398 4.23552 -1.26455 0.70313  -0.39607 8  DC A "C3'" 
152 O "O3'" . DC A 8  ? 4.15601 6.16814 4.27775 -1.35060 0.62496  -0.49812 8  DC A "O3'" 
153 C "C2'" . DC A 8  ? 4.11582 5.91879 4.28109 -1.11905 0.61877  -0.32039 8  DC A "C2'" 
154 C "C1'" . DC A 8  ? 4.22702 5.87226 4.41462 -1.11463 0.79536  -0.30279 8  DC A "C1'" 
155 N N1    . DC A 8  ? 4.24170 5.67814 4.41996 -1.00127 0.82725  -0.17936 8  DC A N1    
156 C C2    . DC A 8  ? 4.22640 5.67591 4.41949 -0.85109 0.70563  -0.08998 8  DC A C2    
157 O O2    . DC A 8  ? 4.25151 5.87283 4.46556 -0.81125 0.57267  -0.10872 8  DC A O2    
158 N N3    . DC A 8  ? 4.19171 5.46977 4.37912 -0.75264 0.73712  0.01256  8  DC A N3    
159 C C4    . DC A 8  ? 4.21427 5.30997 4.38556 -0.79371 0.88232  0.03212  8  DC A C4    
160 N N4    . DC A 8  ? 4.33492 5.27906 4.50632 -0.68700 0.90338  0.13385  8  DC A N4    
161 C C5    . DC A 8  ? 4.13166 5.19892 4.29002 -0.94551 1.01326  -0.05511 8  DC A C5    
162 C C6    . DC A 8  ? 4.11130 5.35311 4.27239 -1.04657 0.98146  -0.16059 8  DC A C6    
163 P P     . DT A 9  ? 4.14931 6.37331 4.27488 -1.26820 0.40112  -0.48447 9  DT A P     
164 O OP1   . DT A 9  ? 4.03086 6.34251 4.21873 -1.20308 0.37666  -0.48866 9  DT A OP1   
165 O OP2   . DT A 9  ? 4.22508 6.61892 4.31601 -1.37428 0.35076  -0.57609 9  DT A OP2   
166 O "O5'" . DT A 9  ? 4.12796 6.23593 4.21901 -1.14818 0.28936  -0.36005 9  DT A "O5'" 
167 C "C5'" . DT A 9  ? 4.14067 6.38256 4.21797 -1.07133 0.09530  -0.32721 9  DT A "C5'" 
168 C "C4'" . DT A 9  ? 4.05531 6.42982 4.19367 -0.97996 0.00300  -0.31914 9  DT A "C4'" 
169 O "O4'" . DT A 9  ? 4.12517 6.37598 4.30485 -0.93521 0.10887  -0.28541 9  DT A "O4'" 
170 C "C3'" . DT A 9  ? 4.06212 6.48949 4.20249 -0.84870 -0.18012 -0.23977 9  DT A "C3'" 
171 O "O3'" . DT A 9  ? 4.01976 6.67908 4.18366 -0.84455 -0.29990 -0.29250 9  DT A "O3'" 
172 C "C2'" . DT A 9  ? 4.03430 6.35467 4.22083 -0.73082 -0.16934 -0.16081 9  DT A "C2'" 
173 C "C1'" . DT A 9  ? 4.06117 6.24981 4.25753 -0.79154 0.01956  -0.18335 9  DT A "C1'" 
174 N N1    . DT A 9  ? 4.08692 6.04332 4.25987 -0.75894 0.10709  -0.10446 9  DT A N1    
175 C C2    . DT A 9  ? 4.10543 5.97646 4.29931 -0.62725 0.06105  -0.01016 9  DT A C2    
176 O O2    . DT A 9  ? 4.23944 6.20655 4.46711 -0.53633 -0.04756 0.01410  9  DT A O2    
177 N N3    . DT A 9  ? 4.09002 5.76393 4.26695 -0.60575 0.14684  0.05184  9  DT A N3    
178 C C4    . DT A 9  ? 4.06076 5.60731 4.20593 -0.70059 0.27668  0.03137  9  DT A C4    
179 O O4    . DT A 9  ? 4.02134 5.39609 4.16136 -0.66705 0.34621  0.09214  9  DT A O4    
180 C C5    . DT A 9  ? 4.08299 5.72054 4.20597 -0.84144 0.32502  -0.07041 9  DT A C5    
181 C C7    . DT A 9  ? 4.09482 5.60942 4.18486 -0.95950 0.47059  -0.10787 9  DT A C7    
182 C C6    . DT A 9  ? 4.12823 5.96840 4.26527 -0.86298 0.23722  -0.13337 9  DT A C6    
183 P P     . DG A 10 ? 3.10764 5.88813 3.22532 -0.82020 -0.46404 -0.27878 10 DG A P     
184 O OP1   . DG A 10 ? 2.80199 5.75238 2.97573 -0.72947 -0.59971 -0.27314 10 DG A OP1   
185 O OP2   . DG A 10 ? 3.55705 6.40551 3.61744 -0.95351 -0.42094 -0.36011 10 DG A OP2   
186 O "O5'" . DG A 10 ? 2.95838 5.54913 3.03419 -0.73974 -0.49986 -0.16935 10 DG A "O5'" 
187 C "C5'" . DG A 10 ? 2.85009 5.46435 2.94096 -0.61148 -0.64520 -0.09400 10 DG A "C5'" 
188 C "C4'" . DG A 10 ? 2.66852 5.18184 2.82034 -0.51100 -0.62529 -0.03275 10 DG A "C4'" 
189 O "O4'" . DG A 10 ? 2.92032 5.26405 3.06513 -0.55871 -0.47036 -0.02884 10 DG A "O4'" 
190 C "C3'" . DG A 10 ? 2.51505 4.94271 2.66874 -0.39118 -0.72209 0.06164  10 DG A "C3'" 
191 O "O3'" . DG A 10 ? 2.40113 4.88198 2.60329 -0.28779 -0.81702 0.07384  10 DG A "O3'" 
192 C "C2'" . DG A 10 ? 2.62132 4.85982 2.79426 -0.35515 -0.62047 0.11300  10 DG A "C2'" 
193 C "C1'" . DG A 10 ? 2.92001 5.13506 3.09453 -0.45416 -0.46891 0.05178  10 DG A "C1'" 
194 N N9    . DG A 10 ? 3.00393 5.02395 3.15242 -0.49357 -0.33492 0.07550  10 DG A N9    
195 C C8    . DG A 10 ? 3.06319 5.02815 3.17456 -0.61791 -0.20862 0.02097  10 DG A C8    
196 N N7    . DG A 10 ? 3.05984 4.83916 3.16231 -0.62223 -0.09978 0.05959  10 DG A N7    
197 C C5    . DG A 10 ? 3.11844 4.83421 3.25305 -0.49159 -0.16188 0.14386  10 DG A C5    
198 C C6    . DG A 10 ? 3.17791 4.71922 3.32346 -0.43188 -0.10124 0.21334  10 DG A C6    
199 O O6    . DG A 10 ? 3.32211 4.71699 3.45290 -0.47980 0.02530  0.21971  10 DG A O6    
200 N N1    . DG A 10 ? 3.15387 4.70631 3.33703 -0.30077 -0.20195 0.27800  10 DG A N1    
201 C C2    . DG A 10 ? 2.97179 4.67313 3.17988 -0.23764 -0.33766 0.27648  10 DG A C2    
202 N N2    . DG A 10 ? 2.86186 4.55008 3.10856 -0.11682 -0.41316 0.33744  10 DG A N2    
203 N N3    . DG A 10 ? 2.77743 4.63572 2.97815 -0.28841 -0.39462 0.21667  10 DG A N3    
204 C C4    . DG A 10 ? 2.99193 4.85285 3.15452 -0.41472 -0.30371 0.15195  10 DG A C4    
205 P P     . DT A 11 ? 2.24152 4.56730 2.41179 -0.20341 -0.89396 0.09446  11 DT A P     
206 O OP1   . DT A 11 ? 2.31418 4.71879 2.49814 -0.21105 -0.91853 0.03726  11 DT A OP1   
207 O OP2   . DT A 11 ? 2.11194 4.37644 2.21112 -0.23936 -0.90149 0.12242  11 DT A OP2   
208 O "O5'" . DT A 11 ? 2.32383 4.47777 2.54090 -0.07576 -0.92290 0.14609  11 DT A "O5'" 
209 C "C5'" . DT A 11 ? 2.19201 4.16513 2.38496 -0.01137 -0.96343 0.18647  11 DT A "C5'" 
210 C "C4'" . DT A 11 ? 2.04293 3.94126 2.24561 0.01573  -0.93285 0.23729  11 DT A "C4'" 
211 O "O4'" . DT A 11 ? 2.02082 4.06623 2.21275 -0.07427 -0.87573 0.24714  11 DT A "O4'" 
212 C "C3'" . DT A 11 ? 1.99800 3.74676 2.16214 0.04774  -0.95874 0.27027  11 DT A "C3'" 
213 O "O3'" . DT A 11 ? 1.95227 3.54895 2.15798 0.13396  -0.96211 0.29317  11 DT A "O3'" 
214 C "C2'" . DT A 11 ? 2.03009 3.87002 2.15059 -0.04452 -0.91839 0.29665  11 DT A "C2'" 
215 C "C1'" . DT A 11 ? 2.16404 4.12823 2.33233 -0.07351 -0.86708 0.30108  11 DT A "C1'" 
216 N N1    . DT A 11 ? 2.44829 4.40329 2.58232 -0.18191 -0.76368 0.29160  11 DT A N1    
217 C C2    . DT A 11 ? 2.42848 4.22914 2.58238 -0.15800 -0.67591 0.32868  11 DT A C2    
218 O O2    . DT A 11 ? 2.52708 4.28475 2.72807 -0.05909 -0.70992 0.37843  11 DT A O2    
219 N N3    . DT A 11 ? 2.58681 4.29005 2.70634 -0.25314 -0.54535 0.30329  11 DT A N3    
220 C C4    . DT A 11 ? 2.77497 4.52164 2.84319 -0.37430 -0.49198 0.23919  11 DT A C4    
221 O O4    . DT A 11 ? 2.97369 4.62075 3.01866 -0.45758 -0.36526 0.21631  11 DT A O4    
222 C C5    . DT A 11 ? 2.72594 4.64879 2.77277 -0.39534 -0.59407 0.19856  11 DT A C5    
223 C C7    . DT A 11 ? 2.84922 4.85330 2.84128 -0.52409 -0.55202 0.12121  11 DT A C7    
224 C C6    . DT A 11 ? 2.54697 4.56219 2.62734 -0.29560 -0.72509 0.23004  11 DT A C6    
225 P P     . DC A 12 ? 2.60865 4.14817 2.81698 0.14667  -0.92728 0.34325  12 DC A P     
226 O OP1   . DC A 12 ? 2.65221 4.16826 2.80143 0.10720  -0.93838 0.36229  12 DC A OP1   
227 O OP2   . DC A 12 ? 2.99709 4.64368 3.24153 0.12752  -0.87385 0.37222  12 DC A OP2   
228 O "O5'" . DC A 12 ? 2.74882 4.10760 2.99368 0.23813  -0.94865 0.33436  12 DC A "O5'" 
229 C "C5'" . DC A 12 ? 2.43893 3.68532 2.66695 0.26547  -0.95542 0.34793  12 DC A "C5'" 
230 C "C4'" . DC A 12 ? 2.47103 3.74409 2.71217 0.25323  -0.90509 0.40111  12 DC A "C4'" 
231 O "O4'" . DC A 12 ? 2.57420 4.00770 2.80430 0.17325  -0.87148 0.43881  12 DC A "O4'" 
232 C "C3'" . DC A 12 ? 2.44889 3.64944 2.66408 0.25157  -0.90676 0.42684  12 DC A "C3'" 
233 O "O3'" . DC A 12 ? 2.36580 3.44456 2.61734 0.32439  -0.90286 0.41184  12 DC A "O3'" 
234 C "C2'" . DC A 12 ? 2.64883 3.95050 2.85637 0.16943  -0.86942 0.49717  12 DC A "C2'" 
235 C "C1'" . DC A 12 ? 2.61814 4.05210 2.85186 0.14390  -0.84118 0.50254  12 DC A "C1'" 
236 N N1    . DC A 12 ? 2.71096 4.16871 2.89073 0.02394  -0.76399 0.48673  12 DC A N1    
237 C C2    . DC A 12 ? 2.95854 4.28834 3.13932 -0.01353 -0.64113 0.49146  12 DC A C2    
238 O O2    . DC A 12 ? 2.92377 4.17730 3.15563 0.05798  -0.62299 0.52893  12 DC A O2    
239 N N3    . DC A 12 ? 3.22328 4.52048 3.35214 -0.12702 -0.54301 0.45216  12 DC A N3    
240 C C4    . DC A 12 ? 3.22024 4.61946 3.29720 -0.20080 -0.57068 0.40649  12 DC A C4    
241 N N4    . DC A 12 ? 3.45345 4.82482 3.48473 -0.31534 -0.46905 0.36076  12 DC A N4    
242 C C5    . DC A 12 ? 2.96665 4.50564 3.03991 -0.15928 -0.70155 0.40360  12 DC A C5    
243 C C6    . DC A 12 ? 2.73002 4.28696 2.85602 -0.04704 -0.79143 0.44611  12 DC A C6    
244 P P     . DT A 13 ? 2.76230 3.83132 3.07207 0.35622  -0.85688 0.44119  13 DT A P     
245 O OP1   . DT A 13 ? 2.84475 4.01894 3.17591 0.33962  -0.82891 0.46274  13 DT A OP1   
246 O OP2   . DT A 13 ? 2.58812 3.52867 2.92041 0.42179  -0.87756 0.38731  13 DT A OP2   
247 O "O5'" . DT A 13 ? 2.96575 4.04678 3.28277 0.32100  -0.82429 0.51493  13 DT A "O5'" 
248 C "C5'" . DT A 13 ? 3.01752 4.18780 3.36618 0.28030  -0.77921 0.59363  13 DT A "C5'" 
249 C "C4'" . DT A 13 ? 3.18858 4.24981 3.50501 0.21110  -0.72302 0.60690  13 DT A "C4'" 
250 O "O4'" . DT A 13 ? 3.61076 4.66617 3.85007 0.09892  -0.66345 0.57629  13 DT A "O4'" 
251 C "C3'" . DT A 13 ? 3.01390 4.03642 3.31748 0.22088  -0.78956 0.61337  13 DT A "C3'" 
252 O "O3'" . DT A 13 ? 3.15952 4.05732 3.49417 0.22874  -0.73706 0.62552  13 DT A "O3'" 
253 C "C2'" . DT A 13 ? 3.37591 4.40266 3.58083 0.12034  -0.78695 0.59047  13 DT A "C2'" 
254 C "C1'" . DT A 13 ? 3.60216 4.59698 3.78096 0.03965  -0.67422 0.56876  13 DT A "C1'" 
255 N N1    . DT A 13 ? 3.42065 4.47995 3.51749 -0.05729 -0.66660 0.53189  13 DT A N1    
256 C C2    . DT A 13 ? 3.70482 4.70131 3.75897 -0.15963 -0.55475 0.50307  13 DT A C2    
257 O O2    . DT A 13 ? 3.86212 4.74213 3.94215 -0.17291 -0.45831 0.51124  13 DT A O2    
258 N N3    . DT A 13 ? 3.78572 4.86623 3.76945 -0.24622 -0.55792 0.46123  13 DT A N3    
259 C C4    . DT A 13 ? 3.61457 4.83645 3.56758 -0.23473 -0.66361 0.44968  13 DT A C4    
260 O O4    . DT A 13 ? 3.68383 4.98797 3.57601 -0.31581 -0.66057 0.40722  13 DT A O4    
261 C C5    . DT A 13 ? 3.33739 4.60927 3.33944 -0.12048 -0.77584 0.48767  13 DT A C5    
262 C C7    . DT A 13 ? 3.14401 4.56386 3.12504 -0.09161 -0.89320 0.48279  13 DT A C7    
263 C C6    . DT A 13 ? 3.25313 4.44073 3.32363 -0.04158 -0.76970 0.52405  13 DT A C6    
264 P P     . DG A 14 ? 2.55213 3.44465 2.98832 0.33919  -0.75879 0.64304  14 DG A P     
265 O OP1   . DG A 14 ? 2.40761 3.32794 2.83365 0.39478  -0.75843 0.57998  14 DG A OP1   
266 O OP2   . DG A 14 ? 2.56171 3.37080 2.98679 0.35573  -0.78283 0.60958  14 DG A OP2   
267 O "O5'" . DG A 14 ? 2.75147 3.53950 3.21564 0.32257  -0.64533 0.65429  14 DG A "O5'" 
268 C "C5'" . DG A 14 ? 2.95514 3.62496 3.44300 0.31028  -0.60481 0.65412  14 DG A "C5'" 
269 C "C4'" . DG A 14 ? 3.15268 3.71472 3.62930 0.25014  -0.47873 0.65503  14 DG A "C4'" 
270 O "O4'" . DG A 14 ? 3.30809 3.86354 3.69527 0.14586  -0.43082 0.63629  14 DG A "O4'" 
271 C "C3'" . DG A 14 ? 3.09963 3.53164 3.58943 0.21392  -0.42688 0.64720  14 DG A "C3'" 
272 O "O3'" . DG A 14 ? 3.25153 3.59472 3.76465 0.19125  -0.31146 0.65421  14 DG A "O3'" 
273 C "C2'" . DG A 14 ? 3.35709 3.75761 3.74490 0.11067  -0.43163 0.62515  14 DG A "C2'" 
274 C "C1'" . DG A 14 ? 3.41901 3.88634 3.74656 0.05865  -0.40676 0.61696  14 DG A "C1'" 
275 N N9    . DG A 14 ? 3.43264 3.97994 3.68162 0.01843  -0.48107 0.60206  14 DG A N9    
276 C C8    . DG A 14 ? 3.26653 3.90747 3.52471 0.08356  -0.59721 0.61098  14 DG A C8    
277 N N7    . DG A 14 ? 3.30274 4.00740 3.48306 0.03668  -0.64541 0.59819  14 DG A N7    
278 C C5    . DG A 14 ? 3.47663 4.13413 3.58914 -0.07188 -0.55718 0.57391  14 DG A C5    
279 C C6    . DG A 14 ? 3.56260 4.26894 3.57756 -0.16141 -0.56253 0.54696  14 DG A C6    
280 O O6    . DG A 14 ? 3.45880 4.26224 3.42716 -0.15478 -0.65241 0.54515  14 DG A O6    
281 N N1    . DG A 14 ? 3.81028 4.44707 3.78455 -0.26477 -0.44874 0.51856  14 DG A N1    
282 C C2    . DG A 14 ? 4.00348 4.52710 4.02742 -0.27622 -0.33959 0.52144  14 DG A C2    
283 N N2    . DG A 14 ? 4.29034 4.75490 4.26736 -0.38589 -0.23068 0.48835  14 DG A N2    
284 N N3    . DG A 14 ? 3.95629 4.43368 4.07233 -0.18492 -0.33677 0.55271  14 DG A N3    
285 C C4    . DG A 14 ? 3.62501 4.17891 3.77948 -0.08756 -0.45053 0.57526  14 DG A C4    
286 P P     . DG A 15 ? 2.99619 3.19287 3.52744 0.14035  -0.23032 0.64206  15 DG A P     
287 O OP1   . DG A 15 ? 3.03920 3.18355 3.63885 0.17825  -0.14034 0.66185  15 DG A OP1   
288 O OP2   . DG A 15 ? 2.93562 3.12720 3.49608 0.17177  -0.30492 0.63150  15 DG A OP2   
289 O "O5'" . DG A 15 ? 3.20052 3.33034 3.62245 0.00101  -0.16688 0.61556  15 DG A "O5'" 
290 C "C5'" . DG A 15 ? 3.49295 3.56087 3.89168 -0.06831 -0.04733 0.60973  15 DG A "C5'" 
291 C "C4'" . DG A 15 ? 3.67475 3.63569 4.00196 -0.19559 0.02619  0.57659  15 DG A "C4'" 
292 O "O4'" . DG A 15 ? 3.63027 3.65798 3.85395 -0.26310 -0.03176 0.55421  15 DG A "O4'" 
293 C "C3'" . DG A 15 ? 3.65127 3.51185 4.00858 -0.19864 0.03206  0.56972  15 DG A "C3'" 
294 O "O3'" . DG A 15 ? 3.57788 3.30367 3.95506 -0.26315 0.16422  0.55637  15 DG A "O3'" 
295 C "C2'" . DG A 15 ? 3.76752 3.64036 4.02882 -0.25601 -0.03822 0.55078  15 DG A "C2'" 
296 C "C1'" . DG A 15 ? 3.64809 3.63145 3.82676 -0.29358 -0.07624 0.54361  15 DG A "C1'" 
297 N N9    . DG A 15 ? 3.60679 3.70240 3.76361 -0.23471 -0.20919 0.55594  15 DG A N9    
298 C C8    . DG A 15 ? 3.44147 3.59448 3.67675 -0.11950 -0.29419 0.58003  15 DG A C8    
299 N N7    . DG A 15 ? 3.27933 3.52502 3.47825 -0.08962 -0.39951 0.58568  15 DG A N7    
300 C C5    . DG A 15 ? 3.33292 3.59074 3.41954 -0.18667 -0.38987 0.56667  15 DG A C5    
301 C C6    . DG A 15 ? 3.24726 3.59678 3.25395 -0.19767 -0.47891 0.56576  15 DG A C6    
302 O O6    . DG A 15 ? 3.30417 3.73393 3.32780 -0.12146 -0.58162 0.58402  15 DG A O6    
303 N N1    . DG A 15 ? 3.44663 3.79373 3.34774 -0.30880 -0.43758 0.53910  15 DG A N1    
304 C C2    . DG A 15 ? 3.62766 3.88777 3.50547 -0.40415 -0.31830 0.51227  15 DG A C2    
305 N N2    . DG A 15 ? 3.75216 4.03564 3.52350 -0.50978 -0.29440 0.48045  15 DG A N2    
306 N N3    . DG A 15 ? 3.66355 3.82516 3.61969 -0.39503 -0.22763 0.51475  15 DG A N3    
307 C C4    . DG A 15 ? 3.59969 3.76899 3.65723 -0.28099 -0.27311 0.54462  15 DG A C4    
308 P P     . DA A 16 ? 3.66237 3.32633 3.96231 -0.39547 0.28299  0.52687  16 DA A P     
309 O OP1   . DA A 16 ? 3.68372 3.39972 3.99926 -0.37468 0.32613  0.54069  16 DA A OP1   
310 O OP2   . DA A 16 ? 3.64761 3.16384 3.97535 -0.45177 0.38821  0.50962  16 DA A OP2   
311 O "O5'" . DA A 16 ? 3.82519 3.54044 3.99687 -0.48350 0.22098  0.49738  16 DA A "O5'" 
312 C "C5'" . DA A 16 ? 3.80701 3.58564 3.90025 -0.56265 0.24640  0.47234  16 DA A "C5'" 
313 C "C4'" . DA A 16 ? 3.92260 3.69695 3.89325 -0.67619 0.23499  0.43468  16 DA A "C4'" 
314 O "O4'" . DA A 16 ? 3.91625 3.79021 3.83844 -0.62908 0.09351  0.44927  16 DA A "O4'" 
315 C "C3'" . DA A 16 ? 3.84435 3.47286 3.79359 -0.74677 0.30519  0.41612  16 DA A "C3'" 
316 O "O3'" . DA A 16 ? 3.85665 3.45817 3.71088 -0.88576 0.38551  0.36844  16 DA A "O3'" 
317 C "C2'" . DA A 16 ? 3.76570 3.40738 3.67912 -0.70266 0.18998  0.43343  16 DA A "C2'" 
318 C "C1'" . DA A 16 ? 3.90104 3.70122 3.75594 -0.67483 0.07719  0.44126  16 DA A "C1'" 
319 N N9    . DA A 16 ? 3.96086 3.81298 3.82786 -0.57780 -0.04990 0.47395  16 DA A N9    
320 C C8    . DA A 16 ? 3.93201 3.77859 3.90820 -0.46494 -0.09084 0.50334  16 DA A C8    
321 N N7    . DA A 16 ? 3.68264 3.58369 3.64977 -0.39854 -0.20156 0.52342  16 DA A N7    
322 C C5    . DA A 16 ? 3.79810 3.74165 3.63776 -0.46614 -0.23949 0.51330  16 DA A C5    
323 C C6    . DA A 16 ? 3.86677 3.87052 3.63591 -0.43843 -0.34638 0.53029  16 DA A C6    
324 N N6    . DA A 16 ? 4.01567 4.03977 3.84016 -0.33744 -0.43017 0.55794  16 DA A N6    
325 N N1    . DA A 16 ? 3.78892 3.83499 3.42929 -0.51776 -0.36143 0.51643  16 DA A N1    
326 C C2    . DA A 16 ? 3.92655 3.95869 3.51625 -0.62485 -0.27260 0.47983  16 DA A C2    
327 N N3    . DA A 16 ? 3.91802 3.88600 3.56869 -0.66623 -0.16035 0.45757  16 DA A N3    
328 C C4    . DA A 16 ? 3.85593 3.77888 3.63159 -0.57777 -0.15066 0.48029  16 DA A C4    
329 P P     . DC A 17 ? 3.53757 2.99104 3.34449 -0.98958 0.47494  0.33709  17 DC A P     
330 O OP1   . DC A 17 ? 3.57761 3.00300 3.33899 -1.11825 0.59866  0.28620  17 DC A OP1   
331 O OP2   . DC A 17 ? 3.35889 2.70220 3.27410 -0.91858 0.50204  0.36258  17 DC A OP2   
332 O "O5'" . DC A 17 ? 3.57096 3.06617 3.25387 -1.01366 0.36815  0.33571  17 DC A "O5'" 
333 C "C5'" . DC A 17 ? 3.68943 3.33208 3.28139 -1.02977 0.28246  0.32821  17 DC A "C5'" 
334 C "C4'" . DC A 17 ? 3.79944 3.46104 3.28592 -1.02533 0.17942  0.34279  17 DC A "C4'" 
335 O "O4'" . DC A 17 ? 3.85588 3.55847 3.40415 -0.89153 0.06658  0.39261  17 DC A "O4'" 
336 C "C3'" . DC A 17 ? 3.67755 3.18704 3.10450 -1.09436 0.23703  0.33038  17 DC A "C3'" 
337 O "O3'" . DC A 17 ? 3.83539 3.38594 3.10287 -1.17445 0.20089  0.31249  17 DC A "O3'" 
338 C "C2'" . DC A 17 ? 3.63317 3.08935 3.12838 -0.98150 0.16872  0.37530  17 DC A "C2'" 
339 C "C1'" . DC A 17 ? 3.69624 3.30978 3.19367 -0.88781 0.03654  0.40739  17 DC A "C1'" 
340 N N1    . DC A 17 ? 3.82539 3.44173 3.41878 -0.75708 -0.04314 0.44883  17 DC A N1    
341 C C2    . DC A 17 ? 3.96437 3.63778 3.50005 -0.70098 -0.15920 0.47829  17 DC A C2    
342 O O2    . DC A 17 ? 3.96050 3.68112 3.36408 -0.75575 -0.19577 0.47453  17 DC A O2    
343 N N3    . DC A 17 ? 3.84379 3.52186 3.46955 -0.58836 -0.22555 0.50851  17 DC A N3    
344 C C4    . DC A 17 ? 3.65425 3.29546 3.41989 -0.53100 -0.18670 0.50837  17 DC A C4    
345 N N4    . DC A 17 ? 3.77473 3.43516 3.62751 -0.42413 -0.25491 0.53044  17 DC A N4    
346 C C5    . DC A 17 ? 3.52707 3.11422 3.35052 -0.57899 -0.07407 0.48470  17 DC A C5    
347 C C6    . DC A 17 ? 3.67212 3.24215 3.40773 -0.69214 -0.00220 0.45624  17 DC A C6    
348 P P     . DA A 18 ? 4.13324 3.55333 3.29373 -1.30369 0.29398  0.27552  18 DA A P     
349 O OP1   . DA A 18 ? 3.84390 3.29494 2.96856 -1.42584 0.39237  0.21557  18 DA A OP1   
350 O OP2   . DA A 18 ? 3.93496 3.18890 3.17663 -1.27442 0.35026  0.28926  18 DA A OP2   
351 O "O5'" . DA A 18 ? 4.11485 3.58827 3.11368 -1.30757 0.18613  0.29593  18 DA A "O5'" 
352 C "C5'" . DA A 18 ? 4.11387 3.76738 3.03625 -1.30148 0.09178  0.29593  18 DA A "C5'" 
353 C "C4'" . DA A 18 ? 4.30149 3.99500 3.13911 -1.22370 -0.03991 0.34880  18 DA A "C4'" 
354 O "O4'" . DA A 18 ? 4.24997 3.93142 3.21141 -1.08747 -0.10405 0.39806  18 DA A "O4'" 
355 C "C3'" . DA A 18 ? 4.53626 4.09747 3.24647 -1.27047 -0.02267 0.35996  18 DA A "C3'" 
356 O "O3'" . DA A 18 ? 4.72719 4.38242 3.29788 -1.24718 -0.13246 0.39073  18 DA A "O3'" 
357 C "C2'" . DA A 18 ? 4.46728 3.89155 3.28807 -1.18118 -0.01764 0.39699  18 DA A "C2'" 
358 C "C1'" . DA A 18 ? 4.36074 3.91105 3.29121 -1.05366 -0.11824 0.43148  18 DA A "C1'" 
359 N N9    . DA A 18 ? 4.20565 3.68227 3.29958 -0.96556 -0.10252 0.44860  18 DA A N9    
360 C C8    . DA A 18 ? 4.06031 3.46231 3.27707 -0.98159 -0.00279 0.42278  18 DA A C8    
361 N N7    . DA A 18 ? 3.98009 3.34704 3.33077 -0.88262 -0.02057 0.44495  18 DA A N7    
362 C C5    . DA A 18 ? 4.10073 3.51676 3.41741 -0.80095 -0.13432 0.48460  18 DA A C5    
363 C C6    . DA A 18 ? 4.15203 3.56834 3.56532 -0.68441 -0.20064 0.51510  18 DA A C6    
364 N N6    . DA A 18 ? 4.15781 3.53318 3.72501 -0.62752 -0.16618 0.50868  18 DA A N6    
365 N N1    . DA A 18 ? 4.16505 3.62962 3.51284 -0.62749 -0.30183 0.55065  18 DA A N1    
366 C C2    . DA A 18 ? 4.27603 3.79189 3.46849 -0.67737 -0.34070 0.55993  18 DA A C2    
367 N N3    . DA A 18 ? 4.25133 3.78662 3.33865 -0.78545 -0.29289 0.53153  18 DA A N3    
368 C C4    . DA A 18 ? 4.17189 3.65205 3.33076 -0.84666 -0.18623 0.49159  18 DA A C4    
369 P P     . DT A 19 ? 4.91829 4.48641 3.29530 -1.32006 -0.12205 0.39698  19 DT A P     
370 O OP1   . DT A 19 ? 4.71046 4.39240 2.96674 -1.43457 -0.10233 0.34519  19 DT A OP1   
371 O OP2   . DT A 19 ? 4.64541 3.99917 3.05322 -1.34803 -0.02385 0.39435  19 DT A OP2   
372 O "O5'" . DT A 19 ? 4.98510 4.60339 3.29531 -1.20431 -0.26096 0.46987  19 DT A "O5'" 
373 C "C5'" . DT A 19 ? 4.78481 4.45277 3.23102 -1.07106 -0.33927 0.51026  19 DT A "C5'" 
374 C "C4'" . DT A 19 ? 4.95802 4.47657 3.41711 -0.99165 -0.35704 0.56202  19 DT A "C4'" 
375 O "O4'" . DT A 19 ? 4.60199 4.05091 3.24840 -0.93749 -0.31522 0.55485  19 DT A "O4'" 
376 C "C3'" . DT A 19 ? 5.15075 4.48975 3.48150 -1.06809 -0.28307 0.56187  19 DT A "C3'" 
377 O "O3'" . DT A 19 ? 5.24222 4.58128 3.40519 -1.03635 -0.36020 0.61558  19 DT A "O3'" 
378 C "C2'" . DT A 19 ? 4.84603 4.01395 3.31313 -1.03357 -0.21480 0.56095  19 DT A "C2'" 
379 C "C1'" . DT A 19 ? 4.61660 3.88491 3.26570 -0.92293 -0.27374 0.57194  19 DT A "C1'" 
380 N N1    . DT A 19 ? 4.45959 3.64573 3.28458 -0.91590 -0.19143 0.54082  19 DT A N1    
381 C C2    . DT A 19 ? 4.48805 3.64240 3.44795 -0.81035 -0.22242 0.56180  19 DT A C2    
382 O O2    . DT A 19 ? 4.55748 3.73723 3.50380 -0.72481 -0.30819 0.60359  19 DT A O2    
383 N N3    . DT A 19 ? 4.32865 3.42413 3.44382 -0.80732 -0.14694 0.53013  19 DT A N3    
384 C C4    . DT A 19 ? 4.19737 3.25230 3.34743 -0.89373 -0.04180 0.48575  19 DT A C4    
385 O O4    . DT A 19 ? 4.08871 3.09408 3.38381 -0.87450 0.01863  0.46483  19 DT A O4    
386 C C5    . DT A 19 ? 4.29882 3.37878 3.30519 -1.00670 -0.00683 0.46387  19 DT A C5    
387 C C7    . DT A 19 ? 4.34432 3.37716 3.37891 -1.11079 0.11583  0.41180  19 DT A C7    
388 C C6    . DT A 19 ? 4.32349 3.47310 3.17531 -1.01374 -0.08450 0.48960  19 DT A C6    
389 P P     . DC A 20 ? 5.10566 4.41270 3.29264 -0.89686 -0.45049 0.68756  20 DC A P     
390 O OP1   . DC A 20 ? 4.86767 4.29029 3.23105 -0.79505 -0.51486 0.69369  20 DC A OP1   
391 O OP2   . DC A 20 ? 5.11803 4.46290 3.10337 -0.89098 -0.52016 0.73472  20 DC A OP2   
392 O "O5'" . DC A 20 ? 5.04580 4.11702 3.26858 -0.90194 -0.36149 0.68997  20 DC A "O5'" 
393 C "C5'" . DC A 20 ? 5.35618 4.32071 3.53202 -0.82315 -0.39701 0.74759  20 DC A "C5'" 
394 C "C4'" . DC A 20 ? 5.06435 4.08400 3.40674 -0.69284 -0.46681 0.77179  20 DC A "C4'" 
395 O "O4'" . DC A 20 ? 4.86074 3.91595 3.39801 -0.69310 -0.42596 0.72146  20 DC A "O4'" 
396 C "C3'" . DC A 20 ? 5.16431 4.02085 3.53425 -0.62714 -0.45160 0.80326  20 DC A "C3'" 
397 O "O3'" . DC A 20 ? 4.95374 3.89793 3.43194 -0.50283 -0.54103 0.83502  20 DC A "O3'" 
398 C "C2'" . DC A 20 ? 5.01699 3.75560 3.52541 -0.67585 -0.34248 0.74468  20 DC A "C2'" 
399 C "C1'" . DC A 20 ? 4.90166 3.80096 3.54927 -0.67378 -0.35907 0.70686  20 DC A "C1'" 
400 N N1    . DC A 20 ? 4.83733 3.67578 3.55579 -0.76461 -0.24968 0.64634  20 DC A N1    
401 C C2    . DC A 20 ? 4.63087 3.43671 3.54492 -0.72816 -0.20689 0.61427  20 DC A C2    
402 O O2    . DC A 20 ? 4.64436 3.47453 3.66801 -0.62643 -0.25993 0.63127  20 DC A O2    
403 N N3    . DC A 20 ? 4.49769 3.24988 3.47713 -0.80481 -0.10655 0.56393  20 DC A N3    
404 C C4    . DC A 20 ? 4.58201 3.30847 3.44272 -0.91889 -0.04530 0.54133  20 DC A C4    
405 N N4    . DC A 20 ? 4.54636 3.21339 3.48344 -0.99041 0.05962  0.49174  20 DC A N4    
406 C C5    . DC A 20 ? 4.75078 3.51680 3.41052 -0.96338 -0.08799 0.56725  20 DC A C5    
407 C C6    . DC A 20 ? 4.86223 3.68655 3.45702 -0.88066 -0.19231 0.62135  20 DC A C6    
408 P P     . DA A 21 ? 4.63006 3.47276 3.06378 -0.41145 -0.57714 0.89553  21 DA A P     
409 O OP1   . DA A 21 ? 4.41814 3.42671 2.86455 -0.31215 -0.69717 0.93917  21 DA A OP1   
410 O OP2   . DA A 21 ? 4.89624 3.57544 3.13561 -0.47382 -0.52107 0.92144  21 DA A OP2   
411 O "O5'" . DA A 21 ? 4.36890 3.11336 3.00195 -0.36779 -0.52455 0.86061  21 DA A "O5'" 
412 C "C5'" . DA A 21 ? 4.50855 3.06881 3.15673 -0.43467 -0.41136 0.82322  21 DA A "C5'" 
413 C "C4'" . DA A 21 ? 4.44041 2.96159 3.30080 -0.37838 -0.38273 0.78460  21 DA A "C4'" 
414 O "O4'" . DA A 21 ? 4.32840 2.87257 3.31423 -0.43346 -0.32148 0.72127  21 DA A "O4'" 
415 C "C3'" . DA A 21 ? 4.66899 2.98266 3.52365 -0.38315 -0.30508 0.77882  21 DA A "C3'" 
416 O "O3'" . DA A 21 ? 4.55113 2.87298 3.60399 -0.30731 -0.30773 0.74798  21 DA A "O3'" 
417 C "C2'" . DA A 21 ? 4.57721 2.78573 3.41256 -0.49892 -0.19604 0.72824  21 DA A "C2'" 
418 C "C1'" . DA A 21 ? 4.41706 2.77870 3.40744 -0.50118 -0.20990 0.68399  21 DA A "C1'" 
419 N N9    . DA A 21 ? 4.33569 2.68570 3.27301 -0.61059 -0.14321 0.65181  21 DA A N9    
420 C C8    . DA A 21 ? 4.32023 2.68670 3.07247 -0.68543 -0.14543 0.67231  21 DA A C8    
421 N N7    . DA A 21 ? 4.31433 2.66423 3.06764 -0.78226 -0.06929 0.62748  21 DA A N7    
422 C C5    . DA A 21 ? 4.26601 2.58476 3.21893 -0.76373 -0.01556 0.57981  21 DA A C5    
423 C C6    . DA A 21 ? 4.17058 2.45775 3.22697 -0.82810 0.07590  0.52303  21 DA A C6    
424 N N6    . DA A 21 ? 4.08985 2.36316 3.06019 -0.93470 0.13776  0.50069  21 DA A N6    
425 N N1    . DA A 21 ? 4.03365 2.30850 3.28985 -0.77691 0.10313  0.48810  21 DA A N1    
426 C C2    . DA A 21 ? 3.95466 2.25019 3.29935 -0.67580 0.04468  0.50239  21 DA A C2    
427 N N3    . DA A 21 ? 4.10316 2.42075 3.36909 -0.61276 -0.03585 0.55114  21 DA A N3    
428 C C4    . DA A 21 ? 4.27443 2.60009 3.34138 -0.65893 -0.06310 0.59197  21 DA A C4    
429 P P     . DC B 1  ? 2.15067 2.52521 3.00302 -0.49385 0.11524  -0.86885 1  DC B P     
430 O OP1   . DC B 1  ? 2.08929 2.56474 2.74897 -0.50573 0.01446  -0.80986 1  DC B OP1   
431 O OP2   . DC B 1  ? 1.96289 2.48667 3.03364 -0.34754 0.09288  -0.80264 1  DC B OP2   
432 O "O5'" . DC B 1  ? 2.44400 2.57408 3.26152 -0.65502 0.23716  -0.89193 1  DC B "O5'" 
433 C "C5'" . DC B 1  ? 2.52699 2.44365 3.19856 -0.73756 0.31797  -0.94499 1  DC B "C5'" 
434 C "C4'" . DC B 1  ? 2.46484 2.30297 3.30358 -0.69740 0.42048  -0.99522 1  DC B "C4'" 
435 O "O4'" . DC B 1  ? 2.04674 2.01292 3.05504 -0.59324 0.38077  -1.06248 1  DC B "O4'" 
436 C "C3'" . DC B 1  ? 2.47382 2.27696 3.52963 -0.70911 0.49260  -0.98644 1  DC B "C3'" 
437 O "O3'" . DC B 1  ? 2.51554 2.15367 3.44319 -0.77634 0.58388  -0.95117 1  DC B "O3'" 
438 C "C2'" . DC B 1  ? 2.18854 2.05210 3.53476 -0.60800 0.51587  -1.05383 1  DC B "C2'" 
439 C "C1'" . DC B 1  ? 2.06065 1.99245 3.31070 -0.55097 0.46110  -1.09844 1  DC B "C1'" 
440 N N1    . DC B 1  ? 1.90554 1.99710 3.39845 -0.42793 0.38702  -1.16184 1  DC B N1    
441 C C2    . DC B 1  ? 1.89129 1.97852 3.66579 -0.35342 0.43470  -1.19223 1  DC B C2    
442 O O2    . DC B 1  ? 1.99744 1.96950 3.82916 -0.40176 0.54414  -1.17018 1  DC B O2    
443 N N3    . DC B 1  ? 1.76553 2.04184 3.68043 -0.19441 0.34345  -1.16494 1  DC B N3    
444 C C4    . DC B 1  ? 1.71874 2.17866 3.50090 -0.11445 0.22116  -1.11667 1  DC B C4    
445 N N4    . DC B 1  ? 1.73202 2.36664 3.64785 0.03507  0.13634  -1.09211 1  DC B N4    
446 C C5    . DC B 1  ? 1.80715 2.27626 3.31978 -0.18738 0.17909  -1.09088 1  DC B C5    
447 C C6    . DC B 1  ? 1.78894 2.07203 3.16913 -0.34192 0.25953  -1.11392 1  DC B C6    
448 P P     . DC B 2  ? 2.57221 2.14620 3.37759 -0.86352 0.58562  -0.87022 2  DC B P     
449 O OP1   . DC B 2  ? 2.72311 2.15955 3.50084 -0.89775 0.68706  -0.86117 2  DC B OP1   
450 O OP2   . DC B 2  ? 2.57909 2.17551 3.14370 -0.90246 0.49402  -0.83453 2  DC B OP2   
451 O "O5'" . DC B 2  ? 2.69168 2.40232 3.76171 -0.84152 0.55672  -0.84030 2  DC B "O5'" 
452 C "C5'" . DC B 2  ? 2.83356 2.50347 4.02348 -0.86703 0.61886  -0.77666 2  DC B "C5'" 
453 C "C4'" . DC B 2  ? 2.74537 2.37785 4.19268 -0.80218 0.70177  -0.81390 2  DC B "C4'" 
454 O "O4'" . DC B 2  ? 2.62243 2.34605 4.25102 -0.71540 0.66764  -0.88866 2  DC B "O4'" 
455 C "C3'" . DC B 2  ? 2.80672 2.50814 4.50054 -0.76364 0.71696  -0.72882 2  DC B "C3'" 
456 O "O3'" . DC B 2  ? 2.60897 2.19484 4.44349 -0.75289 0.82035  -0.76469 2  DC B "O3'" 
457 C "C2'" . DC B 2  ? 2.95256 2.90053 4.75281 -0.57659 0.58735  -0.66482 2  DC B "C2'" 
458 C "C1'" . DC B 2  ? 2.72024 2.62929 4.55996 -0.56200 0.60024  -0.79536 2  DC B "C1'" 
459 N N1    . DC B 2  ? 2.55182 2.66995 4.34423 -0.43116 0.46413  -0.76903 2  DC B N1    
460 C C2    . DC B 2  ? 2.30496 2.54892 4.31152 -0.28707 0.41490  -0.76827 2  DC B C2    
461 O O2    . DC B 2  ? 2.28065 2.46497 4.52948 -0.26543 0.47919  -0.78563 2  DC B O2    
462 N N3    . DC B 2  ? 2.10711 2.53391 4.05368 -0.17748 0.29573  -0.74704 2  DC B N3    
463 C C4    . DC B 2  ? 2.17010 2.65655 3.87395 -0.20551 0.23132  -0.72947 2  DC B C4    
464 N N4    . DC B 2  ? 2.00633 2.67294 3.66702 -0.09735 0.12154  -0.71168 2  DC B N4    
465 C C5    . DC B 2  ? 2.29316 2.65474 3.79310 -0.34875 0.27449  -0.72824 2  DC B C5    
466 C C6    . DC B 2  ? 2.48476 2.66405 4.02929 -0.45779 0.38816  -0.74761 2  DC B C6    
467 P P     . DA B 3  ? 2.38106 1.93452 4.34342 -0.76269 0.87722  -0.68115 3  DA B P     
468 O OP1   . DA B 3  ? 2.61910 2.01544 4.37856 -0.81801 0.95966  -0.71128 3  DA B OP1   
469 O OP2   . DA B 3  ? 2.43133 2.12109 4.37498 -0.75887 0.79948  -0.55770 3  DA B OP2   
470 O "O5'" . DA B 3  ? 2.31004 1.91905 4.66301 -0.66248 0.89911  -0.69415 3  DA B "O5'" 
471 C "C5'" . DA B 3  ? 2.24288 2.01972 4.72690 -0.53583 0.79661  -0.69081 3  DA B "C5'" 
472 C "C4'" . DA B 3  ? 2.30123 2.18039 5.08108 -0.40985 0.76656  -0.61600 3  DA B "C4'" 
473 O "O4'" . DA B 3  ? 2.19857 2.31140 4.95953 -0.25654 0.60939  -0.52175 3  DA B "O4'" 
474 C "C3'" . DA B 3  ? 2.35861 2.21055 5.20744 -0.43962 0.80929  -0.51757 3  DA B "C3'" 
475 O "O3'" . DA B 3  ? 2.45841 2.27929 5.64460 -0.38941 0.85853  -0.51933 3  DA B "O3'" 
476 C "C2'" . DA B 3  ? 2.40667 2.46661 5.10773 -0.34686 0.66844  -0.36854 3  DA B "C2'" 
477 C "C1'" . DA B 3  ? 2.43163 2.65022 5.08936 -0.23158 0.54733  -0.38138 3  DA B "C1'" 
478 N N9    . DA B 3  ? 1.97244 2.27407 4.33829 -0.24579 0.47055  -0.36002 3  DA B N9    
479 C C8    . DA B 3  ? 2.08350 2.32486 4.22044 -0.35479 0.49351  -0.33830 3  DA B C8    
480 N N7    . DA B 3  ? 2.08223 2.42616 4.00701 -0.33837 0.40396  -0.32296 3  DA B N7    
481 C C5    . DA B 3  ? 1.95586 2.43512 3.96752 -0.21171 0.32289  -0.33885 3  DA B C5    
482 C C6    . DA B 3  ? 1.87412 2.50504 3.76244 -0.13651 0.21445  -0.33671 3  DA B C6    
483 N N6    . DA B 3  ? 1.92202 2.59625 3.57602 -0.17861 0.16561  -0.31639 3  DA B N6    
484 N N1    . DA B 3  ? 1.72935 2.46460 3.75495 -0.01712 0.15679  -0.35646 3  DA B N1    
485 C C2    . DA B 3  ? 1.68676 2.37669 3.96394 0.02428  0.19856  -0.37418 3  DA B C2    
486 N N3    . DA B 3  ? 1.77282 2.32596 4.20182 -0.03587 0.29817  -0.37809 3  DA B N3    
487 C C4    . DA B 3  ? 1.88193 2.33470 4.16048 -0.15479 0.36011  -0.36079 3  DA B C4    
488 P P     . DT B 4  ? 2.13937 2.11096 5.51237 -0.26325 0.77490  -0.36899 4  DT B P     
489 O OP1   . DT B 4  ? 2.02534 1.90399 5.74896 -0.25137 0.85445  -0.41819 4  DT B OP1   
490 O OP2   . DT B 4  ? 2.08613 2.08206 5.30241 -0.30416 0.76863  -0.25717 4  DT B OP2   
491 O "O5'" . DT B 4  ? 2.14639 2.33750 5.48891 -0.10522 0.60592  -0.31383 4  DT B "O5'" 
492 C "C5'" . DT B 4  ? 1.82439 2.15252 5.35770 0.02802  0.50974  -0.20449 4  DT B "C5'" 
493 C "C4'" . DT B 4  ? 1.83970 2.36916 5.26294 0.15518  0.35162  -0.14926 4  DT B "C4'" 
494 O "O4'" . DT B 4  ? 2.03279 2.60262 5.13889 0.11212  0.32425  -0.16914 4  DT B "O4'" 
495 C "C3'" . DT B 4  ? 1.74220 2.43229 5.18400 0.26295  0.23450  0.01365  4  DT B "C3'" 
496 O "O3'" . DT B 4  ? 1.66554 2.44941 5.30435 0.38773  0.13872  0.03737  4  DT B "O3'" 
497 C "C2'" . DT B 4  ? 1.65647 2.47085 4.77608 0.27160  0.15613  0.06906  4  DT B "C2'" 
498 C "C1'" . DT B 4  ? 1.69088 2.45942 4.68840 0.22371  0.18330  -0.06381 4  DT B "C1'" 
499 N N1    . DT B 4  ? 1.73071 2.55484 4.41625 0.18053  0.15106  -0.05180 4  DT B N1    
500 C C2    . DT B 4  ? 1.73902 2.71321 4.29687 0.26062  0.04336  -0.04618 4  DT B C2    
501 O O2    . DT B 4  ? 1.69816 2.75924 4.36950 0.36241  -0.02660 -0.05259 4  DT B O2    
502 N N3    . DT B 4  ? 1.77333 2.78923 4.07283 0.21403  0.02046  -0.03343 4  DT B N3    
503 C C4    . DT B 4  ? 1.81094 2.73619 3.96527 0.09931  0.08373  -0.02229 4  DT B C4    
504 O O4    . DT B 4  ? 1.81756 2.79146 3.75828 0.06715  0.04776  -0.00801 4  DT B O4    
505 C C5    . DT B 4  ? 1.84484 2.61266 4.12819 0.01842  0.19428  -0.02737 4  DT B C5    
506 C C7    . DT B 4  ? 1.88604 2.53982 4.02404 -0.11284 0.26898  -0.01516 4  DT B C7    
507 C C6    . DT B 4  ? 1.75891 2.48633 4.30026 0.06322  0.22496  -0.04245 4  DT B C6    
508 P P     . DA B 5  ? 2.61399 3.54958 6.29593 0.50375  0.00768  0.20087  5  DA B P     
509 O OP1   . DA B 5  ? 2.52509 3.45469 6.43802 0.58012  -0.04695 0.19837  5  DA B OP1   
510 O OP2   . DA B 5  ? 2.75238 3.65307 6.39235 0.45016  0.05409  0.29257  5  DA B OP2   
511 O "O5'" . DA B 5  ? 2.54133 3.64619 5.93879 0.56513  -0.10952 0.24276  5  DA B "O5'" 
512 C "C5'" . DA B 5  ? 2.48647 3.63918 5.83215 0.60177  -0.15126 0.15266  5  DA B "C5'" 
513 C "C4'" . DA B 5  ? 2.28888 3.61494 5.38958 0.67247  -0.27176 0.22104  5  DA B "C4'" 
514 O "O4'" . DA B 5  ? 2.31513 3.64755 5.15983 0.59697  -0.23607 0.21194  5  DA B "O4'" 
515 C "C3'" . DA B 5  ? 2.36332 3.76544 5.36765 0.73468  -0.36071 0.36141  5  DA B "C3'" 
516 O "O3'" . DA B 5  ? 2.37833 3.87663 5.13144 0.79968  -0.45751 0.36957  5  DA B "O3'" 
517 C "C2'" . DA B 5  ? 2.35640 3.79181 5.27799 0.68518  -0.32754 0.44129  5  DA B "C2'" 
518 C "C1'" . DA B 5  ? 2.29649 3.70652 5.01909 0.60953  -0.27639 0.34174  5  DA B "C1'" 
519 N N9    . DA B 5  ? 2.41128 3.71392 5.04340 0.49269  -0.17481 0.33441  5  DA B N9    
520 C C8    . DA B 5  ? 2.43904 3.61604 5.20862 0.42976  -0.08478 0.34880  5  DA B C8    
521 N N7    . DA B 5  ? 2.54758 3.64270 5.18042 0.32226  -0.00581 0.33680  5  DA B N7    
522 C C5    . DA B 5  ? 2.54269 3.71610 4.94012 0.31535  -0.05226 0.31637  5  DA B C5    
523 C C6    . DA B 5  ? 2.66393 3.80638 4.84129 0.22229  -0.02000 0.30093  5  DA B C6    
524 N N6    . DA B 5  ? 2.81177 3.82825 4.95688 0.11242  0.07133  0.30338  5  DA B N6    
525 N N1    . DA B 5  ? 2.68762 3.93177 4.68542 0.24421  -0.08796 0.28399  5  DA B N1    
526 C C2    . DA B 5  ? 2.60732 3.97573 4.63375 0.35129  -0.17578 0.27999  5  DA B C2    
527 N N3    . DA B 5  ? 2.33681 3.74376 4.54783 0.44358  -0.21561 0.29336  5  DA B N3    
528 C C4    . DA B 5  ? 2.39472 3.69840 4.79099 0.42029  -0.15255 0.31292  5  DA B C4    
529 P P     . DC B 6  ? 2.12614 3.66581 4.78015 0.87160  -0.55094 0.45858  6  DC B P     
530 O OP1   . DC B 6  ? 2.18792 3.67326 4.93472 0.90545  -0.57047 0.41242  6  DC B OP1   
531 O OP2   . DC B 6  ? 2.17388 3.70026 4.90867 0.85445  -0.54118 0.56964  6  DC B OP2   
532 O "O5'" . DC B 6  ? 2.10847 3.76056 4.44297 0.90924  -0.62127 0.45474  6  DC B "O5'" 
533 C "C5'" . DC B 6  ? 2.01925 3.71233 4.23512 0.90316  -0.60961 0.36209  6  DC B "C5'" 
534 C "C4'" . DC B 6  ? 1.96765 3.71042 4.00124 0.87427  -0.62833 0.36716  6  DC B "C4'" 
535 O "O4'" . DC B 6  ? 1.90467 3.64207 4.05946 0.80460  -0.55254 0.41484  6  DC B "O4'" 
536 C "C3'" . DC B 6  ? 2.05932 3.79545 3.94083 0.88715  -0.69958 0.44270  6  DC B "C3'" 
537 O "O3'" . DC B 6  ? 2.03922 3.75448 3.73691 0.85561  -0.73853 0.41342  6  DC B "O3'" 
538 C "C2'" . DC B 6  ? 2.05290 3.81127 3.98872 0.84307  -0.64347 0.55201  6  DC B "C2'" 
539 C "C1'" . DC B 6  ? 1.93034 3.70873 3.93333 0.78854  -0.57296 0.50249  6  DC B "C1'" 
540 N N1    . DC B 6  ? 1.89695 3.67730 4.04095 0.73097  -0.50010 0.58301  6  DC B N1    
541 C C2    . DC B 6  ? 1.85181 3.65228 3.85110 0.66143  -0.46052 0.58078  6  DC B C2    
542 O O2    . DC B 6  ? 1.91992 3.79550 3.75777 0.66938  -0.49802 0.54328  6  DC B O2    
543 N N3    . DC B 6  ? 1.90355 3.59925 3.90340 0.57292  -0.37631 0.59910  6  DC B N3    
544 C C4    . DC B 6  ? 1.97030 3.57807 4.14643 0.56355  -0.33251 0.63338  6  DC B C4    
545 N N4    . DC B 6  ? 2.02100 3.52599 4.18672 0.47207  -0.24573 0.64810  6  DC B N4    
546 C C5    . DC B 6  ? 1.99052 3.60966 4.36822 0.64538  -0.37834 0.65464  6  DC B C5    
547 C C6    . DC B 6  ? 1.94574 3.66337 4.31269 0.73066  -0.46767 0.63755  6  DC B C6    
548 P P     . DA B 7  ? 2.10175 3.79602 3.61983 0.85533  -0.79391 0.48336  7  DA B P     
549 O OP1   . DA B 7  ? 2.11880 3.75303 3.60577 0.85706  -0.85154 0.43431  7  DA B OP1   
550 O OP2   . DA B 7  ? 2.19883 3.90905 3.76232 0.88947  -0.80421 0.57359  7  DA B OP2   
551 O "O5'" . DA B 7  ? 2.05394 3.78552 3.39604 0.79688  -0.74605 0.51281  7  DA B "O5'" 
552 C "C5'" . DA B 7  ? 1.98553 3.77094 3.36683 0.76514  -0.68156 0.53751  7  DA B "C5'" 
553 C "C4'" . DA B 7  ? 2.03413 3.85692 3.30915 0.74614  -0.66248 0.63654  7  DA B "C4'" 
554 O "O4'" . DA B 7  ? 1.98695 3.85395 3.37650 0.71892  -0.60629 0.69228  7  DA B "O4'" 
555 C "C3'" . DA B 7  ? 2.15683 3.96411 3.42026 0.78466  -0.70359 0.71171  7  DA B "C3'" 
556 O "O3'" . DA B 7  ? 2.20221 4.03183 3.29796 0.76298  -0.69498 0.76719  7  DA B "O3'" 
557 C "C2'" . DA B 7  ? 2.16266 3.98515 3.60929 0.79225  -0.67318 0.78166  7  DA B "C2'" 
558 C "C1'" . DA B 7  ? 2.07043 3.93973 3.50283 0.73580  -0.60865 0.79646  7  DA B "C1'" 
559 N N9    . DA B 7  ? 2.03367 3.91277 3.67556 0.71598  -0.55559 0.85387  7  DA B N9    
560 C C8    . DA B 7  ? 2.06691 3.90299 3.92860 0.74166  -0.54987 0.88012  7  DA B C8    
561 N N7    . DA B 7  ? 2.02286 3.85131 4.07713 0.70187  -0.48304 0.93136  7  DA B N7    
562 C C5    . DA B 7  ? 1.99221 3.82683 3.87536 0.63196  -0.44043 0.91718  7  DA B C5    
563 C C6    . DA B 7  ? 2.01279 3.74388 3.86422 0.52744  -0.34705 0.89912  7  DA B C6    
564 N N6    . DA B 7  ? 2.06724 3.66727 4.06679 0.47351  -0.26764 0.89012  7  DA B N6    
565 N N1    . DA B 7  ? 1.97924 3.74368 3.64547 0.47677  -0.33884 0.89024  7  DA B N1    
566 C C2    . DA B 7  ? 1.92436 3.81981 3.45893 0.52914  -0.41218 0.89649  7  DA B C2    
567 N N3    . DA B 7  ? 1.92323 3.88552 3.43615 0.61390  -0.48585 0.89105  7  DA B N3    
568 C C4    . DA B 7  ? 1.96638 3.88453 3.64400 0.65873  -0.49754 0.89794  7  DA B C4    
569 P P     . DG C 1  ? 3.65333 2.41150 2.22547 -0.25215 0.59785  1.19698  8  DG C P     
570 O OP1   . DG C 1  ? 3.71361 2.49548 2.28321 -0.23002 0.66383  1.21907  8  DG C OP1   
571 O OP2   . DG C 1  ? 3.50876 2.36465 2.19100 -0.23321 0.49738  1.23377  8  DG C OP2   
572 O "O5'" . DG C 1  ? 3.69084 2.42199 2.14697 -0.31754 0.50400  1.15588  8  DG C "O5'" 
573 C "C5'" . DG C 1  ? 3.77854 2.45091 2.22594 -0.37143 0.49900  1.02889  8  DG C "C5'" 
574 C "C4'" . DG C 1  ? 3.82874 2.52354 2.20072 -0.43798 0.40145  0.97308  8  DG C "C4'" 
575 O "O4'" . DG C 1  ? 3.88182 2.57353 2.15095 -0.43279 0.45220  1.01515  8  DG C "O4'" 
576 C "C3'" . DG C 1  ? 4.11969 2.73180 2.46521 -0.49932 0.41361  0.84227  8  DG C "C3'" 
577 O "O3'" . DG C 1  ? 4.07682 2.72309 2.51729 -0.53085 0.30547  0.79547  8  DG C "O3'" 
578 C "C2'" . DG C 1  ? 4.32953 2.93891 2.54406 -0.55299 0.37142  0.81934  8  DG C "C2'" 
579 C "C1'" . DG C 1  ? 4.11889 2.75752 2.27899 -0.50034 0.44296  0.92306  8  DG C "C1'" 
580 N N9    . DG C 1  ? 4.39536 2.93462 2.47482 -0.48449 0.60740  0.89552  8  DG C N9    
581 C C8    . DG C 1  ? 4.51307 3.02721 2.63242 -0.41358 0.74416  0.96110  8  DG C C8    
582 N N7    . DG C 1  ? 4.66269 3.08035 2.70726 -0.41411 0.88001  0.91235  8  DG C N7    
583 C C5    . DG C 1  ? 4.90890 3.28027 2.83674 -0.49337 0.82772  0.80632  8  DG C C5    
584 C C6    . DG C 1  ? 5.21829 3.47574 3.01408 -0.53354 0.91975  0.71067  8  DG C C6    
585 O O6    . DG C 1  ? 5.41520 3.58999 3.18131 -0.50170 1.07783  0.69693  8  DG C O6    
586 N N1    . DG C 1  ? 5.33512 3.57353 3.03144 -0.62168 0.80774  0.62470  8  DG C N1    
587 C C2    . DG C 1  ? 5.14562 3.46957 2.88821 -0.66299 0.63071  0.63287  8  DG C C2    
588 N N2    . DG C 1  ? 5.50091 3.78953 3.14686 -0.75226 0.53500  0.54942  8  DG C N2    
589 N N3    . DG C 1  ? 4.69894 3.13120 2.57636 -0.62200 0.55035  0.71706  8  DG C N3    
590 C C4    . DG C 1  ? 4.65192 3.09929 2.60509 -0.53875 0.65606  0.79911  8  DG C C4    
591 P P     . DG C 2  ? 4.33403 2.90435 2.85892 -0.54086 0.36680  0.70532  9  DG C P     
592 O OP1   . DG C 2  ? 4.11412 2.75138 2.76050 -0.54299 0.26839  0.70507  9  DG C OP1   
593 O OP2   . DG C 2  ? 4.41010 2.90558 2.92562 -0.48867 0.53126  0.72577  9  DG C OP2   
594 O "O5'" . DG C 2  ? 4.43136 2.93460 2.90084 -0.61925 0.33962  0.59482  9  DG C "O5'" 
595 C "C5'" . DG C 2  ? 4.50673 3.06319 2.97028 -0.68403 0.18284  0.57010  9  DG C "C5'" 
596 C "C4'" . DG C 2  ? 4.87310 3.34882 3.21928 -0.75401 0.18100  0.49091  9  DG C "C4'" 
597 O "O4'" . DG C 2  ? 5.01727 3.46818 3.20635 -0.73686 0.25893  0.53214  9  DG C "O4'" 
598 C "C3'" . DG C 2  ? 4.93101 3.28917 3.29842 -0.77410 0.27498  0.39193  9  DG C "C3'" 
599 O "O3'" . DG C 2  ? 4.90060 3.26328 3.38472 -0.83043 0.17152  0.32345  9  DG C "O3'" 
600 C "C2'" . DG C 2  ? 5.26068 3.53213 3.44660 -0.81481 0.32223  0.34974  9  DG C "C2'" 
601 C "C1'" . DG C 2  ? 5.21949 3.54501 3.31320 -0.76321 0.36475  0.44957  9  DG C "C1'" 
602 N N9    . DG C 2  ? 5.29196 3.56891 3.38593 -0.68881 0.53699  0.48261  9  DG C N9    
603 C C8    . DG C 2  ? 5.02030 3.35067 3.21423 -0.61070 0.58793  0.56974  9  DG C C8    
604 N N7    . DG C 2  ? 5.04304 3.30908 3.22568 -0.55949 0.74197  0.58830  9  DG C N7    
605 C C5    . DG C 2  ? 5.36397 3.52532 3.43091 -0.60362 0.80424  0.50053  9  DG C C5    
606 C C6    . DG C 2  ? 5.47430 3.52876 3.49044 -0.57886 0.96836  0.47141  9  DG C C6    
607 O O6    . DG C 2  ? 5.36842 3.40406 3.44732 -0.51047 1.09224  0.52635  9  DG C O6    
608 N N1    . DG C 2  ? 5.80211 3.76075 3.68274 -0.64588 0.97833  0.36789  9  DG C N1    
609 C C2    . DG C 2  ? 5.94037 3.90662 3.74321 -0.73036 0.83880  0.30812  9  DG C C2    
610 N N2    . DG C 2  ? 6.39438 4.24942 4.05130 -0.79282 0.86623  0.21109  9  DG C N2    
611 N N3    . DG C 2  ? 5.64197 3.71295 3.50869 -0.75417 0.68063  0.34172  9  DG C N3    
612 C C4    . DG C 2  ? 5.47669 3.64083 3.47618 -0.68573 0.67695  0.43462  9  DG C C4    
613 P P     . DC C 3  ? 4.57292 2.85660 3.18019 -0.83347 0.24861  0.24335  10 DC C P     
614 O OP1   . DC C 3  ? 4.71925 2.95362 3.33863 -0.92274 0.15586  0.15410  10 DC C OP1   
615 O OP2   . DC C 3  ? 4.52571 2.87459 3.28680 -0.78153 0.25881  0.28170  10 DC C OP2   
616 O "O5'" . DC C 3  ? 4.74171 2.92111 3.25747 -0.79250 0.43006  0.23428  10 DC C "O5'" 
617 C "C5'" . DC C 3  ? 4.92922 2.99404 3.46234 -0.82338 0.50121  0.14308  10 DC C "C5'" 
618 C "C4'" . DC C 3  ? 5.10693 3.08842 3.47605 -0.88891 0.48233  0.08028  10 DC C "C4'" 
619 O "O4'" . DC C 3  ? 5.23616 3.23022 3.44742 -0.85754 0.53177  0.14004  10 DC C "O4'" 
620 C "C3'" . DC C 3  ? 5.26518 3.10505 3.61578 -0.91143 0.58608  -0.01111 10 DC C "C3'" 
621 O "O3'" . DC C 3  ? 5.31196 3.11161 3.70744 -0.99668 0.47820  -0.09531 10 DC C "O3'" 
622 C "C2'" . DC C 3  ? 5.51070 3.27726 3.65504 -0.91226 0.66701  -0.01904 10 DC C "C2'" 
623 C "C1'" . DC C 3  ? 5.49106 3.36495 3.59649 -0.85090 0.67132  0.09406  10 DC C "C1'" 
624 N N1    . DC C 3  ? 5.44550 3.32165 3.61026 -0.75681 0.82229  0.16145  10 DC C N1    
625 C C2    . DC C 3  ? 5.72176 3.49110 3.81755 -0.73131 0.97810  0.13503  10 DC C C2    
626 O O2    . DC C 3  ? 5.94192 3.61042 3.91427 -0.78600 0.99604  0.04867  10 DC C O2    
627 N N3    . DC C 3  ? 5.63387 3.40855 3.80238 -0.64960 1.10310  0.20559  10 DC C N3    
628 C C4    . DC C 3  ? 5.33275 3.20840 3.61485 -0.59852 1.07415  0.29764  10 DC C C4    
629 N N4    . DC C 3  ? 5.24458 3.11712 3.59089 -0.52504 1.19080  0.37162  10 DC C N4    
630 C C5    . DC C 3  ? 5.07899 3.05863 3.41548 -0.62298 0.92206  0.31815  10 DC C C5    
631 C C6    . DC C 3  ? 5.18671 3.16539 3.47240 -0.69970 0.80268  0.24946  10 DC C C6    
632 P P     . DT C 4  ? 5.41083 3.14850 3.98477 -1.00813 0.51801  -0.16217 11 DT C P     
633 O OP1   . DT C 4  ? 5.52352 3.14369 4.03109 -1.09371 0.47889  -0.26225 11 DT C OP1   
634 O OP2   . DT C 4  ? 5.27906 3.12490 4.04564 -0.99681 0.43716  -0.12883 11 DT C OP2   
635 O "O5'" . DT C 4  ? 5.42267 3.10877 4.01247 -0.92602 0.71090  -0.13712 11 DT C "O5'" 
636 C "C5'" . DT C 4  ? 5.55336 3.12517 4.20257 -0.93572 0.80566  -0.20664 11 DT C "C5'" 
637 C "C4'" . DT C 4  ? 5.80895 3.25445 4.28210 -0.96047 0.87528  -0.26577 11 DT C "C4'" 
638 O "O4'" . DT C 4  ? 5.77093 3.25315 4.08502 -0.92447 0.90521  -0.20459 11 DT C "O4'" 
639 C "C3'" . DT C 4  ? 5.84281 3.17904 4.36316 -0.92466 1.03760  -0.29748 11 DT C "C3'" 
640 O "O3'" . DT C 4  ? 5.89267 3.13441 4.48752 -0.98992 1.00916  -0.39466 11 DT C "O3'" 
641 C "C2'" . DT C 4  ? 6.04642 3.31302 4.37686 -0.90593 1.13211  -0.30152 11 DT C "C2'" 
642 C "C1'" . DT C 4  ? 6.06606 3.45723 4.31541 -0.87937 1.06883  -0.21106 11 DT C "C1'" 
643 N N1    . DT C 4  ? 6.00922 3.47997 4.33481 -0.78378 1.15748  -0.10010 11 DT C N1    
644 C C2    . DT C 4  ? 6.25403 3.67556 4.52011 -0.72850 1.30016  -0.06957 11 DT C C2    
645 O O2    . DT C 4  ? 6.66745 3.98003 4.81762 -0.75026 1.37056  -0.13582 11 DT C O2    
646 N N3    . DT C 4  ? 5.98432 3.48459 4.33600 -0.64807 1.35809  0.04163  11 DT C N3    
647 C C4    . DT C 4  ? 5.79751 3.41172 4.26277 -0.62041 1.29026  0.11726  11 DT C C4    
648 O O4    . DT C 4  ? 5.75543 3.42598 4.27749 -0.55319 1.34221  0.21649  11 DT C O4    
649 C C5    . DT C 4  ? 5.54111 3.19884 4.05774 -0.67877 1.15218  0.07120  11 DT C C5    
650 C C7    . DT C 4  ? 5.16795 2.94051 3.80594 -0.65532 1.07963  0.13561  11 DT C C7    
651 C C6    . DT C 4  ? 5.64378 3.23231 4.09971 -0.75568 1.09175  -0.03018 11 DT C C6    
652 P P     . DG C 5  ? 6.28376 3.35805 4.74239 -1.04992 1.04428  -0.50429 12 DG C P     
653 O OP1   . DG C 5  ? 6.66802 3.72839 4.89719 -1.09885 0.97073  -0.52458 12 DG C OP1   
654 O OP2   . DG C 5  ? 6.29605 3.31200 4.89914 -1.10850 0.99085  -0.57672 12 DG C OP2   
655 O "O5'" . DG C 5  ? 6.29756 3.29433 4.76241 -0.97598 1.24141  -0.49244 12 DG C "O5'" 
656 C "C5'" . DG C 5  ? 6.60386 3.48507 4.89187 -0.98228 1.32820  -0.54473 12 DG C "C5'" 
657 C "C4'" . DG C 5  ? 6.71751 3.56975 5.06384 -0.89334 1.50903  -0.49717 12 DG C "C4'" 
658 O "O4'" . DG C 5  ? 6.43763 3.42611 4.81246 -0.81998 1.52315  -0.37282 12 DG C "O4'" 
659 C "C3'" . DG C 5  ? 6.52600 3.33571 5.08079 -0.86894 1.58542  -0.50299 12 DG C "C3'" 
660 O "O3'" . DG C 5  ? 6.88077 3.56386 5.42527 -0.84134 1.73619  -0.54119 12 DG C "O3'" 
661 C "C2'" . DG C 5  ? 6.21309 3.16174 4.90257 -0.79589 1.60086  -0.37785 12 DG C "C2'" 
662 C "C1'" . DG C 5  ? 6.25989 3.26969 4.81212 -0.75250 1.62020  -0.30835 12 DG C "C1'" 
663 N N9    . DG C 5  ? 6.10748 3.26776 4.72276 -0.70466 1.57222  -0.19337 12 DG C N9    
664 C C8    . DG C 5  ? 5.90931 3.17389 4.57701 -0.73139 1.43725  -0.17371 12 DG C C8    
665 N N7    . DG C 5  ? 5.84350 3.22311 4.55509 -0.67663 1.42654  -0.06846 12 DG C N7    
666 C C5    . DG C 5  ? 6.02565 3.37866 4.71869 -0.61086 1.55679  -0.00743 12 DG C C5    
667 C C6    . DG C 5  ? 5.88139 3.31725 4.60606 -0.53817 1.59730  0.11571  12 DG C C6    
668 O O6    . DG C 5  ? 5.72115 3.26900 4.48305 -0.51786 1.52483  0.19131  12 DG C O6    
669 N N1    . DG C 5  ? 5.90062 3.27208 4.61861 -0.48860 1.73467  0.14781  12 DG C N1    
670 C C2    . DG C 5  ? 6.30556 3.54610 4.98654 -0.50499 1.82888  0.06344  12 DG C C2    
671 N N2    . DG C 5  ? 6.55438 3.74953 5.25689 -0.44787 1.96185  0.11048  12 DG C N2    
672 N N3    . DG C 5  ? 6.31955 3.47537 4.95298 -0.57417 1.79254  -0.05842 12 DG C N3    
673 C C4    . DG C 5  ? 6.18631 3.40657 4.82962 -0.62511 1.65182  -0.08356 12 DG C C4    
674 P P     . DC C 6  ? 6.86653 3.49846 5.62421 -0.80230 1.84741  -0.52916 13 DC C P     
675 O OP1   . DC C 6  ? 7.27033 3.73574 5.98283 -0.81451 1.95438  -0.62037 13 DC C OP1   
676 O OP2   . DC C 6  ? 6.49724 3.17967 5.40568 -0.83838 1.75312  -0.53313 13 DC C OP2   
677 O "O5'" . DC C 6  ? 6.55406 3.28295 5.39009 -0.70429 1.94060  -0.39115 13 DC C "O5'" 
678 C "C5'" . DC C 6  ? 6.75343 3.46941 5.48986 -0.65429 2.03243  -0.35345 13 DC C "C5'" 
679 C "C4'" . DC C 6  ? 6.74804 3.52261 5.62185 -0.56688 2.13267  -0.22709 13 DC C "C4'" 
680 O "O4'" . DC C 6  ? 6.67542 3.60430 5.54928 -0.53991 2.04934  -0.12087 13 DC C "O4'" 
681 C "C3'" . DC C 6  ? 6.46174 3.20171 5.53385 -0.55204 2.19333  -0.21014 13 DC C "C3'" 
682 O "O3'" . DC C 6  ? 6.66350 3.34168 5.81862 -0.49197 2.34131  -0.16425 13 DC C "O3'" 
683 C "C2'" . DC C 6  ? 6.22939 3.11126 5.38255 -0.53277 2.11869  -0.10955 13 DC C "C2'" 
684 C "C1'" . DC C 6  ? 6.37605 3.35646 5.41369 -0.49851 2.08104  -0.03283 13 DC C "C1'" 
685 N N1    . DC C 6  ? 6.32641 3.44442 5.36637 -0.50337 1.95946  0.02720  13 DC C N1    
686 C C2    . DC C 6  ? 6.22792 3.44891 5.27767 -0.44488 1.96016  0.15455  13 DC C C2    
687 O O2    . DC C 6  ? 5.94112 3.14134 5.00755 -0.39038 2.05886  0.22206  13 DC C O2    
688 N N3    . DC C 6  ? 6.02794 3.36510 5.07686 -0.45123 1.84980  0.19994  13 DC C N3    
689 C C4    . DC C 6  ? 5.94100 3.29751 4.99668 -0.50987 1.74777  0.12586  13 DC C C4    
690 N N4    . DC C 6  ? 5.78361 3.25268 4.85161 -0.51226 1.64658  0.16948  13 DC C N4    
691 C C5    . DC C 6  ? 5.91979 3.17732 4.97879 -0.57020 1.74167  0.00378  13 DC C C5    
692 C C6    . DC C 6  ? 6.11126 3.25016 5.15398 -0.56592 1.84637  -0.04249 13 DC C C6    
693 P P     . DT C 7  ? 6.64416 3.25796 6.00268 -0.47623 2.42987  -0.14880 14 DT C P     
694 O OP1   . DT C 7  ? 6.85111 3.33322 6.23807 -0.45283 2.56513  -0.18987 14 DT C OP1   
695 O OP2   . DT C 7  ? 6.47167 3.07809 5.88284 -0.53882 2.34583  -0.21673 14 DT C OP2   
696 O "O5'" . DT C 7  ? 6.26376 2.99344 5.72840 -0.41212 2.44955  0.01351  14 DT C "O5'" 
697 C "C5'" . DT C 7  ? 6.27361 3.03364 5.73335 -0.34675 2.51851  0.11283  14 DT C "C5'" 
698 C "C4'" . DT C 7  ? 6.15366 3.00756 5.72307 -0.30124 2.52197  0.26207  14 DT C "C4'" 
699 O "O4'" . DT C 7  ? 6.15277 3.13759 5.62685 -0.29900 2.41142  0.32093  14 DT C "O4'" 
700 C "C3'" . DT C 7  ? 6.06972 2.95976 5.76832 -0.31240 2.49658  0.25783  14 DT C "C3'" 
701 O "O3'" . DT C 7  ? 6.13885 2.98547 5.98088 -0.27887 2.58701  0.25487  14 DT C "O3'" 
702 C "C2'" . DT C 7  ? 5.83240 2.90661 5.54679 -0.26711 2.40774  0.36994  14 DT C "C2'" 
703 C "C1'" . DT C 7  ? 5.83812 2.95202 5.39896 -0.27394 2.34543  0.39127  14 DT C "C1'" 
704 N N1    . DT C 7  ? 5.77711 2.92558 5.26061 -0.33213 2.24588  0.36513  14 DT C N1    
705 C C2    . DT C 7  ? 5.65033 2.94584 5.09793 -0.30472 2.14979  0.44418  14 DT C C2    
706 O O2    . DT C 7  ? 5.54132 2.94188 5.01260 -0.23799 2.12910  0.53366  14 DT C O2    
707 N N3    . DT C 7  ? 5.58345 2.90597 4.97968 -0.35853 2.06212  0.40599  14 DT C N3    
708 C C4    . DT C 7  ? 5.59065 2.87518 4.98867 -0.41837 2.01404  0.28248  14 DT C C4    
709 O O4    . DT C 7  ? 5.45917 2.80876 4.83948 -0.45368 1.91026  0.24805  14 DT C O4    
710 C C5    . DT C 7  ? 5.65889 2.81761 5.09250 -0.43826 2.09110  0.19673  14 DT C C5    
711 C C7    . DT C 7  ? 5.62575 2.72757 5.06608 -0.50729 2.03704  0.06513  14 DT C C7    
712 C C6    . DT C 7  ? 5.75781 2.85010 5.22759 -0.39518 2.20655  0.23947  14 DT C C6    
713 O OP3   . DC D 1  ? 4.39414 6.26347 6.12799 -0.91075 1.30707  0.53530  1  DC D OP3   
714 P P     . DC D 1  ? 4.26421 6.14311 6.03819 -0.83605 1.33603  0.49034  1  DC D P     
715 O OP1   . DC D 1  ? 4.44157 6.42769 6.22784 -0.81754 1.34361  0.42410  1  DC D OP1   
716 O OP2   . DC D 1  ? 3.85719 5.66506 5.59115 -0.77227 1.31311  0.54294  1  DC D OP2   
717 O "O5'" . DC D 1  ? 3.81665 5.76172 5.65183 -0.86948 1.35092  0.48833  1  DC D "O5'" 
718 C "C5'" . DC D 1  ? 3.87334 5.93449 5.75156 -0.94455 1.34445  0.49927  1  DC D "C5'" 
719 C "C4'" . DC D 1  ? 3.85656 5.87436 5.72858 -1.01038 1.33274  0.54633  1  DC D "C4'" 
720 O "O4'" . DC D 1  ? 3.62288 5.58562 5.49400 -0.97206 1.34135  0.55943  1  DC D "O4'" 
721 C "C3'" . DC D 1  ? 3.76800 5.70391 5.56199 -1.06114 1.30002  0.57905  1  DC D "C3'" 
722 O "O3'" . DC D 1  ? 3.79673 5.75102 5.58514 -1.15690 1.28218  0.59282  1  DC D "O3'" 
723 C "C2'" . DC D 1  ? 3.70412 5.56915 5.44033 -1.02828 1.28622  0.59558  1  DC D "C2'" 
724 C "C1'" . DC D 1  ? 3.64057 5.54185 5.43588 -1.00881 1.30663  0.59854  1  DC D "C1'" 
725 N N1    . DC D 1  ? 3.35788 5.24210 5.11122 -0.95554 1.29338  0.61346  1  DC D N1    
726 C C2    . DC D 1  ? 3.32187 5.21524 5.06529 -0.98709 1.29285  0.62217  1  DC D C2    
727 O O2    . DC D 1  ? 3.38147 5.28583 5.16430 -1.05047 1.30546  0.62496  1  DC D O2    
728 N N3    . DC D 1  ? 3.28420 5.18096 4.96444 -0.95637 1.27974  0.61624  1  DC D N3    
729 C C4    . DC D 1  ? 3.22220 5.12353 4.84917 -0.90080 1.26387  0.60234  1  DC D C4    
730 N N4    . DC D 1  ? 3.19270 5.09300 4.74921 -0.88746 1.26306  0.56596  1  DC D N4    
731 C C5    . DC D 1  ? 3.19372 5.08931 4.83497 -0.86271 1.25711  0.60961  1  DC D C5    
732 C C6    . DC D 1  ? 3.25689 5.13278 4.96353 -0.88988 1.27633  0.61360  1  DC D C6    
733 P P     . DT D 2  ? 2.82874 4.68135 4.50851 -1.22665 1.24531  0.59470  2  DT D P     
734 O OP1   . DT D 2  ? 3.01498 4.77994 4.59177 -1.22434 1.22320  0.58028  2  DT D OP1   
735 O OP2   . DT D 2  ? 2.69362 4.54797 4.39411 -1.22417 1.25898  0.60049  2  DT D OP2   
736 O "O5'" . DT D 2  ? 3.16389 5.03117 4.81854 -1.31980 1.21442  0.59099  2  DT D "O5'" 
737 C "C5'" . DT D 2  ? 3.12091 4.88899 4.65540 -1.39040 1.17662  0.57227  2  DT D "C5'" 
738 C "C4'" . DT D 2  ? 2.89660 4.58527 4.35733 -1.43699 1.16801  0.54857  2  DT D "C4'" 
739 O "O4'" . DT D 2  ? 2.84204 4.52824 4.32172 -1.37701 1.19317  0.54668  2  DT D "O4'" 
740 C "C3'" . DT D 2  ? 2.96286 4.52090 4.27234 -1.49386 1.13953  0.50346  2  DT D "C3'" 
741 O "O3'" . DT D 2  ? 3.05640 4.58571 4.31779 -1.57969 1.11282  0.49377  2  DT D "O3'" 
742 C "C2'" . DT D 2  ? 2.95697 4.44229 4.19834 -1.47621 1.15224  0.46283  2  DT D "C2'" 
743 C "C1'" . DT D 2  ? 2.89214 4.47138 4.25058 -1.41601 1.18124  0.49878  2  DT D "C1'" 
744 N N1    . DT D 2  ? 2.82652 4.38790 4.16668 -1.34868 1.19937  0.48028  2  DT D N1    
745 C C2    . DT D 2  ? 2.85351 4.35455 4.12654 -1.36182 1.20657  0.43650  2  DT D C2    
746 O O2    . DT D 2  ? 2.92795 4.38584 4.15650 -1.42370 1.20041  0.41547  2  DT D O2    
747 N N3    . DT D 2  ? 2.79287 4.28199 4.04644 -1.29956 1.22200  0.41215  2  DT D N3    
748 C C4    . DT D 2  ? 2.70884 4.24498 4.00338 -1.22672 1.22731  0.43319  2  DT D C4    
749 O O4    . DT D 2  ? 2.66273 4.18313 3.92893 -1.17628 1.23872  0.40263  2  DT D O4    
750 C C5    . DT D 2  ? 2.68315 4.28206 4.05118 -1.21375 1.22024  0.48627  2  DT D C5    
751 C C7    . DT D 2  ? 2.59583 4.24611 4.01036 -1.13399 1.22690  0.51381  2  DT D C7    
752 C C6    . DT D 2  ? 2.74333 4.34830 4.12948 -1.27495 1.20875  0.50255  2  DT D C6    
753 P P     . DG D 3  ? 2.93515 4.45144 4.18621 -1.63029 1.11207  0.48316  3  DG D P     
754 O OP1   . DG D 3  ? 2.88490 4.49672 4.25467 -1.58568 1.14069  0.51667  3  DG D OP1   
755 O OP2   . DG D 3  ? 3.01867 4.52458 4.23465 -1.70857 1.08059  0.48358  3  DG D OP2   
756 O "O5'" . DG D 3  ? 2.97197 4.35656 4.08617 -1.64527 1.11342  0.42031  3  DG D "O5'" 
757 C "C5'" . DG D 3  ? 3.01305 4.36380 4.09704 -1.66986 1.12183  0.39707  3  DG D "C5'" 
758 C "C4'" . DG D 3  ? 3.03559 4.26529 3.98642 -1.67092 1.13015  0.32398  3  DG D "C4'" 
759 O "O4'" . DG D 3  ? 2.94929 4.19515 3.92786 -1.59453 1.15451  0.31714  3  DG D "O4'" 
760 C "C3'" . DG D 3  ? 3.09153 4.21926 3.91461 -1.71037 1.11215  0.27605  3  DG D "C3'" 
761 O "O3'" . DG D 3  ? 3.15854 4.17537 3.85219 -1.74602 1.11782  0.20381  3  DG D "O3'" 
762 C "C2'" . DG D 3  ? 3.01562 4.14667 3.84791 -1.64721 1.12439  0.27158  3  DG D "C2'" 
763 C "C1'" . DG D 3  ? 2.95913 4.11174 3.82903 -1.59358 1.15294  0.26058  3  DG D "C1'" 
764 N N9    . DG D 3  ? 2.86724 4.05432 3.78204 -1.51679 1.16945  0.26835  3  DG D N9    
765 C C8    . DG D 3  ? 2.80964 4.05158 3.78297 -1.47844 1.16366  0.31032  3  DG D C8    
766 N N7    . DG D 3  ? 2.73270 3.99443 3.73167 -1.40883 1.18084  0.30683  3  DG D N7    
767 C C5    . DG D 3  ? 2.74116 3.95497 3.69427 -1.40210 1.19947  0.25491  3  DG D C5    
768 C C6    . DG D 3  ? 2.68280 3.88639 3.63192 -1.34017 1.22212  0.22162  3  DG D C6    
769 O O6    . DG D 3  ? 2.60826 3.84902 3.59562 -1.27628 1.22838  0.23502  3  DG D O6    
770 N N1    . DG D 3  ? 2.72129 3.86028 3.61113 -1.35724 1.23821  0.16432  3  DG D N1    
771 C C2    . DG D 3  ? 2.80473 3.89912 3.64405 -1.42512 1.23228  0.14614  3  DG D C2    
772 N N2    . DG D 3  ? 2.83229 3.86340 3.61391 -1.43037 1.25158  0.08875  3  DG D N2    
773 N N3    . DG D 3  ? 2.85933 3.96700 3.70177 -1.48309 1.20891  0.17961  3  DG D N3    
774 C C4    . DG D 3  ? 2.82361 3.99018 3.72451 -1.46789 1.19379  0.23131  3  DG D C4    
775 P P     . DA D 4  ? 3.29195 4.27017 3.93228 -1.81853 1.10392  0.19082  4  DA D P     
776 O OP1   . DA D 4  ? 3.28206 4.36205 4.04539 -1.82523 1.09838  0.25688  4  DA D OP1   
777 O OP2   . DA D 4  ? 3.36987 4.27079 3.90154 -1.87439 1.08048  0.16167  4  DA D OP2   
778 O "O5'" . DA D 4  ? 3.30834 4.20587 3.86129 -1.81045 1.13021  0.12071  4  DA D "O5'" 
779 C "C5'" . DA D 4  ? 3.24033 4.17983 3.86064 -1.75379 1.15694  0.12748  4  DA D "C5'" 
780 C "C4'" . DA D 4  ? 3.23880 4.08288 3.75422 -1.73042 1.18405  0.04091  4  DA D "C4'" 
781 O "O4'" . DA D 4  ? 3.15333 4.01814 3.70462 -1.66208 1.20013  0.03534  4  DA D "O4'" 
782 C "C3'" . DA D 4  ? 3.31833 4.04616 3.67901 -1.77772 1.18050  -0.03584 4  DA D "C3'" 
783 O "O3'" . DA D 4  ? 3.34467 3.99536 3.61807 -1.77756 1.20517  -0.10916 4  DA D "O3'" 
784 C "C2'" . DA D 4  ? 3.27859 3.98953 3.61908 -1.74593 1.18372  -0.05526 4  DA D "C2'" 
785 C "C1'" . DA D 4  ? 3.17822 3.94933 3.61475 -1.66908 1.20519  -0.03619 4  DA D "C1'" 
786 N N9    . DA D 4  ? 3.11611 3.92636 3.60194 -1.62854 1.20080  -0.00790 4  DA D N9    
787 C C8    . DA D 4  ? 3.12354 3.96759 3.63637 -1.64855 1.17533  0.04109  4  DA D C8    
788 N N7    . DA D 4  ? 3.06054 3.93161 3.61135 -1.60207 1.17756  0.05802  4  DA D N7    
789 C C5    . DA D 4  ? 3.00711 3.86321 3.55878 -1.54719 1.20567  0.01706  4  DA D C5    
790 C C6    . DA D 4  ? 2.93046 3.80024 3.51281 -1.48145 1.22004  0.01012  4  DA D C6    
791 N N6    . DA D 4  ? 2.89312 3.79748 3.51090 -1.46017 1.20796  0.04915  4  DA D N6    
792 N N1    . DA D 4  ? 2.89603 3.73806 3.46811 -1.43830 1.24707  -0.04032 4  DA D N1    
793 C C2    . DA D 4  ? 2.93649 3.73804 3.46768 -1.46031 1.25976  -0.08032 4  DA D C2    
794 N N3    . DA D 4  ? 3.00879 3.79532 3.50629 -1.52137 1.24864  -0.07579 4  DA D N3    
795 C C4    . DA D 4  ? 3.04072 3.85766 3.55222 -1.56260 1.22066  -0.02548 4  DA D C4    
796 P P     . DT D 5  ? 3.39250 3.92323 3.49827 -1.81821 1.21169  -0.20223 5  DT D P     
797 O OP1   . DT D 5  ? 3.45616 3.94541 3.50454 -1.85649 1.21483  -0.22656 5  DT D OP1   
798 O OP2   . DT D 5  ? 3.43319 3.94695 3.49346 -1.85456 1.18834  -0.19479 5  DT D OP2   
799 O "O5'" . DT D 5  ? 3.33911 3.82296 3.40733 -1.76157 1.24574  -0.27568 5  DT D "O5'" 
800 C "C5'" . DT D 5  ? 3.27731 3.78156 3.40403 -1.70757 1.27032  -0.28174 5  DT D "C5'" 
801 C "C4'" . DT D 5  ? 3.23001 3.68485 3.32045 -1.65663 1.29762  -0.35372 5  DT D "C4'" 
802 O "O4'" . DT D 5  ? 3.16341 3.67596 3.33313 -1.61682 1.28976  -0.30874 5  DT D "O4'" 
803 C "C3'" . DT D 5  ? 3.29203 3.64498 3.23678 -1.68965 1.30725  -0.44818 5  DT D "C3'" 
804 O "O3'" . DT D 5  ? 3.27388 3.56243 3.16899 -1.65658 1.33929  -0.53448 5  DT D "O3'" 
805 C "C2'" . DT D 5  ? 3.27667 3.63986 3.22496 -1.68519 1.29580  -0.43507 5  DT D "C2'" 
806 C "C1'" . DT D 5  ? 3.17835 3.62464 3.26341 -1.61970 1.29648  -0.37199 5  DT D "C1'" 
807 N N1    . DT D 5  ? 3.15599 3.65212 3.29080 -1.61757 1.27411  -0.31159 5  DT D N1    
808 C C2    . DT D 5  ? 3.08647 3.59893 3.26550 -1.56268 1.28288  -0.31093 5  DT D C2    
809 O O2    . DT D 5  ? 3.04055 3.52932 3.22503 -1.51417 1.30732  -0.35774 5  DT D O2    
810 N N3    . DT D 5  ? 3.07462 3.62805 3.29013 -1.56677 1.26081  -0.25378 5  DT D N3    
811 C C4    . DT D 5  ? 3.12465 3.70064 3.33792 -1.61866 1.23153  -0.20135 5  DT D C4    
812 O O4    . DT D 5  ? 3.11122 3.71752 3.35547 -1.61802 1.21338  -0.15438 5  DT D O4    
813 C C5    . DT D 5  ? 3.19622 3.75285 3.36533 -1.67404 1.22309  -0.20696 5  DT D C5    
814 C C7    . DT D 5  ? 3.25711 3.83040 3.42029 -1.73266 1.19038  -0.15627 5  DT D C7    
815 C C6    . DT D 5  ? 3.20841 3.72755 3.34004 -1.67119 1.24444  -0.25979 5  DT D C6    
816 P P     . DG D 6  ? 3.55458 3.73984 3.29888 -1.68879 1.35489  -0.64480 6  DG D P     
817 O OP1   . DG D 6  ? 3.58222 3.71619 3.27099 -1.69587 1.37262  -0.69895 6  DG D OP1   
818 O OP2   . DG D 6  ? 3.62488 3.79963 3.29879 -1.74843 1.33304  -0.63427 6  DG D OP2   
819 O "O5'" . DG D 6  ? 3.49444 3.65577 3.25060 -1.63659 1.37407  -0.69674 6  DG D "O5'" 
820 C "C5'" . DG D 6  ? 3.40608 3.60280 3.26803 -1.56648 1.38619  -0.67519 6  DG D "C5'" 
821 C "C4'" . DG D 6  ? 3.35653 3.54855 3.24171 -1.52801 1.39120  -0.69388 6  DG D "C4'" 
822 O "O4'" . DG D 6  ? 3.33915 3.60164 3.28561 -1.53065 1.36735  -0.60857 6  DG D "O4'" 
823 C "C3'" . DG D 6  ? 3.40632 3.51485 3.17412 -1.55895 1.40129  -0.79016 6  DG D "C3'" 
824 O "O3'" . DG D 6  ? 3.35295 3.42754 3.14221 -1.51010 1.41869  -0.84496 6  DG D "O3'" 
825 C "C2'" . DG D 6  ? 3.44417 3.57556 3.18677 -1.59810 1.37990  -0.74773 6  DG D "C2'" 
826 C "C1'" . DG D 6  ? 3.37276 3.59470 3.24794 -1.55589 1.36419  -0.64443 6  DG D "C1'" 
827 N N9    . DG D 6  ? 3.40744 3.67204 3.28892 -1.59664 1.33556  -0.57186 6  DG D N9    
828 C C8    . DG D 6  ? 3.47582 3.74476 3.31782 -1.65488 1.31737  -0.54458 6  DG D C8    
829 N N7    . DG D 6  ? 3.49510 3.79889 3.35571 -1.68147 1.29095  -0.48073 6  DG D N7    
830 C C5    . DG D 6  ? 3.43634 3.76092 3.34804 -1.63878 1.29249  -0.46361 6  DG D C5    
831 C C6    . DG D 6  ? 3.42845 3.78746 3.37459 -1.64292 1.27009  -0.40152 6  DG D C6    
832 O O6    . DG D 6  ? 3.47332 3.84977 3.41351 -1.68638 1.24334  -0.35008 6  DG D O6    
833 N N1    . DG D 6  ? 3.36224 3.73070 3.35206 -1.58983 1.28021  -0.40366 6  DG D N1    
834 C C2    . DG D 6  ? 3.31037 3.65677 3.31266 -1.53874 1.30751  -0.45991 6  DG D C2    
835 N N2    . DG D 6  ? 3.25167 3.60985 3.29759 -1.49189 1.31196  -0.45198 6  DG D N2    
836 N N3    . DG D 6  ? 3.31753 3.62805 3.28993 -1.53421 1.32812  -0.52062 6  DG D N3    
837 C C4    . DG D 6  ? 3.38163 3.68375 3.30762 -1.58598 1.31960  -0.51833 6  DG D C4    
838 P P     . DT D 7  ? 3.49013 3.46872 3.18225 -1.52798 1.43753  -0.96815 7  DT D P     
839 O OP1   . DT D 7  ? 3.42482 3.38353 3.18355 -1.46961 1.45255  -0.99446 7  DT D OP1   
840 O OP2   . DT D 7  ? 3.64267 3.58596 3.22337 -1.59412 1.43535  -1.00623 7  DT D OP2   
841 O "O5'" . DT D 7  ? 3.49869 3.45483 3.15618 -1.53794 1.43655  -1.00252 7  DT D "O5'" 
842 C "C5'" . DT D 7  ? 3.54899 3.52625 3.16077 -1.58166 1.42143  -0.96534 7  DT D "C5'" 
843 C "C4'" . DT D 7  ? 3.49958 3.50802 3.17610 -1.54646 1.41570  -0.92189 7  DT D "C4'" 
844 O "O4'" . DT D 7  ? 3.47003 3.55718 3.22799 -1.53250 1.39582  -0.81232 7  DT D "O4'" 
845 C "C3'" . DT D 7  ? 3.55864 3.53334 3.14903 -1.59101 1.41308  -0.95397 7  DT D "C3'" 
846 O "O3'" . DT D 7  ? 3.56358 3.47804 3.11028 -1.59155 1.42998  -1.04975 7  DT D "O3'" 
847 C "C2'" . DT D 7  ? 3.50527 3.53384 3.18140 -1.55453 1.39991  -0.87013 7  DT D "C2'" 
848 C "C1'" . DT D 7  ? 3.47541 3.57597 3.23202 -1.54043 1.38368  -0.77787 7  DT D "C1'" 
849 N N1    . DT D 7  ? 3.54694 3.66222 3.25353 -1.60171 1.36162  -0.72999 7  DT D N1    
850 C C2    . DT D 7  ? 3.55019 3.69237 3.27533 -1.60999 1.34221  -0.66773 7  DT D C2    
851 O O2    . DT D 7  ? 3.76966 3.92844 3.54960 -1.56864 1.34308  -0.64752 7  DT D O2    
852 N N3    . DT D 7  ? 3.62190 3.76700 3.29780 -1.66875 1.32011  -0.62887 7  DT D N3    
853 C C4    . DT D 7  ? 3.68853 3.81539 3.29968 -1.71815 1.31585  -0.64525 7  DT D C4    
854 O O4    . DT D 7  ? 3.76741 3.89539 3.33951 -1.76839 1.29339  -0.60666 7  DT D O4    
855 C C5    . DT D 7  ? 3.68021 3.78277 3.27242 -1.70607 1.33794  -0.71004 7  DT D C5    
856 C C7    . DT D 7  ? 3.74908 3.82988 3.26874 -1.75589 1.33494  -0.73102 7  DT D C7    
857 C C6    . DT D 7  ? 3.61155 3.70755 3.25110 -1.64985 1.35934  -0.74970 7  DT D C6    
# 
